data_9HYB
#
_entry.id   9HYB
#
_cell.length_a   108.378
_cell.length_b   78.54
_cell.length_c   171.575
_cell.angle_alpha   90
_cell.angle_beta   91.43
_cell.angle_gamma   90
#
_symmetry.space_group_name_H-M   'P 1 21 1'
#
loop_
_entity.id
_entity.type
_entity.pdbx_description
1 polymer Elongin-B
2 polymer Elongin-C
3 polymer 'von Hippel-Lindau disease tumor suppressor'
4 polymer 'Probable global transcription activator SNF2L2'
5 non-polymer (2~{S},4~{R})-~{N}-[(1~{R})-2-[2-[4-[4-bromanyl-7-cyclopentyl-5-oxidanylidene-10-[[(2~{S})-oxolan-2-yl]methoxy]-6~{H}-benzimidazolo[1,2-a]quinazolin-9-yl]piperidin-1-yl]ethoxy]-1-[4-(4-methyl-1,3-thiazol-5-yl)phenyl]ethyl]-1-[(2~{S})-2-[[1-(dimethylamino)cyclopropyl]carbonylamino]-3,3-dimethyl-butanoyl]-4-oxidanyl-pyrrolidine-2-carboxamide
6 water water
#
loop_
_entity_poly.entity_id
_entity_poly.type
_entity_poly.pdbx_seq_one_letter_code
_entity_poly.pdbx_strand_id
1 'polypeptide(L)'
;MDVFLMIRRHKTTIFTDAKESSTVFELKRIVEGILKRPPDEQRLYKDDQLLDDGKTLGECGFTSQTARPQAPATVGLAFR
ADDTFEALCIEPFSSPPELPDVMK
;
A,D,G,J
2 'polypeptide(L)'
;MMYVKLISSDGHEFIVKREHALTSGTIKAMLSGPGQFAENETNEVNFREIPSHVLSKVCMYFTYKVRYTNSSTEIPEFPI
APEIALELLMAANFLDC
;
B,E,H,K
3 'polypeptide(L)'
;GSMEAGRPRPVLRSVNSREPSQVIFCNRSPRVVLPVWLNFDGEPQPYPTLPPGTGRRIHSYRGHLWLFRDAGTHDGLLVN
QTELFVPSLNVDGQPIFANITLPVYTLKERCLQVVRSLVKPENYRRLDIVRSLYEDLEDHPNVQKDLERLTQERIAHQRM
GD
;
C,F,I,L
4 'polypeptide(L)'
;SMAEKLSPNPPKLTKQMNAIIDTVINYKDSSGRQLSEVFIQLPSRKELPEYYELIRKPVDFKKIKERIRNHKYRSLGDLE
KDVMLLCHNAQTFNLEGSQIYEDSIVLQSVFKSARQKIAKEEE
;
M,N,O,P
#
loop_
_chem_comp.id
_chem_comp.type
_chem_comp.name
_chem_comp.formula
A1IYB non-polymer (2~{S},4~{R})-~{N}-[(1~{R})-2-[2-[4-[4-bromanyl-7-cyclopentyl-5-oxidanylidene-10-[[(2~{S})-oxolan-2-yl]methoxy]-6~{H}-benzimidazolo[1,2-a]quinazolin-9-yl]piperidin-1-yl]ethoxy]-1-[4-(4-methyl-1,3-thiazol-5-yl)phenyl]ethyl]-1-[(2~{S})-2-[[1-(dimethylamino)cyclopropyl]carbonylamino]-3,3-dimethyl-butanoyl]-4-oxidanyl-pyrrolidine-2-carboxamide 'C60 H77 Br N9 O8 S 1'
#
# COMPACT_ATOMS: atom_id res chain seq x y z
N MET A 1 10.12 -11.13 -10.91
CA MET A 1 8.99 -11.42 -11.80
C MET A 1 9.21 -10.77 -13.16
N ASP A 2 9.17 -11.59 -14.24
CA ASP A 2 9.37 -11.11 -15.62
C ASP A 2 8.13 -10.38 -16.13
N VAL A 3 8.34 -9.39 -17.02
CA VAL A 3 7.27 -8.62 -17.66
C VAL A 3 7.52 -8.61 -19.16
N PHE A 4 6.62 -9.22 -19.93
CA PHE A 4 6.72 -9.34 -21.38
C PHE A 4 5.88 -8.24 -21.98
N LEU A 5 6.50 -7.40 -22.81
CA LEU A 5 5.84 -6.22 -23.39
C LEU A 5 6.27 -5.98 -24.82
N MET A 6 5.56 -5.07 -25.52
CA MET A 6 5.87 -4.70 -26.89
C MET A 6 5.97 -3.18 -27.01
N ILE A 7 7.20 -2.66 -27.17
CA ILE A 7 7.45 -1.21 -27.30
C ILE A 7 7.08 -0.82 -28.73
N ARG A 8 5.99 -0.02 -28.89
CA ARG A 8 5.46 0.37 -30.20
C ARG A 8 5.64 1.84 -30.58
N ARG A 9 5.89 2.08 -31.89
CA ARG A 9 6.05 3.42 -32.48
C ARG A 9 5.67 3.35 -33.96
N HIS A 10 4.67 4.14 -34.41
CA HIS A 10 4.23 4.15 -35.81
C HIS A 10 3.98 2.71 -36.31
N LYS A 11 4.87 2.15 -37.15
CA LYS A 11 4.76 0.77 -37.64
C LYS A 11 5.80 -0.17 -37.00
N THR A 12 6.81 0.35 -36.27
CA THR A 12 7.84 -0.48 -35.63
C THR A 12 7.29 -1.01 -34.29
N THR A 13 7.38 -2.33 -34.05
CA THR A 13 6.89 -2.98 -32.83
C THR A 13 7.97 -3.92 -32.28
N ILE A 14 8.64 -3.53 -31.18
CA ILE A 14 9.72 -4.34 -30.58
C ILE A 14 9.15 -5.26 -29.52
N PHE A 15 9.38 -6.59 -29.66
CA PHE A 15 8.96 -7.59 -28.67
C PHE A 15 10.18 -7.89 -27.80
N THR A 16 10.08 -7.63 -26.49
CA THR A 16 11.17 -7.90 -25.55
C THR A 16 10.65 -8.23 -24.16
N ASP A 17 11.58 -8.59 -23.24
CA ASP A 17 11.26 -8.93 -21.87
C ASP A 17 12.13 -8.13 -20.90
N ALA A 18 11.54 -7.76 -19.76
CA ALA A 18 12.23 -7.01 -18.69
C ALA A 18 11.73 -7.53 -17.34
N LYS A 19 12.33 -7.04 -16.24
CA LYS A 19 11.97 -7.43 -14.88
C LYS A 19 11.14 -6.31 -14.25
N GLU A 20 10.24 -6.65 -13.33
CA GLU A 20 9.40 -5.65 -12.63
C GLU A 20 10.26 -4.63 -11.87
N SER A 21 11.40 -5.07 -11.30
CA SER A 21 12.33 -4.22 -10.56
C SER A 21 13.16 -3.26 -11.45
N SER A 22 13.33 -3.59 -12.75
CA SER A 22 14.11 -2.74 -13.67
C SER A 22 13.42 -1.39 -13.91
N THR A 23 14.23 -0.33 -14.13
CA THR A 23 13.75 1.03 -14.35
C THR A 23 13.27 1.28 -15.77
N VAL A 24 12.60 2.42 -15.99
CA VAL A 24 12.13 2.85 -17.31
C VAL A 24 13.38 3.25 -18.13
N PHE A 25 14.42 3.79 -17.45
CA PHE A 25 15.70 4.14 -18.09
C PHE A 25 16.36 2.90 -18.69
N GLU A 26 16.31 1.76 -17.96
CA GLU A 26 16.87 0.50 -18.46
C GLU A 26 16.11 0.00 -19.69
N LEU A 27 14.80 0.30 -19.80
CA LEU A 27 14.00 -0.06 -20.98
C LEU A 27 14.41 0.83 -22.17
N LYS A 28 14.77 2.11 -21.92
CA LYS A 28 15.26 3.00 -22.98
C LYS A 28 16.64 2.53 -23.46
N ARG A 29 17.48 2.02 -22.55
CA ARG A 29 18.80 1.48 -22.91
C ARG A 29 18.65 0.20 -23.76
N ILE A 30 17.57 -0.59 -23.58
CA ILE A 30 17.30 -1.76 -24.42
C ILE A 30 16.89 -1.26 -25.81
N VAL A 31 16.03 -0.23 -25.91
CA VAL A 31 15.64 0.36 -27.20
C VAL A 31 16.86 1.02 -27.87
N GLU A 32 17.78 1.59 -27.07
CA GLU A 32 19.03 2.20 -27.57
C GLU A 32 19.85 1.14 -28.33
N GLY A 33 19.90 -0.08 -27.79
CA GLY A 33 20.64 -1.18 -28.38
C GLY A 33 20.04 -1.77 -29.65
N ILE A 34 18.70 -1.63 -29.83
CA ILE A 34 17.98 -2.18 -30.99
C ILE A 34 17.90 -1.14 -32.12
N LEU A 35 17.23 0.01 -31.89
CA LEU A 35 17.02 1.05 -32.90
C LEU A 35 18.15 2.08 -33.03
N LYS A 36 19.18 2.07 -32.14
CA LYS A 36 20.34 2.99 -32.21
C LYS A 36 19.99 4.48 -32.03
N ARG A 37 19.32 4.84 -30.94
CA ARG A 37 18.95 6.23 -30.59
C ARG A 37 19.19 6.43 -29.08
N PRO A 38 19.93 7.48 -28.61
CA PRO A 38 20.19 7.59 -27.16
C PRO A 38 18.94 7.70 -26.27
N PRO A 39 19.05 7.41 -24.94
CA PRO A 39 17.87 7.52 -24.07
C PRO A 39 17.26 8.92 -23.96
N ASP A 40 18.10 9.97 -24.03
CA ASP A 40 17.63 11.36 -24.00
C ASP A 40 16.78 11.74 -25.22
N GLU A 41 16.83 10.93 -26.32
CA GLU A 41 16.03 11.12 -27.52
C GLU A 41 14.80 10.18 -27.56
N GLN A 42 14.31 9.66 -26.39
CA GLN A 42 13.12 8.78 -26.33
C GLN A 42 12.15 9.21 -25.21
N ARG A 43 10.86 8.87 -25.39
CA ARG A 43 9.80 9.14 -24.42
C ARG A 43 8.88 7.91 -24.37
N LEU A 44 8.92 7.13 -23.27
CA LEU A 44 8.07 5.94 -23.11
C LEU A 44 6.73 6.29 -22.45
N TYR A 45 5.64 5.60 -22.82
CA TYR A 45 4.31 5.84 -22.28
C TYR A 45 3.57 4.56 -21.95
N LYS A 46 2.66 4.64 -20.96
CA LYS A 46 1.74 3.56 -20.59
C LYS A 46 0.38 4.17 -20.88
N ASP A 47 -0.28 3.71 -21.98
CA ASP A 47 -1.55 4.26 -22.47
C ASP A 47 -1.34 5.71 -22.98
N ASP A 48 -1.43 6.73 -22.10
CA ASP A 48 -1.20 8.15 -22.47
C ASP A 48 -0.60 8.94 -21.27
N GLN A 49 0.28 8.28 -20.47
CA GLN A 49 0.95 8.86 -19.31
C GLN A 49 2.45 8.78 -19.56
N LEU A 50 3.17 9.91 -19.49
CA LEU A 50 4.62 9.93 -19.73
C LEU A 50 5.33 9.32 -18.53
N LEU A 51 6.06 8.22 -18.76
CA LEU A 51 6.76 7.49 -17.71
C LEU A 51 8.09 8.15 -17.37
N ASP A 52 8.38 8.35 -16.07
CA ASP A 52 9.63 8.95 -15.62
C ASP A 52 10.75 7.91 -15.69
N ASP A 53 11.98 8.36 -15.95
CA ASP A 53 13.16 7.50 -16.08
C ASP A 53 13.50 6.73 -14.80
N GLY A 54 13.33 7.39 -13.64
CA GLY A 54 13.64 6.80 -12.34
C GLY A 54 12.68 5.73 -11.84
N LYS A 55 11.40 5.83 -12.21
CA LYS A 55 10.35 4.87 -11.78
C LYS A 55 10.58 3.47 -12.34
N THR A 56 10.26 2.43 -11.56
CA THR A 56 10.37 1.04 -12.01
C THR A 56 9.16 0.67 -12.85
N LEU A 57 9.24 -0.43 -13.62
CA LEU A 57 8.11 -0.87 -14.45
C LEU A 57 6.91 -1.26 -13.59
N GLY A 58 7.18 -1.86 -12.43
CA GLY A 58 6.14 -2.23 -11.46
C GLY A 58 5.39 -1.02 -10.90
N GLU A 59 6.11 0.11 -10.71
CA GLU A 59 5.52 1.37 -10.23
C GLU A 59 4.60 1.99 -11.29
N CYS A 60 4.95 1.83 -12.59
CA CYS A 60 4.16 2.36 -13.70
C CYS A 60 2.84 1.60 -13.95
N GLY A 61 2.70 0.40 -13.38
CA GLY A 61 1.51 -0.43 -13.52
C GLY A 61 1.73 -1.68 -14.35
N PHE A 62 2.97 -1.97 -14.77
CA PHE A 62 3.28 -3.17 -15.55
C PHE A 62 3.54 -4.34 -14.60
N THR A 63 2.47 -4.97 -14.12
CA THR A 63 2.58 -6.14 -13.25
C THR A 63 2.77 -7.37 -14.14
N SER A 64 3.40 -8.43 -13.61
CA SER A 64 3.61 -9.66 -14.38
C SER A 64 2.31 -10.45 -14.60
N GLN A 65 1.22 -10.11 -13.88
CA GLN A 65 -0.08 -10.80 -14.03
C GLN A 65 -0.77 -10.32 -15.31
N THR A 66 -0.56 -9.03 -15.69
CA THR A 66 -1.12 -8.44 -16.90
C THR A 66 -0.16 -8.59 -18.07
N ALA A 67 1.11 -8.19 -17.86
CA ALA A 67 2.16 -8.28 -18.87
C ALA A 67 2.73 -9.71 -18.91
N ARG A 68 2.09 -10.61 -19.66
CA ARG A 68 2.48 -12.02 -19.80
C ARG A 68 2.93 -12.34 -21.25
N PRO A 69 3.65 -13.46 -21.50
CA PRO A 69 4.18 -13.72 -22.86
C PRO A 69 3.12 -13.80 -23.96
N GLN A 70 2.02 -14.51 -23.67
CA GLN A 70 0.92 -14.69 -24.61
C GLN A 70 0.11 -13.41 -24.89
N ALA A 71 0.09 -12.46 -23.94
CA ALA A 71 -0.62 -11.18 -24.08
C ALA A 71 0.26 -10.04 -23.55
N PRO A 72 1.32 -9.64 -24.28
CA PRO A 72 2.21 -8.59 -23.79
C PRO A 72 1.56 -7.21 -23.67
N ALA A 73 1.99 -6.42 -22.67
CA ALA A 73 1.45 -5.08 -22.43
C ALA A 73 2.06 -4.10 -23.43
N THR A 74 1.21 -3.25 -24.05
CA THR A 74 1.65 -2.29 -25.06
C THR A 74 2.25 -1.07 -24.37
N VAL A 75 3.45 -0.62 -24.84
CA VAL A 75 4.16 0.55 -24.30
C VAL A 75 4.39 1.53 -25.45
N GLY A 76 4.01 2.79 -25.25
CA GLY A 76 4.16 3.82 -26.27
C GLY A 76 5.59 4.31 -26.35
N LEU A 77 6.04 4.72 -27.55
CA LEU A 77 7.40 5.22 -27.78
C LEU A 77 7.36 6.39 -28.77
N ALA A 78 7.99 7.53 -28.40
CA ALA A 78 8.07 8.73 -29.24
C ALA A 78 9.51 9.24 -29.25
N PHE A 79 10.05 9.55 -30.45
CA PHE A 79 11.43 10.04 -30.60
C PHE A 79 11.53 11.55 -30.76
N ARG A 80 12.76 12.08 -30.59
CA ARG A 80 13.08 13.51 -30.71
C ARG A 80 13.80 13.81 -32.02
N ALA A 81 13.26 14.75 -32.81
CA ALA A 81 13.86 15.19 -34.06
C ALA A 81 14.58 16.52 -33.83
N ASP A 82 15.80 16.44 -33.29
CA ASP A 82 16.69 17.57 -32.97
C ASP A 82 16.15 18.49 -31.86
N ASP A 83 15.18 19.39 -32.16
CA ASP A 83 14.69 20.37 -31.19
C ASP A 83 13.65 19.82 -30.19
N THR A 84 12.41 19.53 -30.64
CA THR A 84 11.32 19.07 -29.77
C THR A 84 10.96 17.60 -29.98
N PHE A 85 10.26 17.03 -28.99
CA PHE A 85 9.80 15.64 -29.03
C PHE A 85 8.56 15.51 -29.93
N GLU A 86 8.48 14.41 -30.70
CA GLU A 86 7.35 14.17 -31.61
C GLU A 86 6.12 13.69 -30.81
N ALA A 87 4.93 13.89 -31.39
CA ALA A 87 3.67 13.47 -30.76
C ALA A 87 3.52 11.95 -30.81
N LEU A 88 3.06 11.33 -29.69
CA LEU A 88 2.88 9.88 -29.63
C LEU A 88 1.84 9.41 -30.64
N CYS A 89 2.26 8.57 -31.59
CA CYS A 89 1.41 8.03 -32.65
C CYS A 89 1.74 6.56 -32.88
N ILE A 90 0.72 5.69 -32.78
CA ILE A 90 0.85 4.24 -33.01
C ILE A 90 -0.19 3.86 -34.06
N GLU A 91 0.26 3.30 -35.19
CA GLU A 91 -0.66 2.87 -36.26
C GLU A 91 -1.29 1.54 -35.83
N PRO A 92 -2.63 1.43 -35.75
CA PRO A 92 -3.23 0.14 -35.32
C PRO A 92 -3.03 -0.99 -36.33
N PHE A 93 -3.20 -2.24 -35.87
CA PHE A 93 -3.05 -3.42 -36.73
C PHE A 93 -4.27 -3.54 -37.66
N SER A 94 -4.15 -4.40 -38.68
CA SER A 94 -5.24 -4.60 -39.66
C SER A 94 -6.40 -5.35 -39.02
N SER A 95 -7.63 -4.91 -39.28
CA SER A 95 -8.83 -5.55 -38.72
C SER A 95 -9.05 -6.92 -39.38
N PRO A 96 -9.40 -7.97 -38.61
CA PRO A 96 -9.60 -9.29 -39.23
C PRO A 96 -10.87 -9.36 -40.09
N PRO A 97 -11.00 -10.37 -40.97
CA PRO A 97 -12.21 -10.49 -41.78
C PRO A 97 -13.42 -10.91 -40.93
N GLU A 98 -14.64 -10.56 -41.37
CA GLU A 98 -15.86 -10.89 -40.64
C GLU A 98 -15.96 -12.41 -40.44
N LEU A 99 -16.28 -12.85 -39.21
CA LEU A 99 -16.39 -14.28 -38.86
C LEU A 99 -17.30 -15.03 -39.86
N PRO A 100 -16.86 -16.15 -40.49
CA PRO A 100 -17.76 -16.84 -41.43
C PRO A 100 -18.99 -17.45 -40.76
N ASP A 101 -20.12 -17.53 -41.51
CA ASP A 101 -21.39 -18.10 -41.02
C ASP A 101 -21.25 -19.56 -40.52
N VAL A 102 -20.37 -20.34 -41.17
CA VAL A 102 -20.08 -21.73 -40.80
C VAL A 102 -19.44 -21.80 -39.39
N MET A 103 -18.57 -20.83 -39.05
CA MET A 103 -17.88 -20.80 -37.76
C MET A 103 -18.77 -20.33 -36.58
N LYS A 104 -19.91 -19.63 -36.85
CA LYS A 104 -20.79 -19.15 -35.78
C LYS A 104 -21.52 -20.31 -35.10
N MET B 1 21.92 -10.07 -26.89
CA MET B 1 20.77 -10.68 -27.54
C MET B 1 20.67 -10.16 -28.97
N MET B 2 20.72 -11.05 -29.99
CA MET B 2 20.62 -10.66 -31.39
C MET B 2 19.15 -10.56 -31.81
N TYR B 3 18.81 -9.60 -32.68
CA TYR B 3 17.43 -9.36 -33.12
C TYR B 3 17.25 -9.51 -34.63
N VAL B 4 15.99 -9.75 -35.06
CA VAL B 4 15.60 -9.90 -36.47
C VAL B 4 14.31 -9.13 -36.74
N LYS B 5 14.22 -8.51 -37.93
CA LYS B 5 13.10 -7.69 -38.37
C LYS B 5 12.13 -8.52 -39.21
N LEU B 6 10.86 -8.66 -38.78
CA LEU B 6 9.85 -9.42 -39.53
C LEU B 6 8.81 -8.45 -40.07
N ILE B 7 8.78 -8.26 -41.40
CA ILE B 7 7.87 -7.32 -42.07
C ILE B 7 6.60 -8.05 -42.52
N SER B 8 5.42 -7.47 -42.24
CA SER B 8 4.13 -8.04 -42.64
C SER B 8 3.72 -7.54 -44.04
N SER B 9 2.58 -8.02 -44.57
CA SER B 9 2.06 -7.62 -45.88
C SER B 9 1.71 -6.12 -45.96
N ASP B 10 1.14 -5.56 -44.88
CA ASP B 10 0.74 -4.14 -44.84
C ASP B 10 1.86 -3.17 -44.37
N GLY B 11 3.11 -3.65 -44.25
CA GLY B 11 4.26 -2.83 -43.89
C GLY B 11 4.58 -2.69 -42.42
N HIS B 12 3.95 -3.50 -41.54
CA HIS B 12 4.22 -3.42 -40.10
C HIS B 12 5.50 -4.18 -39.78
N GLU B 13 6.49 -3.49 -39.18
CA GLU B 13 7.79 -4.06 -38.85
C GLU B 13 7.78 -4.57 -37.41
N PHE B 14 8.06 -5.87 -37.21
CA PHE B 14 8.08 -6.50 -35.88
C PHE B 14 9.50 -6.95 -35.55
N ILE B 15 10.10 -6.34 -34.51
CA ILE B 15 11.46 -6.66 -34.08
C ILE B 15 11.38 -7.71 -32.97
N VAL B 16 11.90 -8.92 -33.24
CA VAL B 16 11.91 -10.05 -32.29
C VAL B 16 13.34 -10.55 -32.13
N LYS B 17 13.60 -11.38 -31.12
CA LYS B 17 14.94 -11.95 -30.89
C LYS B 17 15.19 -13.02 -31.95
N ARG B 18 16.46 -13.27 -32.31
CA ARG B 18 16.80 -14.29 -33.32
C ARG B 18 16.36 -15.67 -32.81
N GLU B 19 16.71 -16.01 -31.55
CA GLU B 19 16.34 -17.26 -30.87
C GLU B 19 14.82 -17.51 -30.88
N HIS B 20 14.02 -16.44 -30.69
CA HIS B 20 12.56 -16.51 -30.67
C HIS B 20 12.04 -16.82 -32.08
N ALA B 21 12.59 -16.16 -33.11
CA ALA B 21 12.18 -16.40 -34.51
C ALA B 21 12.62 -17.78 -35.03
N LEU B 22 13.67 -18.41 -34.44
CA LEU B 22 14.12 -19.75 -34.86
C LEU B 22 13.11 -20.86 -34.51
N THR B 23 12.13 -20.60 -33.62
CA THR B 23 11.06 -21.53 -33.27
C THR B 23 10.38 -22.07 -34.55
N SER B 24 10.21 -21.18 -35.54
CA SER B 24 9.62 -21.50 -36.84
C SER B 24 10.67 -22.16 -37.74
N GLY B 25 10.36 -23.34 -38.29
CA GLY B 25 11.25 -24.05 -39.19
C GLY B 25 11.45 -23.35 -40.53
N THR B 26 10.41 -22.64 -41.01
CA THR B 26 10.47 -21.89 -42.27
C THR B 26 11.43 -20.72 -42.15
N ILE B 27 11.35 -19.95 -41.04
CA ILE B 27 12.24 -18.81 -40.82
C ILE B 27 13.67 -19.31 -40.61
N LYS B 28 13.85 -20.47 -39.93
CA LYS B 28 15.18 -21.06 -39.70
C LYS B 28 15.90 -21.34 -41.05
N ALA B 29 15.14 -21.76 -42.08
CA ALA B 29 15.67 -22.02 -43.41
C ALA B 29 15.99 -20.71 -44.15
N MET B 30 15.14 -19.68 -44.01
CA MET B 30 15.35 -18.37 -44.65
C MET B 30 16.61 -17.67 -44.14
N LEU B 31 16.82 -17.67 -42.81
CA LEU B 31 17.99 -17.03 -42.21
C LEU B 31 19.27 -17.82 -42.48
N SER B 32 19.20 -19.17 -42.43
CA SER B 32 20.34 -20.06 -42.68
C SER B 32 20.12 -20.85 -43.97
N ASN B 43 18.60 -11.38 -41.55
CA ASN B 43 18.35 -10.24 -40.67
C ASN B 43 16.94 -9.67 -40.89
N GLU B 44 16.57 -9.41 -42.17
CA GLU B 44 15.25 -8.88 -42.55
C GLU B 44 14.47 -9.93 -43.36
N VAL B 45 13.21 -10.21 -42.96
CA VAL B 45 12.34 -11.20 -43.62
C VAL B 45 10.98 -10.55 -43.90
N ASN B 46 10.48 -10.67 -45.14
CA ASN B 46 9.21 -10.08 -45.56
C ASN B 46 8.17 -11.14 -45.87
N PHE B 47 6.92 -10.94 -45.39
CA PHE B 47 5.79 -11.85 -45.61
C PHE B 47 4.71 -11.11 -46.41
N ARG B 48 4.39 -11.55 -47.63
CA ARG B 48 3.39 -10.86 -48.48
C ARG B 48 1.96 -11.34 -48.21
N GLU B 49 1.78 -12.58 -47.71
CA GLU B 49 0.45 -13.16 -47.45
C GLU B 49 -0.01 -13.03 -45.99
N ILE B 50 0.88 -12.68 -45.04
CA ILE B 50 0.52 -12.61 -43.62
C ILE B 50 0.23 -11.16 -43.15
N PRO B 51 -1.01 -10.84 -42.69
CA PRO B 51 -1.26 -9.47 -42.17
C PRO B 51 -0.60 -9.19 -40.81
N SER B 52 -0.66 -7.93 -40.36
CA SER B 52 -0.05 -7.49 -39.10
C SER B 52 -0.67 -8.10 -37.86
N HIS B 53 -2.01 -8.15 -37.78
CA HIS B 53 -2.71 -8.74 -36.63
C HIS B 53 -2.40 -10.24 -36.46
N VAL B 54 -2.08 -10.95 -37.57
CA VAL B 54 -1.70 -12.36 -37.53
C VAL B 54 -0.23 -12.47 -37.12
N LEU B 55 0.67 -11.71 -37.79
CA LEU B 55 2.11 -11.76 -37.51
C LEU B 55 2.44 -11.34 -36.08
N SER B 56 1.69 -10.39 -35.49
CA SER B 56 1.90 -9.99 -34.10
C SER B 56 1.55 -11.18 -33.20
N LYS B 57 0.44 -11.91 -33.52
CA LYS B 57 0.03 -13.11 -32.79
C LYS B 57 1.06 -14.24 -32.93
N VAL B 58 1.72 -14.34 -34.10
CA VAL B 58 2.79 -15.32 -34.32
C VAL B 58 3.99 -14.95 -33.44
N CYS B 59 4.31 -13.63 -33.36
CA CYS B 59 5.40 -13.15 -32.51
C CYS B 59 5.07 -13.34 -31.02
N MET B 60 3.77 -13.25 -30.64
CA MET B 60 3.33 -13.51 -29.26
C MET B 60 3.53 -15.00 -28.95
N TYR B 61 3.31 -15.90 -29.94
CA TYR B 61 3.55 -17.33 -29.77
C TYR B 61 5.04 -17.64 -29.59
N PHE B 62 5.92 -16.91 -30.32
CA PHE B 62 7.38 -17.12 -30.20
C PHE B 62 7.88 -16.78 -28.79
N THR B 63 7.38 -15.67 -28.20
CA THR B 63 7.72 -15.29 -26.82
C THR B 63 7.12 -16.30 -25.82
N TYR B 64 5.92 -16.83 -26.14
CA TYR B 64 5.21 -17.82 -25.32
C TYR B 64 5.95 -19.16 -25.32
N LYS B 65 6.32 -19.68 -26.50
CA LYS B 65 7.00 -20.98 -26.58
C LYS B 65 8.33 -20.97 -25.85
N VAL B 66 9.29 -20.12 -26.27
CA VAL B 66 10.64 -20.02 -25.67
C VAL B 66 10.60 -19.89 -24.14
N ARG B 67 9.63 -19.14 -23.60
CA ARG B 67 9.49 -18.94 -22.16
C ARG B 67 9.04 -20.22 -21.45
N TYR B 68 7.92 -20.80 -21.90
CA TYR B 68 7.33 -21.97 -21.26
C TYR B 68 7.90 -23.34 -21.72
N THR B 69 8.88 -23.41 -22.66
CA THR B 69 9.49 -24.71 -23.00
C THR B 69 10.43 -25.07 -21.84
N ASN B 70 10.43 -26.36 -21.43
CA ASN B 70 11.25 -26.86 -20.31
C ASN B 70 10.87 -26.18 -18.95
N SER B 71 9.64 -25.62 -18.84
CA SER B 71 9.15 -24.97 -17.63
C SER B 71 8.25 -25.96 -16.90
N SER B 72 8.79 -26.60 -15.85
CA SER B 72 8.05 -27.60 -15.07
C SER B 72 7.05 -27.00 -14.06
N THR B 73 7.05 -25.66 -13.86
CA THR B 73 6.16 -24.97 -12.93
C THR B 73 4.67 -25.25 -13.24
N GLU B 74 4.18 -24.75 -14.37
CA GLU B 74 2.79 -24.83 -14.85
C GLU B 74 2.72 -23.99 -16.13
N ILE B 75 2.02 -24.49 -17.17
CA ILE B 75 1.93 -23.80 -18.46
C ILE B 75 0.53 -23.21 -18.68
N PRO B 76 0.40 -21.88 -18.88
CA PRO B 76 -0.92 -21.31 -19.18
C PRO B 76 -1.29 -21.60 -20.63
N GLU B 77 -2.59 -21.62 -20.95
CA GLU B 77 -3.02 -21.91 -22.31
C GLU B 77 -2.86 -20.68 -23.21
N PHE B 78 -2.50 -20.89 -24.48
CA PHE B 78 -2.33 -19.81 -25.45
C PHE B 78 -3.73 -19.42 -25.97
N PRO B 79 -4.24 -18.21 -25.66
CA PRO B 79 -5.58 -17.83 -26.13
C PRO B 79 -5.60 -17.45 -27.61
N ILE B 80 -6.58 -17.97 -28.36
CA ILE B 80 -6.77 -17.63 -29.77
C ILE B 80 -8.23 -17.23 -29.92
N ALA B 81 -8.49 -15.97 -30.30
CA ALA B 81 -9.86 -15.49 -30.46
C ALA B 81 -10.50 -16.11 -31.72
N PRO B 82 -11.83 -16.32 -31.76
CA PRO B 82 -12.44 -16.91 -32.97
C PRO B 82 -12.26 -16.11 -34.27
N GLU B 83 -12.05 -14.79 -34.18
CA GLU B 83 -11.90 -13.93 -35.36
C GLU B 83 -10.57 -14.12 -36.12
N ILE B 84 -9.49 -14.60 -35.45
CA ILE B 84 -8.19 -14.78 -36.13
C ILE B 84 -7.72 -16.26 -36.16
N ALA B 85 -8.53 -17.23 -35.66
CA ALA B 85 -8.17 -18.66 -35.67
C ALA B 85 -7.88 -19.22 -37.07
N LEU B 86 -8.61 -18.75 -38.11
CA LEU B 86 -8.43 -19.25 -39.48
C LEU B 86 -7.19 -18.69 -40.15
N GLU B 87 -6.96 -17.38 -40.03
CA GLU B 87 -5.80 -16.72 -40.65
C GLU B 87 -4.49 -17.13 -39.97
N LEU B 88 -4.52 -17.30 -38.63
CA LEU B 88 -3.36 -17.70 -37.83
C LEU B 88 -3.01 -19.19 -38.08
N LEU B 89 -4.00 -20.03 -38.47
CA LEU B 89 -3.76 -21.44 -38.79
C LEU B 89 -2.97 -21.55 -40.09
N MET B 90 -3.40 -20.79 -41.14
CA MET B 90 -2.71 -20.77 -42.43
C MET B 90 -1.28 -20.24 -42.30
N ALA B 91 -1.05 -19.29 -41.38
CA ALA B 91 0.29 -18.74 -41.12
C ALA B 91 1.15 -19.80 -40.43
N ALA B 92 0.59 -20.48 -39.40
CA ALA B 92 1.28 -21.53 -38.65
C ALA B 92 1.71 -22.72 -39.52
N ASN B 93 0.86 -23.12 -40.48
CA ASN B 93 1.16 -24.23 -41.40
C ASN B 93 2.27 -23.84 -42.37
N PHE B 94 2.21 -22.61 -42.90
CA PHE B 94 3.24 -22.08 -43.81
C PHE B 94 4.55 -21.89 -43.05
N LEU B 95 4.48 -21.33 -41.83
CA LEU B 95 5.67 -21.12 -41.00
C LEU B 95 6.26 -22.40 -40.39
N ASP B 96 5.44 -23.46 -40.20
CA ASP B 96 5.87 -24.73 -39.61
C ASP B 96 6.32 -24.49 -38.15
N CYS B 97 5.37 -24.09 -37.31
CA CYS B 97 5.61 -23.78 -35.89
C CYS B 97 4.43 -24.25 -35.02
N PRO C 10 1.71 -56.63 -25.72
CA PRO C 10 2.06 -55.21 -25.93
C PRO C 10 3.12 -54.72 -24.95
N VAL C 11 3.95 -53.76 -25.39
CA VAL C 11 5.02 -53.20 -24.55
C VAL C 11 4.43 -52.25 -23.50
N LEU C 12 3.44 -51.41 -23.89
CA LEU C 12 2.79 -50.45 -22.99
C LEU C 12 1.55 -51.06 -22.33
N ARG C 13 1.71 -51.53 -21.09
CA ARG C 13 0.62 -52.14 -20.31
C ARG C 13 0.96 -52.13 -18.82
N SER C 14 -0.04 -52.33 -17.96
CA SER C 14 0.20 -52.38 -16.51
C SER C 14 0.80 -53.73 -16.12
N VAL C 15 1.64 -53.74 -15.08
CA VAL C 15 2.29 -54.94 -14.55
C VAL C 15 1.48 -55.36 -13.34
N ASN C 16 0.98 -56.61 -13.31
CA ASN C 16 0.19 -57.11 -12.19
C ASN C 16 1.11 -57.39 -10.99
N SER C 17 1.49 -56.32 -10.29
CA SER C 17 2.39 -56.38 -9.13
C SER C 17 1.63 -56.78 -7.87
N ARG C 18 0.40 -56.28 -7.68
CA ARG C 18 -0.45 -56.53 -6.51
C ARG C 18 0.07 -55.88 -5.21
N GLU C 19 0.95 -54.86 -5.31
CA GLU C 19 1.49 -54.13 -4.15
C GLU C 19 0.95 -52.69 -4.16
N PRO C 20 0.12 -52.28 -3.17
CA PRO C 20 -0.49 -50.94 -3.18
C PRO C 20 0.46 -49.75 -3.36
N SER C 21 -0.02 -48.69 -4.03
CA SER C 21 0.76 -47.48 -4.30
C SER C 21 -0.16 -46.24 -4.31
N GLN C 22 -0.10 -45.41 -3.26
CA GLN C 22 -0.93 -44.20 -3.18
C GLN C 22 -0.38 -43.10 -4.09
N VAL C 23 -1.27 -42.50 -4.92
CA VAL C 23 -0.90 -41.46 -5.89
C VAL C 23 -1.78 -40.23 -5.71
N ILE C 24 -1.24 -39.04 -6.06
CA ILE C 24 -1.96 -37.76 -6.01
C ILE C 24 -2.08 -37.22 -7.44
N PHE C 25 -3.28 -37.31 -8.03
CA PHE C 25 -3.53 -36.75 -9.37
C PHE C 25 -3.90 -35.30 -9.17
N CYS C 26 -3.05 -34.39 -9.68
CA CYS C 26 -3.22 -32.94 -9.57
C CYS C 26 -3.38 -32.37 -10.98
N ASN C 27 -4.47 -31.61 -11.22
CA ASN C 27 -4.78 -31.03 -12.51
C ASN C 27 -4.42 -29.54 -12.55
N ARG C 28 -3.22 -29.21 -13.11
CA ARG C 28 -2.75 -27.83 -13.26
C ARG C 28 -2.87 -27.42 -14.73
N SER C 29 -4.12 -27.44 -15.25
CA SER C 29 -4.40 -27.04 -16.63
C SER C 29 -5.83 -26.50 -16.73
N PRO C 30 -6.16 -25.62 -17.71
CA PRO C 30 -7.54 -25.14 -17.82
C PRO C 30 -8.53 -26.11 -18.48
N ARG C 31 -8.15 -27.40 -18.66
CA ARG C 31 -8.96 -28.43 -19.32
C ARG C 31 -9.56 -29.39 -18.29
N VAL C 32 -10.62 -30.11 -18.67
CA VAL C 32 -11.24 -31.13 -17.81
C VAL C 32 -10.43 -32.40 -18.09
N VAL C 33 -9.42 -32.69 -17.26
CA VAL C 33 -8.53 -33.85 -17.43
C VAL C 33 -9.30 -35.16 -17.21
N LEU C 34 -8.99 -36.16 -18.04
CA LEU C 34 -9.60 -37.50 -17.99
C LEU C 34 -8.48 -38.52 -17.76
N PRO C 35 -8.34 -39.07 -16.54
CA PRO C 35 -7.31 -40.09 -16.31
C PRO C 35 -7.63 -41.37 -17.09
N VAL C 36 -6.66 -41.92 -17.83
CA VAL C 36 -6.85 -43.13 -18.63
C VAL C 36 -5.84 -44.16 -18.17
N TRP C 37 -6.31 -45.34 -17.73
CA TRP C 37 -5.46 -46.42 -17.25
C TRP C 37 -5.26 -47.47 -18.34
N LEU C 38 -4.02 -47.89 -18.56
CA LEU C 38 -3.69 -48.95 -19.53
C LEU C 38 -3.75 -50.25 -18.78
N ASN C 39 -4.74 -51.10 -19.08
CA ASN C 39 -4.94 -52.36 -18.36
C ASN C 39 -3.87 -53.44 -18.65
N PHE C 40 -4.02 -54.63 -18.06
CA PHE C 40 -3.05 -55.73 -18.20
C PHE C 40 -2.94 -56.30 -19.63
N ASP C 41 -3.93 -56.04 -20.51
CA ASP C 41 -3.92 -56.45 -21.92
C ASP C 41 -3.50 -55.30 -22.86
N GLY C 42 -3.07 -54.17 -22.30
CA GLY C 42 -2.63 -53.00 -23.07
C GLY C 42 -3.72 -52.04 -23.53
N GLU C 43 -5.01 -52.37 -23.35
CA GLU C 43 -6.10 -51.49 -23.80
C GLU C 43 -6.33 -50.33 -22.80
N PRO C 44 -6.69 -49.11 -23.28
CA PRO C 44 -6.95 -48.02 -22.33
C PRO C 44 -8.33 -48.13 -21.68
N GLN C 45 -8.49 -47.52 -20.49
CA GLN C 45 -9.75 -47.51 -19.73
C GLN C 45 -10.00 -46.13 -19.11
N PRO C 46 -11.19 -45.53 -19.28
CA PRO C 46 -11.43 -44.21 -18.66
C PRO C 46 -11.71 -44.29 -17.15
N TYR C 47 -11.47 -43.17 -16.45
CA TYR C 47 -11.70 -43.05 -15.01
C TYR C 47 -12.38 -41.69 -14.72
N PRO C 48 -12.92 -41.45 -13.50
CA PRO C 48 -13.61 -40.17 -13.24
C PRO C 48 -12.78 -38.93 -13.58
N THR C 49 -13.40 -37.94 -14.26
CA THR C 49 -12.72 -36.72 -14.68
C THR C 49 -12.34 -35.81 -13.52
N LEU C 50 -11.35 -34.93 -13.76
CA LEU C 50 -10.82 -33.98 -12.79
C LEU C 50 -11.10 -32.54 -13.24
N PRO C 51 -11.99 -31.77 -12.55
CA PRO C 51 -12.21 -30.38 -12.98
C PRO C 51 -10.95 -29.50 -12.93
N PRO C 52 -10.87 -28.38 -13.69
CA PRO C 52 -9.65 -27.55 -13.65
C PRO C 52 -9.26 -27.02 -12.26
N GLY C 53 -8.00 -27.22 -11.89
CA GLY C 53 -7.46 -26.76 -10.62
C GLY C 53 -7.92 -27.54 -9.40
N THR C 54 -8.02 -28.89 -9.52
CA THR C 54 -8.43 -29.76 -8.41
C THR C 54 -7.45 -30.93 -8.27
N GLY C 55 -7.33 -31.44 -7.04
CA GLY C 55 -6.44 -32.54 -6.70
C GLY C 55 -7.09 -33.58 -5.80
N ARG C 56 -6.88 -34.88 -6.07
CA ARG C 56 -7.42 -35.96 -5.23
C ARG C 56 -6.39 -37.08 -5.04
N ARG C 57 -6.38 -37.66 -3.82
CA ARG C 57 -5.47 -38.74 -3.45
C ARG C 57 -6.13 -40.08 -3.81
N ILE C 58 -5.64 -40.72 -4.90
CA ILE C 58 -6.18 -41.99 -5.40
C ILE C 58 -5.31 -43.19 -5.03
N HIS C 59 -5.93 -44.38 -4.92
CA HIS C 59 -5.24 -45.62 -4.57
C HIS C 59 -4.93 -46.39 -5.86
N SER C 60 -3.64 -46.56 -6.20
CA SER C 60 -3.20 -47.31 -7.38
C SER C 60 -2.25 -48.44 -6.96
N TYR C 61 -1.56 -49.09 -7.92
CA TYR C 61 -0.63 -50.18 -7.65
C TYR C 61 0.71 -49.95 -8.35
N ARG C 62 1.77 -50.65 -7.92
CA ARG C 62 3.11 -50.47 -8.47
C ARG C 62 3.24 -51.00 -9.90
N GLY C 63 3.94 -50.26 -10.75
CA GLY C 63 4.17 -50.64 -12.14
C GLY C 63 2.95 -50.53 -13.05
N HIS C 64 1.94 -49.75 -12.64
CA HIS C 64 0.70 -49.56 -13.42
C HIS C 64 0.86 -48.34 -14.33
N LEU C 65 0.65 -48.50 -15.65
CA LEU C 65 0.85 -47.41 -16.61
C LEU C 65 -0.39 -46.51 -16.71
N TRP C 66 -0.17 -45.17 -16.66
CA TRP C 66 -1.23 -44.17 -16.78
C TRP C 66 -0.87 -43.12 -17.84
N LEU C 67 -1.90 -42.53 -18.46
CA LEU C 67 -1.76 -41.43 -19.41
C LEU C 67 -3.01 -40.55 -19.29
N PHE C 68 -2.84 -39.23 -19.45
CA PHE C 68 -3.92 -38.26 -19.23
C PHE C 68 -4.22 -37.47 -20.49
N ARG C 69 -5.52 -37.33 -20.82
CA ARG C 69 -6.00 -36.60 -21.99
C ARG C 69 -7.17 -35.69 -21.57
N ASP C 70 -7.66 -34.86 -22.51
CA ASP C 70 -8.81 -33.97 -22.26
C ASP C 70 -10.08 -34.83 -22.30
N ALA C 71 -11.09 -34.49 -21.48
CA ALA C 71 -12.34 -35.24 -21.43
C ALA C 71 -13.17 -35.14 -22.71
N GLY C 72 -13.25 -33.95 -23.30
CA GLY C 72 -14.02 -33.71 -24.52
C GLY C 72 -13.26 -33.86 -25.82
N THR C 73 -12.15 -33.12 -25.97
CA THR C 73 -11.35 -33.11 -27.20
C THR C 73 -10.30 -34.23 -27.32
N HIS C 74 -9.99 -34.95 -26.22
CA HIS C 74 -8.98 -36.03 -26.17
C HIS C 74 -7.54 -35.57 -26.52
N ASP C 75 -7.24 -34.25 -26.42
CA ASP C 75 -5.89 -33.73 -26.69
C ASP C 75 -4.91 -34.25 -25.63
N GLY C 76 -3.66 -34.48 -26.03
CA GLY C 76 -2.64 -34.99 -25.12
C GLY C 76 -2.22 -34.00 -24.06
N LEU C 77 -2.00 -34.50 -22.83
CA LEU C 77 -1.57 -33.69 -21.69
C LEU C 77 -0.36 -34.35 -21.01
N LEU C 78 0.68 -33.57 -20.69
CA LEU C 78 1.87 -34.10 -20.02
C LEU C 78 1.57 -34.32 -18.55
N VAL C 79 2.39 -35.08 -17.88
CA VAL C 79 2.19 -35.26 -16.45
C VAL C 79 3.31 -34.39 -15.85
N ASN C 80 4.29 -35.02 -15.29
CA ASN C 80 5.57 -34.60 -14.74
C ASN C 80 6.56 -34.36 -15.92
N GLN C 81 6.13 -33.53 -16.88
CA GLN C 81 6.88 -33.18 -18.10
C GLN C 81 7.22 -34.41 -18.98
N THR C 82 6.30 -35.38 -19.06
CA THR C 82 6.44 -36.57 -19.91
C THR C 82 5.06 -37.08 -20.34
N GLU C 83 5.03 -37.87 -21.43
CA GLU C 83 3.79 -38.33 -22.07
C GLU C 83 2.94 -39.25 -21.19
N LEU C 84 3.58 -40.22 -20.53
CA LEU C 84 2.91 -41.19 -19.66
C LEU C 84 3.62 -41.29 -18.31
N PHE C 85 2.93 -41.83 -17.29
CA PHE C 85 3.47 -41.98 -15.93
C PHE C 85 3.10 -43.32 -15.31
N VAL C 86 3.95 -43.79 -14.38
CA VAL C 86 3.76 -45.05 -13.66
C VAL C 86 4.21 -44.84 -12.19
N PRO C 87 3.30 -45.04 -11.21
CA PRO C 87 3.71 -44.85 -9.81
C PRO C 87 4.50 -46.05 -9.30
N SER C 88 5.60 -45.81 -8.59
CA SER C 88 6.42 -46.86 -8.00
C SER C 88 6.00 -47.04 -6.55
N LEU C 89 6.63 -47.99 -5.83
CA LEU C 89 6.30 -48.23 -4.42
C LEU C 89 6.57 -47.00 -3.55
N ASN C 90 5.74 -46.79 -2.52
CA ASN C 90 5.91 -45.68 -1.59
C ASN C 90 7.12 -46.01 -0.72
N VAL C 91 8.06 -45.07 -0.54
CA VAL C 91 9.28 -45.29 0.23
C VAL C 91 8.96 -45.62 1.70
N ASP C 92 8.46 -44.64 2.47
CA ASP C 92 8.04 -44.82 3.86
C ASP C 92 6.59 -44.33 3.98
N GLY C 93 5.73 -44.84 3.09
CA GLY C 93 4.32 -44.47 3.03
C GLY C 93 4.10 -43.03 2.58
N GLN C 94 4.99 -42.51 1.72
CA GLN C 94 4.86 -41.14 1.21
C GLN C 94 4.15 -41.15 -0.15
N PRO C 95 3.10 -40.32 -0.37
CA PRO C 95 2.38 -40.37 -1.66
C PRO C 95 3.22 -39.95 -2.87
N ILE C 96 2.95 -40.58 -4.03
CA ILE C 96 3.63 -40.26 -5.29
C ILE C 96 2.79 -39.14 -5.91
N PHE C 97 3.44 -38.11 -6.47
CA PHE C 97 2.74 -36.97 -7.04
C PHE C 97 2.75 -36.98 -8.57
N ALA C 98 1.59 -36.73 -9.20
CA ALA C 98 1.43 -36.70 -10.66
C ALA C 98 0.90 -35.31 -11.06
N ASN C 99 1.81 -34.35 -11.32
CA ASN C 99 1.42 -32.97 -11.65
C ASN C 99 1.02 -32.84 -13.14
N ILE C 100 -0.27 -32.99 -13.45
CA ILE C 100 -0.76 -32.94 -14.84
C ILE C 100 -0.74 -31.50 -15.38
N THR C 101 0.03 -31.25 -16.49
CA THR C 101 0.15 -29.93 -17.10
C THR C 101 -0.11 -29.94 -18.60
N LEU C 102 -0.32 -28.75 -19.19
CA LEU C 102 -0.55 -28.59 -20.62
C LEU C 102 0.78 -28.71 -21.37
N PRO C 103 0.87 -29.42 -22.51
CA PRO C 103 2.13 -29.40 -23.26
C PRO C 103 2.23 -28.10 -24.05
N VAL C 104 3.44 -27.68 -24.42
CA VAL C 104 3.63 -26.46 -25.20
C VAL C 104 3.30 -26.86 -26.65
N TYR C 105 1.99 -26.84 -26.98
CA TYR C 105 1.49 -27.24 -28.31
C TYR C 105 2.08 -26.37 -29.41
N THR C 106 2.28 -26.97 -30.60
CA THR C 106 2.76 -26.23 -31.78
C THR C 106 1.61 -25.31 -32.20
N LEU C 107 1.92 -24.07 -32.63
CA LEU C 107 0.89 -23.10 -33.04
C LEU C 107 -0.07 -23.70 -34.07
N LYS C 108 0.42 -24.59 -34.96
CA LYS C 108 -0.41 -25.29 -35.93
C LYS C 108 -1.43 -26.15 -35.18
N GLU C 109 -0.94 -27.08 -34.33
CA GLU C 109 -1.78 -27.99 -33.55
C GLU C 109 -2.73 -27.24 -32.61
N ARG C 110 -2.26 -26.14 -32.00
CA ARG C 110 -3.10 -25.33 -31.12
C ARG C 110 -4.20 -24.64 -31.93
N CYS C 111 -3.86 -24.12 -33.14
CA CYS C 111 -4.84 -23.47 -34.00
C CYS C 111 -5.91 -24.47 -34.48
N LEU C 112 -5.53 -25.75 -34.74
CA LEU C 112 -6.50 -26.76 -35.16
C LEU C 112 -7.55 -26.96 -34.07
N GLN C 113 -7.12 -27.13 -32.80
CA GLN C 113 -8.01 -27.34 -31.63
C GLN C 113 -9.07 -26.25 -31.48
N VAL C 114 -8.71 -24.98 -31.76
CA VAL C 114 -9.64 -23.86 -31.62
C VAL C 114 -10.68 -23.92 -32.74
N VAL C 115 -10.25 -24.22 -33.98
CA VAL C 115 -11.18 -24.33 -35.11
C VAL C 115 -12.06 -25.59 -34.90
N ARG C 116 -11.47 -26.70 -34.40
CA ARG C 116 -12.20 -27.96 -34.13
C ARG C 116 -13.37 -27.74 -33.15
N SER C 117 -13.16 -26.90 -32.11
CA SER C 117 -14.20 -26.61 -31.11
C SER C 117 -15.31 -25.71 -31.66
N LEU C 118 -14.96 -24.74 -32.53
CA LEU C 118 -15.93 -23.79 -33.11
C LEU C 118 -16.74 -24.36 -34.27
N VAL C 119 -16.12 -25.14 -35.18
CA VAL C 119 -16.81 -25.69 -36.35
C VAL C 119 -17.16 -27.19 -36.18
N LYS C 120 -18.26 -27.63 -36.81
CA LYS C 120 -18.75 -29.01 -36.72
C LYS C 120 -17.96 -29.95 -37.64
N PRO C 121 -17.91 -31.28 -37.35
CA PRO C 121 -17.14 -32.19 -38.24
C PRO C 121 -17.56 -32.22 -39.71
N GLU C 122 -18.85 -32.02 -39.99
CA GLU C 122 -19.38 -32.05 -41.37
C GLU C 122 -19.02 -30.78 -42.15
N ASN C 123 -18.82 -29.64 -41.47
CA ASN C 123 -18.52 -28.36 -42.13
C ASN C 123 -17.02 -28.01 -42.14
N TYR C 124 -16.12 -29.02 -42.15
CA TYR C 124 -14.66 -28.80 -42.20
C TYR C 124 -14.24 -28.40 -43.60
N ARG C 125 -14.77 -29.09 -44.62
CA ARG C 125 -14.42 -28.84 -46.03
C ARG C 125 -15.21 -27.68 -46.70
N ARG C 126 -15.91 -26.84 -45.91
CA ARG C 126 -16.61 -25.66 -46.42
C ARG C 126 -15.86 -24.36 -46.02
N LEU C 127 -14.66 -24.49 -45.39
CA LEU C 127 -13.82 -23.36 -44.96
C LEU C 127 -12.87 -22.92 -46.08
N ASP C 128 -12.48 -21.63 -46.08
CA ASP C 128 -11.58 -21.07 -47.08
C ASP C 128 -10.12 -21.26 -46.66
N ILE C 129 -9.61 -22.50 -46.83
CA ILE C 129 -8.24 -22.89 -46.48
C ILE C 129 -7.64 -23.81 -47.55
N VAL C 130 -6.33 -24.09 -47.46
CA VAL C 130 -5.64 -24.97 -48.43
C VAL C 130 -6.08 -26.43 -48.27
N ARG C 131 -5.82 -27.24 -49.31
CA ARG C 131 -6.22 -28.65 -49.36
C ARG C 131 -5.59 -29.52 -48.26
N SER C 132 -4.33 -29.26 -47.91
CA SER C 132 -3.63 -30.02 -46.86
C SER C 132 -4.16 -29.78 -45.44
N LEU C 133 -4.76 -28.60 -45.17
CA LEU C 133 -5.31 -28.28 -43.84
C LEU C 133 -6.61 -29.02 -43.52
N TYR C 134 -7.44 -29.39 -44.52
CA TYR C 134 -8.68 -30.13 -44.26
C TYR C 134 -8.36 -31.52 -43.70
N GLU C 135 -7.34 -32.20 -44.27
CA GLU C 135 -6.92 -33.52 -43.79
C GLU C 135 -6.30 -33.43 -42.39
N ASP C 136 -5.58 -32.33 -42.09
CA ASP C 136 -5.00 -32.11 -40.76
C ASP C 136 -6.08 -31.83 -39.71
N LEU C 137 -7.16 -31.12 -40.09
CA LEU C 137 -8.27 -30.84 -39.16
C LEU C 137 -9.03 -32.13 -38.85
N GLU C 138 -9.34 -32.94 -39.88
CA GLU C 138 -10.03 -34.24 -39.73
C GLU C 138 -9.22 -35.21 -38.86
N ASP C 139 -7.88 -35.10 -38.88
CA ASP C 139 -6.98 -35.96 -38.07
C ASP C 139 -7.07 -35.53 -36.60
N HIS C 140 -8.13 -35.98 -35.91
CA HIS C 140 -8.40 -35.62 -34.50
C HIS C 140 -7.43 -36.28 -33.53
N PRO C 141 -7.28 -35.76 -32.29
CA PRO C 141 -6.43 -36.46 -31.32
C PRO C 141 -7.07 -37.77 -30.88
N ASN C 142 -6.30 -38.89 -30.92
CA ASN C 142 -6.79 -40.23 -30.60
C ASN C 142 -5.82 -40.92 -29.63
N VAL C 143 -6.34 -41.77 -28.73
CA VAL C 143 -5.53 -42.47 -27.72
C VAL C 143 -4.75 -43.61 -28.36
N GLN C 144 -5.43 -44.47 -29.15
CA GLN C 144 -4.82 -45.64 -29.80
C GLN C 144 -3.71 -45.22 -30.76
N LYS C 145 -3.92 -44.10 -31.49
CA LYS C 145 -2.94 -43.53 -32.42
C LYS C 145 -1.65 -43.16 -31.68
N ASP C 146 -1.78 -42.44 -30.55
CA ASP C 146 -0.63 -42.02 -29.74
C ASP C 146 0.04 -43.20 -29.06
N LEU C 147 -0.72 -44.27 -28.70
CA LEU C 147 -0.13 -45.47 -28.10
C LEU C 147 0.72 -46.23 -29.12
N GLU C 148 0.31 -46.25 -30.41
CA GLU C 148 1.10 -46.90 -31.47
C GLU C 148 2.39 -46.08 -31.70
N ARG C 149 2.27 -44.74 -31.64
CA ARG C 149 3.38 -43.79 -31.80
C ARG C 149 4.35 -43.86 -30.61
N LEU C 150 3.83 -44.01 -29.37
CA LEU C 150 4.67 -44.06 -28.16
C LEU C 150 5.66 -45.23 -28.16
N THR C 151 5.32 -46.37 -28.81
CA THR C 151 6.21 -47.55 -28.84
C THR C 151 7.50 -47.22 -29.59
N GLN C 152 8.59 -46.95 -28.83
CA GLN C 152 9.92 -46.60 -29.35
C GLN C 152 9.88 -45.29 -30.15
N MET D 1 -17.31 29.55 18.30
CA MET D 1 -16.29 29.65 19.35
C MET D 1 -16.65 28.73 20.51
N ASP D 2 -16.05 27.53 20.55
CA ASP D 2 -16.30 26.57 21.62
C ASP D 2 -15.57 26.96 22.91
N VAL D 3 -16.17 26.64 24.07
CA VAL D 3 -15.59 26.90 25.39
C VAL D 3 -15.66 25.60 26.20
N PHE D 4 -14.49 25.04 26.55
CA PHE D 4 -14.38 23.79 27.28
C PHE D 4 -14.17 24.14 28.74
N LEU D 5 -15.06 23.66 29.62
CA LEU D 5 -15.03 24.01 31.04
C LEU D 5 -15.41 22.85 31.94
N MET D 6 -15.11 22.96 33.24
CA MET D 6 -15.44 21.92 34.21
C MET D 6 -16.30 22.50 35.34
N ILE D 7 -17.59 22.11 35.40
CA ILE D 7 -18.52 22.59 36.42
C ILE D 7 -18.23 21.78 37.69
N ARG D 8 -17.71 22.44 38.74
CA ARG D 8 -17.30 21.80 39.98
C ARG D 8 -18.17 22.12 41.20
N ARG D 9 -18.30 21.13 42.10
CA ARG D 9 -19.00 21.25 43.38
C ARG D 9 -18.49 20.14 44.29
N HIS D 10 -18.12 20.47 45.53
CA HIS D 10 -17.60 19.53 46.51
C HIS D 10 -16.60 18.56 45.84
N LYS D 11 -16.98 17.29 45.59
CA LYS D 11 -16.15 16.30 44.90
C LYS D 11 -16.62 15.97 43.48
N THR D 12 -17.83 16.44 43.07
CA THR D 12 -18.35 16.19 41.72
C THR D 12 -17.75 17.22 40.74
N THR D 13 -17.20 16.75 39.60
CA THR D 13 -16.58 17.61 38.59
C THR D 13 -17.09 17.19 37.19
N ILE D 14 -17.97 18.01 36.58
CA ILE D 14 -18.56 17.70 35.27
C ILE D 14 -17.70 18.32 34.16
N PHE D 15 -17.22 17.49 33.22
CA PHE D 15 -16.46 17.96 32.05
C PHE D 15 -17.42 18.06 30.88
N THR D 16 -17.61 19.28 30.32
CA THR D 16 -18.50 19.48 29.19
C THR D 16 -18.03 20.62 28.31
N ASP D 17 -18.72 20.83 27.17
CA ASP D 17 -18.40 21.89 26.22
C ASP D 17 -19.65 22.71 25.88
N ALA D 18 -19.47 24.02 25.70
CA ALA D 18 -20.54 24.96 25.34
C ALA D 18 -19.98 26.00 24.37
N LYS D 19 -20.79 26.97 23.94
CA LYS D 19 -20.35 28.03 23.03
C LYS D 19 -20.41 29.40 23.72
N GLU D 20 -19.61 30.36 23.23
CA GLU D 20 -19.60 31.75 23.75
C GLU D 20 -21.00 32.36 23.65
N SER D 21 -21.69 32.09 22.53
CA SER D 21 -23.05 32.58 22.26
C SER D 21 -24.12 32.04 23.24
N SER D 22 -23.92 30.83 23.80
CA SER D 22 -24.89 30.22 24.72
C SER D 22 -24.97 30.94 26.07
N THR D 23 -26.17 30.96 26.67
CA THR D 23 -26.43 31.62 27.95
C THR D 23 -25.99 30.79 29.16
N VAL D 24 -25.96 31.43 30.34
CA VAL D 24 -25.64 30.76 31.60
C VAL D 24 -26.83 29.84 31.95
N PHE D 25 -28.06 30.23 31.57
CA PHE D 25 -29.27 29.42 31.74
C PHE D 25 -29.14 28.09 30.97
N GLU D 26 -28.61 28.14 29.74
CA GLU D 26 -28.40 26.93 28.92
C GLU D 26 -27.37 25.99 29.58
N LEU D 27 -26.39 26.55 30.33
CA LEU D 27 -25.40 25.74 31.05
C LEU D 27 -26.08 25.06 32.26
N LYS D 28 -27.07 25.72 32.91
CA LYS D 28 -27.84 25.11 34.00
C LYS D 28 -28.72 23.97 33.43
N ARG D 29 -29.26 24.15 32.20
CA ARG D 29 -30.09 23.14 31.53
C ARG D 29 -29.25 21.89 31.18
N ILE D 30 -27.93 22.07 30.93
CA ILE D 30 -27.01 20.96 30.66
C ILE D 30 -26.78 20.23 31.99
N VAL D 31 -26.53 20.98 33.08
CA VAL D 31 -26.33 20.41 34.43
C VAL D 31 -27.61 19.68 34.88
N GLU D 32 -28.80 20.16 34.48
CA GLU D 32 -30.06 19.49 34.81
C GLU D 32 -30.13 18.11 34.16
N GLY D 33 -29.71 18.01 32.91
CA GLY D 33 -29.69 16.75 32.18
C GLY D 33 -28.69 15.73 32.73
N ILE D 34 -27.61 16.21 33.36
CA ILE D 34 -26.57 15.33 33.90
C ILE D 34 -26.89 14.94 35.36
N LEU D 35 -27.08 15.94 36.25
CA LEU D 35 -27.30 15.74 37.70
C LEU D 35 -28.77 15.58 38.17
N LYS D 36 -29.76 15.88 37.30
CA LYS D 36 -31.20 15.72 37.58
C LYS D 36 -31.72 16.68 38.66
N ARG D 37 -31.39 17.98 38.52
CA ARG D 37 -31.83 19.05 39.44
C ARG D 37 -32.24 20.30 38.62
N PRO D 38 -33.39 20.96 38.93
CA PRO D 38 -33.82 22.11 38.10
C PRO D 38 -32.88 23.33 38.07
N PRO D 39 -32.98 24.22 37.04
CA PRO D 39 -32.09 25.39 36.99
C PRO D 39 -32.24 26.37 38.16
N ASP D 40 -33.47 26.51 38.71
CA ASP D 40 -33.72 27.38 39.86
C ASP D 40 -33.05 26.86 41.16
N GLU D 41 -32.70 25.55 41.23
CA GLU D 41 -32.07 24.93 42.39
C GLU D 41 -30.52 25.05 42.39
N GLN D 42 -29.90 25.51 41.28
CA GLN D 42 -28.44 25.67 41.15
C GLN D 42 -28.05 27.13 40.97
N ARG D 43 -26.75 27.44 41.18
CA ARG D 43 -26.18 28.78 41.05
C ARG D 43 -24.74 28.66 40.57
N LEU D 44 -24.45 29.09 39.32
CA LEU D 44 -23.11 29.00 38.74
C LEU D 44 -22.27 30.25 39.01
N TYR D 45 -20.97 30.07 39.28
CA TYR D 45 -20.03 31.14 39.59
C TYR D 45 -18.73 31.04 38.78
N LYS D 46 -18.07 32.19 38.59
CA LYS D 46 -16.76 32.33 37.94
C LYS D 46 -15.87 32.86 39.08
N ASP D 47 -14.97 32.01 39.61
CA ASP D 47 -14.10 32.33 40.75
C ASP D 47 -14.97 32.63 42.01
N ASP D 48 -15.43 33.89 42.19
CA ASP D 48 -16.29 34.30 43.32
C ASP D 48 -17.27 35.43 42.90
N GLN D 49 -17.95 35.25 41.75
CA GLN D 49 -18.93 36.20 41.21
C GLN D 49 -20.15 35.41 40.74
N LEU D 50 -21.35 35.78 41.20
CA LEU D 50 -22.59 35.09 40.80
C LEU D 50 -22.94 35.47 39.35
N LEU D 51 -23.01 34.47 38.46
CA LEU D 51 -23.34 34.70 37.05
C LEU D 51 -24.84 34.77 36.86
N ASP D 52 -25.31 35.79 36.12
CA ASP D 52 -26.74 35.97 35.84
C ASP D 52 -27.17 34.99 34.75
N ASP D 53 -28.44 34.54 34.80
CA ASP D 53 -28.99 33.56 33.85
C ASP D 53 -29.04 34.09 32.41
N GLY D 54 -29.35 35.38 32.24
CA GLY D 54 -29.45 36.02 30.93
C GLY D 54 -28.16 36.27 30.20
N LYS D 55 -27.05 36.52 30.94
CA LYS D 55 -25.73 36.78 30.32
C LYS D 55 -25.18 35.52 29.65
N THR D 56 -24.40 35.70 28.56
CA THR D 56 -23.78 34.58 27.83
C THR D 56 -22.39 34.31 28.41
N LEU D 57 -21.84 33.11 28.14
CA LEU D 57 -20.51 32.71 28.63
C LEU D 57 -19.42 33.71 28.24
N GLY D 58 -19.48 34.25 27.03
CA GLY D 58 -18.51 35.23 26.57
C GLY D 58 -18.53 36.53 27.36
N GLU D 59 -19.72 36.96 27.82
CA GLU D 59 -19.86 38.18 28.63
C GLU D 59 -19.32 37.96 30.05
N CYS D 60 -19.41 36.72 30.58
CA CYS D 60 -18.90 36.37 31.90
C CYS D 60 -17.36 36.29 31.97
N GLY D 61 -16.69 36.21 30.82
CA GLY D 61 -15.24 36.12 30.73
C GLY D 61 -14.71 34.80 30.22
N PHE D 62 -15.58 33.92 29.69
CA PHE D 62 -15.18 32.61 29.15
C PHE D 62 -14.99 32.68 27.64
N THR D 63 -13.73 32.67 27.17
CA THR D 63 -13.38 32.66 25.74
C THR D 63 -12.50 31.45 25.42
N SER D 64 -12.30 31.18 24.12
CA SER D 64 -11.51 30.03 23.63
C SER D 64 -10.05 30.03 24.12
N GLN D 65 -9.45 31.22 24.34
CA GLN D 65 -8.07 31.34 24.80
C GLN D 65 -7.93 30.96 26.28
N THR D 66 -8.96 31.28 27.10
CA THR D 66 -8.96 30.98 28.54
C THR D 66 -9.54 29.58 28.83
N ALA D 67 -10.55 29.15 28.04
CA ALA D 67 -11.22 27.85 28.21
C ALA D 67 -10.92 26.92 27.03
N ARG D 68 -9.73 26.27 27.07
CA ARG D 68 -9.25 25.35 26.03
C ARG D 68 -9.54 23.90 26.45
N PRO D 69 -9.63 22.92 25.51
CA PRO D 69 -9.83 21.52 25.94
C PRO D 69 -8.77 21.00 26.90
N GLN D 70 -7.49 21.32 26.62
CA GLN D 70 -6.36 20.89 27.45
C GLN D 70 -6.30 21.57 28.83
N ALA D 71 -6.88 22.78 28.98
CA ALA D 71 -6.90 23.52 30.24
C ALA D 71 -8.29 24.15 30.42
N PRO D 72 -9.32 23.34 30.75
CA PRO D 72 -10.68 23.89 30.90
C PRO D 72 -10.84 24.88 32.06
N ALA D 73 -11.72 25.89 31.87
CA ALA D 73 -11.97 26.91 32.89
C ALA D 73 -12.88 26.34 33.97
N THR D 74 -12.54 26.57 35.24
CA THR D 74 -13.31 26.05 36.38
C THR D 74 -14.53 26.94 36.63
N VAL D 75 -15.70 26.31 36.82
CA VAL D 75 -16.96 27.01 37.07
C VAL D 75 -17.54 26.47 38.37
N GLY D 76 -17.85 27.36 39.30
CA GLY D 76 -18.44 26.97 40.57
C GLY D 76 -19.88 26.56 40.43
N LEU D 77 -20.37 25.72 41.34
CA LEU D 77 -21.76 25.26 41.37
C LEU D 77 -22.20 25.13 42.82
N ALA D 78 -23.22 25.90 43.23
CA ALA D 78 -23.75 25.86 44.59
C ALA D 78 -25.22 25.47 44.50
N PHE D 79 -25.62 24.36 45.16
CA PHE D 79 -27.01 23.89 45.13
C PHE D 79 -27.79 24.39 46.32
N ARG D 80 -29.12 24.21 46.26
CA ARG D 80 -30.06 24.56 47.31
C ARG D 80 -30.68 23.27 47.85
N ALA D 81 -30.60 23.06 49.17
CA ALA D 81 -31.18 21.89 49.82
C ALA D 81 -32.59 22.27 50.29
N ASP D 82 -33.50 22.52 49.33
CA ASP D 82 -34.90 22.92 49.52
C ASP D 82 -35.09 24.32 50.16
N ASP D 83 -34.59 24.54 51.39
CA ASP D 83 -34.73 25.81 52.10
C ASP D 83 -34.06 27.00 51.39
N THR D 84 -32.71 27.02 51.31
CA THR D 84 -31.96 28.10 50.66
C THR D 84 -30.62 27.58 50.10
N PHE D 85 -29.90 28.43 49.37
CA PHE D 85 -28.62 28.07 48.75
C PHE D 85 -27.51 27.84 49.77
N GLU D 86 -26.80 26.70 49.64
CA GLU D 86 -25.68 26.37 50.53
C GLU D 86 -24.45 27.16 50.04
N ALA D 87 -23.48 27.40 50.93
CA ALA D 87 -22.28 28.17 50.62
C ALA D 87 -21.43 27.45 49.58
N LEU D 88 -20.89 28.19 48.58
CA LEU D 88 -20.05 27.59 47.52
C LEU D 88 -18.79 26.99 48.14
N CYS D 89 -18.62 25.69 47.95
CA CYS D 89 -17.49 24.92 48.48
C CYS D 89 -17.01 23.93 47.42
N ILE D 90 -15.71 23.98 47.08
CA ILE D 90 -15.06 23.09 46.12
C ILE D 90 -13.86 22.46 46.82
N GLU D 91 -13.84 21.11 46.92
CA GLU D 91 -12.72 20.41 47.56
C GLU D 91 -11.56 20.38 46.55
N PRO D 92 -10.36 20.91 46.89
CA PRO D 92 -9.26 20.88 45.92
C PRO D 92 -8.72 19.48 45.63
N PHE D 93 -8.00 19.33 44.51
CA PHE D 93 -7.43 18.04 44.11
C PHE D 93 -6.23 17.71 45.01
N SER D 94 -5.76 16.45 44.96
CA SER D 94 -4.62 16.01 45.76
C SER D 94 -3.33 16.62 45.24
N SER D 95 -2.46 17.09 46.16
CA SER D 95 -1.19 17.71 45.77
C SER D 95 -0.23 16.64 45.25
N PRO D 96 0.51 16.89 44.15
CA PRO D 96 1.43 15.87 43.63
C PRO D 96 2.65 15.67 44.52
N PRO D 97 3.38 14.54 44.35
CA PRO D 97 4.59 14.33 45.17
C PRO D 97 5.72 15.28 44.74
N GLU D 98 6.59 15.67 45.69
CA GLU D 98 7.71 16.57 45.39
C GLU D 98 8.67 15.91 44.39
N LEU D 99 9.09 16.68 43.36
CA LEU D 99 9.95 16.20 42.25
C LEU D 99 11.10 15.29 42.71
N PRO D 100 11.29 14.10 42.08
CA PRO D 100 12.45 13.25 42.44
C PRO D 100 13.78 13.94 42.16
N ASP D 101 14.85 13.55 42.89
CA ASP D 101 16.19 14.13 42.73
C ASP D 101 16.71 14.02 41.28
N VAL D 102 16.35 12.95 40.57
CA VAL D 102 16.76 12.74 39.17
C VAL D 102 16.00 13.67 38.20
N MET D 103 14.75 14.08 38.53
CA MET D 103 13.96 14.96 37.68
C MET D 103 14.26 16.47 37.91
N LYS D 104 15.09 16.82 38.90
CA LYS D 104 15.42 18.23 39.19
C LYS D 104 16.41 18.81 38.15
N MET E 1 -25.06 13.76 25.57
CA MET E 1 -25.45 12.61 24.76
C MET E 1 -25.59 11.38 25.65
N MET E 2 -24.50 11.00 26.33
CA MET E 2 -24.45 9.87 27.26
C MET E 2 -23.20 10.09 28.11
N TYR E 3 -23.34 10.03 29.43
CA TYR E 3 -22.24 10.31 30.35
C TYR E 3 -21.84 9.10 31.20
N VAL E 4 -20.61 9.13 31.73
CA VAL E 4 -20.05 8.08 32.59
C VAL E 4 -19.30 8.70 33.76
N LYS E 5 -19.46 8.13 34.98
CA LYS E 5 -18.82 8.65 36.19
C LYS E 5 -17.52 7.88 36.47
N LEU E 6 -16.39 8.60 36.54
CA LEU E 6 -15.07 8.03 36.80
C LEU E 6 -14.63 8.43 38.21
N ILE E 7 -14.61 7.47 39.15
CA ILE E 7 -14.21 7.72 40.54
C ILE E 7 -12.71 7.45 40.71
N SER E 8 -12.01 8.35 41.42
CA SER E 8 -10.56 8.24 41.69
C SER E 8 -10.32 7.58 43.06
N SER E 9 -9.05 7.37 43.42
CA SER E 9 -8.66 6.74 44.69
C SER E 9 -9.10 7.57 45.92
N ASP E 10 -9.11 8.92 45.78
CA ASP E 10 -9.47 9.86 46.86
C ASP E 10 -10.99 10.09 47.01
N GLY E 11 -11.79 9.47 46.15
CA GLY E 11 -13.24 9.65 46.15
C GLY E 11 -13.75 10.79 45.27
N HIS E 12 -12.88 11.41 44.43
CA HIS E 12 -13.32 12.49 43.54
C HIS E 12 -14.05 11.89 42.34
N GLU E 13 -15.30 12.32 42.11
CA GLU E 13 -16.15 11.81 41.03
C GLU E 13 -16.03 12.74 39.83
N PHE E 14 -15.62 12.20 38.66
CA PHE E 14 -15.46 12.98 37.42
C PHE E 14 -16.48 12.50 36.39
N ILE E 15 -17.41 13.38 36.00
CA ILE E 15 -18.45 13.06 35.02
C ILE E 15 -17.96 13.50 33.64
N VAL E 16 -17.76 12.54 32.73
CA VAL E 16 -17.30 12.77 31.35
C VAL E 16 -18.27 12.13 30.38
N LYS E 17 -18.19 12.49 29.08
CA LYS E 17 -19.05 11.89 28.07
C LYS E 17 -18.58 10.44 27.82
N ARG E 18 -19.49 9.54 27.39
CA ARG E 18 -19.11 8.15 27.14
C ARG E 18 -18.08 8.11 25.99
N GLU E 19 -18.38 8.80 24.87
CA GLU E 19 -17.51 8.92 23.69
C GLU E 19 -16.10 9.38 24.08
N HIS E 20 -15.98 10.33 25.02
CA HIS E 20 -14.70 10.87 25.51
C HIS E 20 -13.94 9.79 26.27
N ALA E 21 -14.63 9.05 27.16
CA ALA E 21 -14.02 7.98 27.95
C ALA E 21 -13.62 6.76 27.10
N LEU E 22 -14.26 6.54 25.92
CA LEU E 22 -13.92 5.41 25.03
C LEU E 22 -12.54 5.58 24.36
N THR E 23 -11.92 6.79 24.41
CA THR E 23 -10.56 7.06 23.90
C THR E 23 -9.57 6.05 24.51
N SER E 24 -9.76 5.72 25.79
CA SER E 24 -8.95 4.75 26.53
C SER E 24 -9.42 3.33 26.20
N GLY E 25 -8.49 2.48 25.77
CA GLY E 25 -8.77 1.08 25.44
C GLY E 25 -9.15 0.24 26.66
N THR E 26 -8.58 0.58 27.84
CA THR E 26 -8.88 -0.12 29.09
C THR E 26 -10.31 0.15 29.54
N ILE E 27 -10.76 1.42 29.48
CA ILE E 27 -12.13 1.78 29.85
C ILE E 27 -13.10 1.19 28.83
N LYS E 28 -12.73 1.14 27.53
CA LYS E 28 -13.55 0.54 26.46
C LYS E 28 -13.89 -0.92 26.77
N ALA E 29 -12.93 -1.67 27.37
CA ALA E 29 -13.12 -3.06 27.76
C ALA E 29 -13.98 -3.18 29.03
N MET E 30 -13.78 -2.29 30.01
CA MET E 30 -14.55 -2.30 31.27
C MET E 30 -16.05 -2.04 31.04
N LEU E 31 -16.40 -1.14 30.09
CA LEU E 31 -17.80 -0.82 29.82
C LEU E 31 -18.47 -1.85 28.90
N SER E 32 -17.75 -2.38 27.89
CA SER E 32 -18.32 -3.38 26.96
C SER E 32 -18.49 -4.73 27.64
N THR E 42 -21.08 -0.81 34.32
CA THR E 42 -21.05 -0.20 33.00
C THR E 42 -21.25 1.33 33.04
N ASN E 43 -21.91 1.88 34.08
CA ASN E 43 -22.13 3.32 34.23
C ASN E 43 -20.99 3.96 35.03
N GLU E 44 -20.63 3.36 36.18
CA GLU E 44 -19.56 3.88 37.05
C GLU E 44 -18.31 3.00 36.98
N VAL E 45 -17.13 3.63 37.04
CA VAL E 45 -15.83 2.97 37.00
C VAL E 45 -14.97 3.56 38.14
N ASN E 46 -14.44 2.70 39.02
CA ASN E 46 -13.60 3.13 40.15
C ASN E 46 -12.12 2.94 39.82
N PHE E 47 -11.25 3.79 40.38
CA PHE E 47 -9.80 3.72 40.16
C PHE E 47 -9.07 3.88 41.50
N ARG E 48 -8.78 2.75 42.15
CA ARG E 48 -8.12 2.74 43.46
C ARG E 48 -6.65 3.17 43.49
N GLU E 49 -5.94 3.17 42.33
CA GLU E 49 -4.51 3.53 42.27
C GLU E 49 -4.23 4.90 41.60
N ILE E 50 -5.22 5.51 40.92
CA ILE E 50 -5.05 6.81 40.25
C ILE E 50 -5.59 7.97 41.14
N PRO E 51 -4.76 8.94 41.55
CA PRO E 51 -5.29 10.09 42.33
C PRO E 51 -6.16 11.05 41.51
N SER E 52 -6.81 12.02 42.18
CA SER E 52 -7.68 13.00 41.55
C SER E 52 -6.97 13.96 40.60
N HIS E 53 -5.82 14.51 41.01
CA HIS E 53 -5.05 15.43 40.15
C HIS E 53 -4.56 14.77 38.85
N VAL E 54 -4.35 13.44 38.87
CA VAL E 54 -3.95 12.68 37.69
C VAL E 54 -5.19 12.39 36.84
N LEU E 55 -6.26 11.86 37.45
CA LEU E 55 -7.50 11.51 36.72
C LEU E 55 -8.16 12.73 36.07
N SER E 56 -8.07 13.92 36.69
CA SER E 56 -8.60 15.14 36.09
C SER E 56 -7.80 15.46 34.83
N LYS E 57 -6.46 15.29 34.89
CA LYS E 57 -5.58 15.51 33.74
C LYS E 57 -5.82 14.47 32.64
N VAL E 58 -6.22 13.23 33.00
CA VAL E 58 -6.60 12.19 32.03
C VAL E 58 -7.91 12.61 31.36
N CYS E 59 -8.86 13.17 32.14
CA CYS E 59 -10.13 13.65 31.60
C CYS E 59 -9.91 14.89 30.72
N MET E 60 -8.90 15.73 31.03
CA MET E 60 -8.55 16.88 30.19
C MET E 60 -7.99 16.38 28.85
N TYR E 61 -7.23 15.25 28.87
CA TYR E 61 -6.71 14.65 27.64
C TYR E 61 -7.85 14.09 26.77
N PHE E 62 -8.90 13.50 27.40
CA PHE E 62 -10.04 12.94 26.65
C PHE E 62 -10.79 14.04 25.89
N THR E 63 -11.00 15.21 26.53
CA THR E 63 -11.63 16.36 25.88
C THR E 63 -10.71 16.94 24.78
N TYR E 64 -9.38 16.90 25.02
CA TYR E 64 -8.37 17.36 24.08
C TYR E 64 -8.30 16.48 22.83
N LYS E 65 -8.23 15.14 23.00
CA LYS E 65 -8.14 14.23 21.87
C LYS E 65 -9.36 14.33 20.96
N VAL E 66 -10.56 14.02 21.49
CA VAL E 66 -11.82 14.02 20.72
C VAL E 66 -12.03 15.33 19.94
N ARG E 67 -11.65 16.49 20.50
CA ARG E 67 -11.81 17.77 19.80
C ARG E 67 -10.82 17.85 18.63
N TYR E 68 -9.52 17.74 18.93
CA TYR E 68 -8.48 17.94 17.93
C TYR E 68 -8.22 16.74 16.99
N THR E 69 -8.92 15.58 17.13
CA THR E 69 -8.73 14.48 16.15
C THR E 69 -9.46 14.90 14.88
N ASN E 70 -8.86 14.65 13.70
CA ASN E 70 -9.42 15.03 12.40
C ASN E 70 -9.61 16.57 12.23
N SER E 71 -8.87 17.39 13.02
CA SER E 71 -8.93 18.85 12.97
C SER E 71 -7.74 19.35 12.15
N SER E 72 -8.01 19.70 10.89
CA SER E 72 -6.98 20.18 9.96
C SER E 72 -6.53 21.63 10.19
N THR E 73 -7.23 22.39 11.06
CA THR E 73 -6.92 23.79 11.36
C THR E 73 -5.47 23.98 11.86
N GLU E 74 -5.18 23.47 13.07
CA GLU E 74 -3.89 23.57 13.77
C GLU E 74 -4.10 22.93 15.16
N ILE E 75 -3.14 22.13 15.63
CA ILE E 75 -3.27 21.43 16.91
C ILE E 75 -2.36 22.05 17.97
N PRO E 76 -2.89 22.53 19.12
CA PRO E 76 -2.02 23.05 20.18
C PRO E 76 -1.40 21.89 20.94
N GLU E 77 -0.24 22.09 21.57
CA GLU E 77 0.42 21.02 22.33
C GLU E 77 -0.26 20.81 23.67
N PHE E 78 -0.32 19.54 24.14
CA PHE E 78 -0.91 19.20 25.43
C PHE E 78 0.13 19.49 26.53
N PRO E 79 -0.09 20.49 27.41
CA PRO E 79 0.92 20.80 28.43
C PRO E 79 0.90 19.81 29.59
N ILE E 80 2.08 19.34 30.02
CA ILE E 80 2.20 18.43 31.17
C ILE E 80 3.25 19.06 32.09
N ALA E 81 2.86 19.43 33.32
CA ALA E 81 3.77 20.04 34.27
C ALA E 81 4.77 18.99 34.79
N PRO E 82 6.01 19.37 35.18
CA PRO E 82 6.97 18.37 35.68
C PRO E 82 6.53 17.61 36.94
N GLU E 83 5.64 18.21 37.77
CA GLU E 83 5.18 17.60 39.02
C GLU E 83 4.27 16.37 38.82
N ILE E 84 3.53 16.27 37.69
CA ILE E 84 2.61 15.14 37.47
C ILE E 84 3.01 14.26 36.26
N ALA E 85 4.13 14.55 35.56
CA ALA E 85 4.58 13.76 34.39
C ALA E 85 4.80 12.27 34.69
N LEU E 86 5.27 11.91 35.89
CA LEU E 86 5.54 10.51 36.26
C LEU E 86 4.25 9.76 36.60
N GLU E 87 3.37 10.36 37.42
CA GLU E 87 2.12 9.71 37.83
C GLU E 87 1.14 9.59 36.66
N LEU E 88 1.11 10.60 35.77
CA LEU E 88 0.24 10.61 34.59
C LEU E 88 0.73 9.61 33.52
N LEU E 89 2.05 9.29 33.50
CA LEU E 89 2.61 8.30 32.57
C LEU E 89 2.14 6.91 32.96
N MET E 90 2.22 6.57 34.26
CA MET E 90 1.78 5.28 34.80
C MET E 90 0.28 5.07 34.57
N ALA E 91 -0.52 6.16 34.66
CA ALA E 91 -1.96 6.11 34.41
C ALA E 91 -2.22 5.87 32.93
N ALA E 92 -1.52 6.59 32.04
CA ALA E 92 -1.65 6.46 30.58
C ALA E 92 -1.31 5.06 30.07
N ASN E 93 -0.27 4.42 30.66
CA ASN E 93 0.15 3.07 30.27
C ASN E 93 -0.89 2.04 30.71
N PHE E 94 -1.42 2.19 31.94
CA PHE E 94 -2.45 1.30 32.48
C PHE E 94 -3.76 1.50 31.70
N LEU E 95 -4.11 2.77 31.42
CA LEU E 95 -5.33 3.08 30.67
C LEU E 95 -5.24 2.77 29.17
N ASP E 96 -4.02 2.74 28.58
CA ASP E 96 -3.80 2.48 27.15
C ASP E 96 -4.47 3.60 26.32
N CYS E 97 -3.95 4.82 26.46
CA CYS E 97 -4.48 6.01 25.77
C CYS E 97 -3.34 6.94 25.35
N PRO F 10 14.23 1.34 -3.16
CA PRO F 10 13.25 1.66 -2.11
C PRO F 10 11.99 2.30 -2.67
N VAL F 11 10.85 2.06 -2.00
CA VAL F 11 9.55 2.57 -2.41
C VAL F 11 9.42 4.07 -2.08
N LEU F 12 9.93 4.50 -0.90
CA LEU F 12 9.90 5.90 -0.46
C LEU F 12 11.20 6.62 -0.83
N ARG F 13 11.18 7.38 -1.92
CA ARG F 13 12.33 8.15 -2.40
C ARG F 13 11.89 9.26 -3.34
N SER F 14 12.81 10.19 -3.65
CA SER F 14 12.55 11.29 -4.58
C SER F 14 12.54 10.78 -6.01
N VAL F 15 11.71 11.39 -6.86
CA VAL F 15 11.68 11.08 -8.29
C VAL F 15 12.45 12.22 -8.94
N ASN F 16 13.51 11.91 -9.71
CA ASN F 16 14.30 12.94 -10.39
C ASN F 16 13.50 13.51 -11.57
N SER F 17 12.56 14.41 -11.26
CA SER F 17 11.70 15.06 -12.25
C SER F 17 12.46 16.15 -12.97
N ARG F 18 13.24 16.95 -12.21
CA ARG F 18 14.04 18.07 -12.71
C ARG F 18 13.15 19.26 -13.17
N GLU F 19 11.88 19.31 -12.70
CA GLU F 19 10.94 20.38 -13.01
C GLU F 19 10.79 21.25 -11.75
N PRO F 20 11.25 22.52 -11.73
CA PRO F 20 11.14 23.33 -10.50
C PRO F 20 9.74 23.41 -9.89
N SER F 21 9.68 23.41 -8.54
CA SER F 21 8.42 23.44 -7.78
C SER F 21 8.57 24.30 -6.52
N GLN F 22 8.01 25.52 -6.54
CA GLN F 22 8.07 26.44 -5.39
C GLN F 22 7.09 25.98 -4.29
N VAL F 23 7.60 25.80 -3.05
CA VAL F 23 6.82 25.31 -1.90
C VAL F 23 6.89 26.29 -0.72
N ILE F 24 5.85 26.31 0.13
CA ILE F 24 5.80 27.15 1.33
C ILE F 24 5.76 26.25 2.56
N PHE F 25 6.89 26.14 3.29
CA PHE F 25 6.97 25.37 4.53
C PHE F 25 6.51 26.29 5.64
N CYS F 26 5.37 25.94 6.27
CA CYS F 26 4.70 26.72 7.32
C CYS F 26 4.65 25.93 8.64
N ASN F 27 5.47 26.33 9.61
CA ASN F 27 5.56 25.66 10.91
C ASN F 27 4.45 26.14 11.87
N ARG F 28 3.35 25.36 11.99
CA ARG F 28 2.25 25.65 12.92
C ARG F 28 2.32 24.68 14.09
N SER F 29 3.39 24.78 14.89
CA SER F 29 3.57 23.93 16.06
C SER F 29 4.53 24.61 17.05
N PRO F 30 4.46 24.32 18.37
CA PRO F 30 5.41 24.95 19.30
C PRO F 30 6.82 24.32 19.31
N ARG F 31 7.16 23.47 18.32
CA ARG F 31 8.45 22.77 18.22
C ARG F 31 9.34 23.41 17.15
N VAL F 32 10.67 23.16 17.24
CA VAL F 32 11.62 23.63 16.24
C VAL F 32 11.61 22.55 15.14
N VAL F 33 10.79 22.75 14.10
CA VAL F 33 10.64 21.77 13.01
C VAL F 33 11.93 21.65 12.19
N LEU F 34 12.27 20.42 11.80
CA LEU F 34 13.45 20.09 11.00
C LEU F 34 12.97 19.42 9.70
N PRO F 35 13.03 20.10 8.53
CA PRO F 35 12.63 19.43 7.28
C PRO F 35 13.60 18.32 6.89
N VAL F 36 13.07 17.12 6.55
CA VAL F 36 13.87 15.97 6.17
C VAL F 36 13.51 15.58 4.73
N TRP F 37 14.49 15.65 3.82
CA TRP F 37 14.30 15.30 2.40
C TRP F 37 14.79 13.88 2.16
N LEU F 38 13.95 13.01 1.57
CA LEU F 38 14.36 11.65 1.23
C LEU F 38 14.95 11.74 -0.17
N ASN F 39 16.27 11.52 -0.29
CA ASN F 39 17.00 11.65 -1.56
C ASN F 39 16.64 10.56 -2.61
N PHE F 40 17.32 10.60 -3.78
CA PHE F 40 17.05 9.66 -4.87
C PHE F 40 17.41 8.19 -4.56
N ASP F 41 18.22 7.93 -3.50
CA ASP F 41 18.57 6.57 -3.05
C ASP F 41 17.73 6.14 -1.82
N GLY F 42 16.73 6.94 -1.43
CA GLY F 42 15.84 6.65 -0.31
C GLY F 42 16.33 7.07 1.07
N GLU F 43 17.58 7.54 1.21
CA GLU F 43 18.11 7.93 2.53
C GLU F 43 17.63 9.33 2.93
N PRO F 44 17.37 9.59 4.24
CA PRO F 44 16.95 10.94 4.63
C PRO F 44 18.13 11.93 4.70
N GLN F 45 17.83 13.24 4.56
CA GLN F 45 18.83 14.31 4.61
C GLN F 45 18.27 15.52 5.37
N PRO F 46 19.01 16.08 6.35
CA PRO F 46 18.49 17.25 7.07
C PRO F 46 18.61 18.55 6.29
N TYR F 47 17.78 19.54 6.63
CA TYR F 47 17.75 20.87 6.01
C TYR F 47 17.62 21.94 7.10
N PRO F 48 17.84 23.25 6.80
CA PRO F 48 17.75 24.27 7.86
C PRO F 48 16.44 24.25 8.66
N THR F 49 16.55 24.34 9.99
CA THR F 49 15.39 24.28 10.89
C THR F 49 14.48 25.50 10.78
N LEU F 50 13.22 25.34 11.20
CA LEU F 50 12.19 26.37 11.17
C LEU F 50 11.74 26.73 12.59
N PRO F 51 12.04 27.95 13.11
CA PRO F 51 11.57 28.28 14.48
C PRO F 51 10.04 28.27 14.62
N PRO F 52 9.48 28.10 15.84
CA PRO F 52 8.02 28.06 15.97
C PRO F 52 7.27 29.29 15.46
N GLY F 53 6.24 29.06 14.63
CA GLY F 53 5.42 30.12 14.06
C GLY F 53 6.08 30.93 12.97
N THR F 54 6.86 30.26 12.11
CA THR F 54 7.55 30.88 10.98
C THR F 54 7.07 30.26 9.68
N GLY F 55 7.32 30.95 8.57
CA GLY F 55 7.02 30.46 7.25
C GLY F 55 8.04 30.95 6.24
N ARG F 56 8.59 30.02 5.43
CA ARG F 56 9.64 30.33 4.45
C ARG F 56 9.30 29.83 3.06
N ARG F 57 9.56 30.68 2.03
CA ARG F 57 9.36 30.33 0.63
C ARG F 57 10.62 29.62 0.17
N ILE F 58 10.52 28.33 -0.22
CA ILE F 58 11.68 27.53 -0.64
C ILE F 58 11.58 27.13 -2.11
N HIS F 59 12.66 26.55 -2.63
CA HIS F 59 12.74 26.03 -3.99
C HIS F 59 12.91 24.51 -3.91
N SER F 60 11.94 23.76 -4.47
CA SER F 60 11.95 22.30 -4.50
C SER F 60 11.67 21.84 -5.93
N TYR F 61 11.41 20.53 -6.14
CA TYR F 61 11.13 19.97 -7.45
C TYR F 61 9.91 19.04 -7.39
N ARG F 62 9.40 18.57 -8.54
CA ARG F 62 8.22 17.70 -8.57
C ARG F 62 8.52 16.28 -8.11
N GLY F 63 7.65 15.71 -7.28
CA GLY F 63 7.81 14.35 -6.78
C GLY F 63 9.07 14.11 -5.97
N HIS F 64 9.45 15.07 -5.12
CA HIS F 64 10.69 15.02 -4.33
C HIS F 64 10.54 14.51 -2.87
N LEU F 65 9.36 13.99 -2.47
CA LEU F 65 9.09 13.38 -1.16
C LEU F 65 9.79 14.01 0.09
N TRP F 66 9.02 14.67 0.97
CA TRP F 66 9.51 15.28 2.21
C TRP F 66 8.91 14.61 3.44
N LEU F 67 9.52 14.91 4.60
CA LEU F 67 9.12 14.38 5.90
C LEU F 67 9.54 15.42 6.94
N PHE F 68 8.75 15.64 8.01
CA PHE F 68 9.08 16.65 9.02
C PHE F 68 9.09 16.09 10.44
N ARG F 69 10.17 16.36 11.20
CA ARG F 69 10.34 15.90 12.57
C ARG F 69 10.83 17.06 13.44
N ASP F 70 10.93 16.84 14.76
CA ASP F 70 11.45 17.85 15.70
C ASP F 70 12.97 17.89 15.55
N ALA F 71 13.58 19.07 15.73
CA ALA F 71 15.03 19.24 15.60
C ALA F 71 15.83 18.52 16.68
N GLY F 72 15.36 18.59 17.94
CA GLY F 72 16.04 17.98 19.08
C GLY F 72 15.60 16.56 19.40
N THR F 73 14.29 16.37 19.64
CA THR F 73 13.72 15.08 20.04
C THR F 73 13.40 14.11 18.89
N HIS F 74 13.38 14.58 17.62
CA HIS F 74 13.05 13.79 16.43
C HIS F 74 11.62 13.17 16.45
N ASP F 75 10.69 13.73 17.26
CA ASP F 75 9.30 13.25 17.29
C ASP F 75 8.61 13.55 15.96
N GLY F 76 7.70 12.67 15.54
CA GLY F 76 6.98 12.82 14.28
C GLY F 76 6.01 13.97 14.26
N LEU F 77 5.93 14.69 13.12
CA LEU F 77 5.04 15.83 12.92
C LEU F 77 4.28 15.67 11.61
N LEU F 78 2.96 15.90 11.63
CA LEU F 78 2.14 15.78 10.42
C LEU F 78 2.36 16.98 9.52
N VAL F 79 2.11 16.78 8.21
CA VAL F 79 2.18 17.80 7.15
C VAL F 79 0.91 17.61 6.28
N ASN F 80 0.00 18.59 6.32
CA ASN F 80 -1.33 18.58 5.70
C ASN F 80 -2.15 17.37 6.19
N GLN F 81 -2.12 17.09 7.51
CA GLN F 81 -2.80 15.95 8.15
C GLN F 81 -2.37 14.58 7.61
N THR F 82 -1.08 14.43 7.28
CA THR F 82 -0.50 13.16 6.81
C THR F 82 0.98 13.09 7.17
N GLU F 83 1.55 11.91 6.99
CA GLU F 83 2.93 11.59 7.35
C GLU F 83 3.95 12.23 6.42
N LEU F 84 3.84 11.95 5.11
CA LEU F 84 4.77 12.45 4.09
C LEU F 84 4.12 13.55 3.22
N PHE F 85 4.97 14.32 2.51
CA PHE F 85 4.54 15.41 1.63
C PHE F 85 5.25 15.30 0.28
N VAL F 86 4.49 15.34 -0.82
CA VAL F 86 5.01 15.27 -2.18
C VAL F 86 4.58 16.55 -2.91
N PRO F 87 5.51 17.48 -3.22
CA PRO F 87 5.11 18.70 -3.93
C PRO F 87 4.75 18.42 -5.39
N SER F 88 3.49 18.70 -5.78
CA SER F 88 3.02 18.50 -7.15
C SER F 88 3.51 19.65 -8.03
N LEU F 89 3.41 19.51 -9.36
CA LEU F 89 3.87 20.54 -10.29
C LEU F 89 2.97 21.79 -10.19
N ASN F 90 3.57 22.99 -10.23
CA ASN F 90 2.82 24.24 -10.14
C ASN F 90 1.90 24.43 -11.35
N VAL F 91 0.77 25.12 -11.13
CA VAL F 91 -0.24 25.36 -12.18
C VAL F 91 0.08 26.67 -12.92
N ASP F 92 -0.45 27.84 -12.47
CA ASP F 92 -0.16 29.14 -13.09
C ASP F 92 0.65 29.95 -12.09
N GLY F 93 1.79 29.39 -11.69
CA GLY F 93 2.70 30.01 -10.74
C GLY F 93 2.21 30.04 -9.30
N GLN F 94 1.23 29.16 -8.94
CA GLN F 94 0.69 29.12 -7.58
C GLN F 94 1.62 28.32 -6.67
N PRO F 95 2.17 28.89 -5.58
CA PRO F 95 2.99 28.08 -4.65
C PRO F 95 2.19 26.95 -3.99
N ILE F 96 2.85 25.81 -3.73
CA ILE F 96 2.25 24.66 -3.05
C ILE F 96 2.45 24.93 -1.55
N PHE F 97 1.42 24.68 -0.73
CA PHE F 97 1.49 24.95 0.71
C PHE F 97 1.63 23.67 1.52
N ALA F 98 2.56 23.69 2.51
CA ALA F 98 2.83 22.56 3.40
C ALA F 98 2.61 23.00 4.85
N ASN F 99 1.38 22.78 5.35
CA ASN F 99 1.01 23.15 6.73
C ASN F 99 1.52 22.06 7.67
N ILE F 100 2.57 22.39 8.44
CA ILE F 100 3.21 21.45 9.37
C ILE F 100 2.58 21.63 10.74
N THR F 101 1.88 20.60 11.25
CA THR F 101 1.16 20.62 12.52
C THR F 101 1.57 19.48 13.44
N LEU F 102 1.20 19.60 14.73
CA LEU F 102 1.48 18.57 15.73
C LEU F 102 0.48 17.42 15.57
N PRO F 103 0.89 16.14 15.66
CA PRO F 103 -0.11 15.06 15.63
C PRO F 103 -0.77 14.95 16.99
N VAL F 104 -1.98 14.37 17.06
CA VAL F 104 -2.66 14.18 18.34
C VAL F 104 -2.02 12.94 18.98
N TYR F 105 -0.88 13.17 19.67
CA TYR F 105 -0.10 12.11 20.31
C TYR F 105 -0.91 11.36 21.37
N THR F 106 -0.64 10.06 21.55
CA THR F 106 -1.29 9.26 22.58
C THR F 106 -0.74 9.75 23.92
N LEU F 107 -1.60 9.85 24.96
CA LEU F 107 -1.17 10.34 26.29
C LEU F 107 0.07 9.60 26.79
N LYS F 108 0.20 8.29 26.48
CA LYS F 108 1.38 7.51 26.85
C LYS F 108 2.60 8.10 26.15
N GLU F 109 2.58 8.17 24.80
CA GLU F 109 3.68 8.72 24.02
C GLU F 109 3.98 10.18 24.36
N ARG F 110 2.95 11.00 24.62
CA ARG F 110 3.15 12.40 25.00
C ARG F 110 3.82 12.46 26.38
N CYS F 111 3.39 11.60 27.34
CA CYS F 111 4.01 11.56 28.66
C CYS F 111 5.48 11.12 28.59
N LEU F 112 5.83 10.21 27.67
CA LEU F 112 7.23 9.76 27.51
C LEU F 112 8.11 10.95 27.12
N GLN F 113 7.69 11.73 26.11
CA GLN F 113 8.41 12.91 25.61
C GLN F 113 8.75 13.92 26.69
N VAL F 114 7.83 14.14 27.65
CA VAL F 114 8.04 15.11 28.74
C VAL F 114 9.07 14.57 29.71
N VAL F 115 9.00 13.26 30.06
CA VAL F 115 9.97 12.64 30.96
C VAL F 115 11.34 12.53 30.25
N ARG F 116 11.36 12.26 28.92
CA ARG F 116 12.59 12.18 28.12
C ARG F 116 13.36 13.51 28.13
N SER F 117 12.64 14.65 28.08
CA SER F 117 13.27 15.97 28.09
C SER F 117 13.82 16.36 29.48
N LEU F 118 13.12 15.96 30.56
CA LEU F 118 13.52 16.29 31.93
C LEU F 118 14.62 15.36 32.47
N VAL F 119 14.59 14.07 32.12
CA VAL F 119 15.52 13.05 32.61
C VAL F 119 16.60 12.72 31.56
N LYS F 120 17.83 12.41 32.02
CA LYS F 120 18.96 12.07 31.14
C LYS F 120 18.86 10.60 30.69
N PRO F 121 19.48 10.20 29.56
CA PRO F 121 19.42 8.80 29.12
C PRO F 121 19.95 7.76 30.11
N GLU F 122 20.97 8.11 30.90
CA GLU F 122 21.57 7.20 31.88
C GLU F 122 20.71 7.03 33.13
N ASN F 123 19.91 8.07 33.49
CA ASN F 123 19.10 8.07 34.71
C ASN F 123 17.64 7.60 34.55
N TYR F 124 17.26 6.96 33.42
CA TYR F 124 15.88 6.46 33.27
C TYR F 124 15.63 5.32 34.28
N ARG F 125 16.65 4.48 34.52
CA ARG F 125 16.57 3.34 35.46
C ARG F 125 16.34 3.73 36.94
N ARG F 126 16.70 4.96 37.35
CA ARG F 126 16.53 5.40 38.74
C ARG F 126 15.11 5.93 39.06
N LEU F 127 14.20 6.02 38.06
CA LEU F 127 12.85 6.54 38.32
C LEU F 127 11.97 5.47 38.98
N ASP F 128 10.97 5.91 39.77
CA ASP F 128 10.06 5.02 40.47
C ASP F 128 8.86 4.66 39.55
N ILE F 129 9.10 3.75 38.59
CA ILE F 129 8.10 3.29 37.62
C ILE F 129 8.24 1.77 37.39
N VAL F 130 7.27 1.18 36.66
CA VAL F 130 7.27 -0.26 36.37
C VAL F 130 8.40 -0.61 35.35
N ARG F 131 8.85 -1.88 35.29
CA ARG F 131 9.93 -2.27 34.38
C ARG F 131 9.59 -2.06 32.90
N SER F 132 8.34 -2.30 32.47
CA SER F 132 7.98 -2.12 31.06
C SER F 132 8.10 -0.65 30.57
N LEU F 133 7.96 0.33 31.48
CA LEU F 133 8.06 1.75 31.11
C LEU F 133 9.51 2.21 30.85
N TYR F 134 10.51 1.58 31.49
CA TYR F 134 11.93 1.92 31.26
C TYR F 134 12.26 1.64 29.79
N GLU F 135 11.81 0.48 29.29
CA GLU F 135 12.07 0.02 27.91
C GLU F 135 11.35 0.91 26.88
N ASP F 136 10.14 1.39 27.23
CA ASP F 136 9.36 2.29 26.38
C ASP F 136 10.01 3.68 26.36
N LEU F 137 10.63 4.11 27.50
CA LEU F 137 11.33 5.40 27.60
C LEU F 137 12.57 5.42 26.69
N GLU F 138 13.41 4.36 26.74
CA GLU F 138 14.63 4.30 25.90
C GLU F 138 14.29 4.06 24.41
N ASP F 139 13.08 3.55 24.07
CA ASP F 139 12.66 3.41 22.67
C ASP F 139 12.32 4.83 22.12
N HIS F 140 13.37 5.59 21.75
CA HIS F 140 13.25 6.98 21.27
C HIS F 140 12.63 7.08 19.87
N PRO F 141 12.10 8.27 19.48
CA PRO F 141 11.61 8.43 18.10
C PRO F 141 12.77 8.44 17.08
N ASN F 142 12.66 7.64 16.00
CA ASN F 142 13.71 7.49 14.99
C ASN F 142 13.13 7.64 13.57
N VAL F 143 13.91 8.19 12.62
CA VAL F 143 13.47 8.43 11.24
C VAL F 143 13.44 7.13 10.44
N GLN F 144 14.53 6.34 10.49
CA GLN F 144 14.65 5.07 9.76
C GLN F 144 13.58 4.07 10.20
N LYS F 145 13.27 4.03 11.50
CA LYS F 145 12.24 3.13 12.07
C LYS F 145 10.87 3.47 11.47
N ASP F 146 10.51 4.78 11.43
CA ASP F 146 9.24 5.24 10.86
C ASP F 146 9.18 5.05 9.34
N LEU F 147 10.33 5.15 8.64
CA LEU F 147 10.37 4.92 7.19
C LEU F 147 10.12 3.45 6.86
N GLU F 148 10.61 2.51 7.71
CA GLU F 148 10.36 1.07 7.52
C GLU F 148 8.86 0.80 7.73
N ARG F 149 8.24 1.51 8.70
CA ARG F 149 6.80 1.42 8.96
C ARG F 149 6.02 2.00 7.78
N LEU F 150 6.42 3.19 7.27
CA LEU F 150 5.78 3.83 6.12
C LEU F 150 5.98 3.02 4.82
N THR F 151 7.13 2.33 4.69
CA THR F 151 7.42 1.46 3.53
C THR F 151 6.48 0.25 3.59
N GLN F 152 6.23 -0.29 4.80
CA GLN F 152 5.33 -1.43 4.98
C GLN F 152 3.86 -1.02 4.78
N GLU F 153 3.51 0.26 5.06
CA GLU F 153 2.15 0.77 4.85
C GLU F 153 1.74 0.84 3.36
N ARG F 154 2.71 0.82 2.41
CA ARG F 154 2.40 0.86 0.98
C ARG F 154 1.80 -0.50 0.59
N ILE F 155 0.49 -0.54 0.28
CA ILE F 155 -0.21 -1.79 -0.06
C ILE F 155 -1.30 -1.55 -1.11
N ALA F 156 -1.64 -2.58 -1.90
CA ALA F 156 -2.67 -2.51 -2.93
C ALA F 156 -3.27 -3.89 -3.21
N MET G 1 12.45 37.09 19.44
CA MET G 1 11.32 37.73 18.76
C MET G 1 11.56 39.24 18.67
N ASP G 2 11.07 39.86 17.59
CA ASP G 2 11.25 41.30 17.36
C ASP G 2 10.32 42.15 18.21
N VAL G 3 10.78 43.35 18.60
CA VAL G 3 10.01 44.32 19.38
C VAL G 3 10.09 45.67 18.68
N PHE G 4 8.94 46.18 18.20
CA PHE G 4 8.86 47.44 17.46
C PHE G 4 8.42 48.50 18.45
N LEU G 5 9.23 49.56 18.60
CA LEU G 5 8.98 50.61 19.60
C LEU G 5 9.35 52.01 19.11
N MET G 6 8.84 53.02 19.85
CA MET G 6 9.06 54.46 19.60
C MET G 6 9.89 55.05 20.74
N ILE G 7 11.11 55.56 20.46
CA ILE G 7 11.93 56.21 21.48
C ILE G 7 11.58 57.69 21.40
N ARG G 8 10.86 58.20 22.40
CA ARG G 8 10.35 59.58 22.43
C ARG G 8 11.05 60.52 23.41
N ARG G 9 11.20 61.80 23.00
CA ARG G 9 11.74 62.88 23.82
C ARG G 9 11.25 64.21 23.25
N HIS G 10 10.63 65.06 24.09
CA HIS G 10 10.09 66.35 23.67
C HIS G 10 9.25 66.20 22.39
N LYS G 11 9.76 66.65 21.22
CA LYS G 11 9.07 66.52 19.93
C LYS G 11 9.73 65.47 19.00
N THR G 12 10.93 64.96 19.36
CA THR G 12 11.63 63.94 18.59
C THR G 12 11.06 62.57 18.91
N THR G 13 10.70 61.78 17.87
CA THR G 13 10.14 60.44 18.03
C THR G 13 10.87 59.48 17.07
N ILE G 14 11.74 58.61 17.61
CA ILE G 14 12.51 57.67 16.78
C ILE G 14 11.75 56.35 16.64
N PHE G 15 11.47 55.92 15.40
CA PHE G 15 10.82 54.63 15.12
C PHE G 15 11.93 53.64 14.78
N THR G 16 12.06 52.56 15.56
CA THR G 16 13.08 51.54 15.32
C THR G 16 12.62 50.16 15.80
N ASP G 17 13.44 49.14 15.54
CA ASP G 17 13.16 47.76 15.92
C ASP G 17 14.35 47.14 16.65
N ALA G 18 14.07 46.30 17.65
CA ALA G 18 15.08 45.59 18.44
C ALA G 18 14.56 44.20 18.76
N LYS G 19 15.34 43.39 19.48
CA LYS G 19 14.94 42.04 19.88
C LYS G 19 14.68 41.97 21.37
N GLU G 20 13.89 40.98 21.81
CA GLU G 20 13.58 40.78 23.23
C GLU G 20 14.85 40.45 24.02
N SER G 21 15.79 39.71 23.41
CA SER G 21 17.05 39.34 24.06
C SER G 21 18.05 40.50 24.17
N SER G 22 17.96 41.54 23.32
CA SER G 22 18.89 42.68 23.36
C SER G 22 18.72 43.50 24.65
N THR G 23 19.83 44.08 25.13
CA THR G 23 19.87 44.87 26.36
C THR G 23 19.36 46.30 26.17
N VAL G 24 19.13 47.01 27.28
CA VAL G 24 18.72 48.42 27.28
C VAL G 24 19.94 49.25 26.82
N PHE G 25 21.17 48.79 27.15
CA PHE G 25 22.41 49.42 26.71
C PHE G 25 22.52 49.41 25.18
N GLU G 26 22.13 48.28 24.54
CA GLU G 26 22.15 48.18 23.08
C GLU G 26 21.13 49.15 22.45
N LEU G 27 20.03 49.46 23.14
CA LEU G 27 19.04 50.43 22.66
C LEU G 27 19.62 51.86 22.78
N LYS G 28 20.46 52.13 23.80
CA LYS G 28 21.14 53.42 23.93
C LYS G 28 22.19 53.57 22.83
N ARG G 29 22.86 52.45 22.42
CA ARG G 29 23.84 52.46 21.33
C ARG G 29 23.16 52.76 19.98
N ILE G 30 21.88 52.34 19.82
CA ILE G 30 21.12 52.65 18.61
C ILE G 30 20.80 54.15 18.61
N VAL G 31 20.32 54.68 19.76
CA VAL G 31 20.02 56.11 19.92
C VAL G 31 21.29 56.95 19.70
N GLU G 32 22.49 56.44 20.09
CA GLU G 32 23.76 57.11 19.86
C GLU G 32 24.06 57.27 18.36
N GLY G 33 23.81 56.22 17.57
CA GLY G 33 24.02 56.27 16.13
C GLY G 33 23.10 57.22 15.39
N ILE G 34 21.90 57.53 15.96
CA ILE G 34 20.91 58.43 15.37
C ILE G 34 21.11 59.88 15.82
N LEU G 35 21.01 60.16 17.14
CA LEU G 35 21.15 61.53 17.69
C LEU G 35 22.59 61.98 18.00
N LYS G 36 23.60 61.08 17.95
CA LYS G 36 25.02 61.44 18.18
C LYS G 36 25.31 61.90 19.63
N ARG G 37 24.86 61.11 20.64
CA ARG G 37 25.09 61.38 22.07
C ARG G 37 25.53 60.08 22.77
N PRO G 38 26.60 60.04 23.62
CA PRO G 38 27.00 58.76 24.23
C PRO G 38 25.96 58.08 25.15
N PRO G 39 26.08 56.76 25.42
CA PRO G 39 25.10 56.09 26.30
C PRO G 39 25.07 56.61 27.74
N ASP G 40 26.23 57.05 28.27
CA ASP G 40 26.32 57.61 29.63
C ASP G 40 25.61 58.96 29.76
N GLU G 41 25.44 59.68 28.63
CA GLU G 41 24.77 60.97 28.58
C GLU G 41 23.23 60.84 28.46
N GLN G 42 22.65 59.62 28.50
CA GLN G 42 21.19 59.41 28.39
C GLN G 42 20.69 58.29 29.30
N ARG G 43 19.39 58.35 29.68
CA ARG G 43 18.74 57.33 30.49
C ARG G 43 17.29 57.11 30.00
N LEU G 44 16.95 55.88 29.58
CA LEU G 44 15.63 55.54 29.03
C LEU G 44 14.65 55.12 30.14
N TYR G 45 13.35 55.43 29.95
CA TYR G 45 12.29 55.12 30.93
C TYR G 45 11.08 54.45 30.27
N LYS G 46 10.52 53.40 30.92
CA LYS G 46 9.26 52.78 30.48
C LYS G 46 8.17 53.49 31.28
N ASP G 47 7.28 54.25 30.60
CA ASP G 47 6.24 55.07 31.22
C ASP G 47 6.88 56.10 32.17
N ASP G 48 7.11 55.72 33.45
CA ASP G 48 7.79 56.58 34.43
C ASP G 48 8.92 55.86 35.21
N GLN G 49 9.08 54.52 35.09
CA GLN G 49 10.13 53.78 35.80
C GLN G 49 11.45 53.84 35.02
N LEU G 50 12.58 53.85 35.74
CA LEU G 50 13.91 53.93 35.15
C LEU G 50 14.41 52.53 34.74
N LEU G 51 14.87 52.38 33.48
CA LEU G 51 15.38 51.11 32.96
C LEU G 51 16.89 50.97 33.19
N ASP G 52 17.35 49.84 33.75
CA ASP G 52 18.78 49.58 33.98
C ASP G 52 19.43 49.14 32.67
N ASP G 53 20.71 49.47 32.49
CA ASP G 53 21.48 49.16 31.28
C ASP G 53 21.65 47.65 31.04
N GLY G 54 21.84 46.88 32.11
CA GLY G 54 22.05 45.45 32.04
C GLY G 54 20.82 44.60 31.71
N LYS G 55 19.62 45.05 32.13
CA LYS G 55 18.38 44.28 31.90
C LYS G 55 18.00 44.26 30.42
N THR G 56 17.41 43.14 29.96
CA THR G 56 16.97 42.97 28.58
C THR G 56 15.63 43.66 28.37
N LEU G 57 15.24 43.93 27.11
CA LEU G 57 13.94 44.56 26.81
C LEU G 57 12.77 43.67 27.25
N GLY G 58 12.93 42.34 27.14
CA GLY G 58 11.94 41.37 27.60
C GLY G 58 11.72 41.42 29.10
N GLU G 59 12.81 41.67 29.87
CA GLU G 59 12.75 41.80 31.34
C GLU G 59 12.02 43.09 31.75
N CYS G 60 12.14 44.17 30.96
CA CYS G 60 11.48 45.45 31.23
C CYS G 60 9.97 45.43 30.96
N GLY G 61 9.47 44.43 30.24
CA GLY G 61 8.07 44.29 29.90
C GLY G 61 7.74 44.47 28.42
N PHE G 62 8.76 44.51 27.54
CA PHE G 62 8.56 44.68 26.09
C PHE G 62 8.59 43.30 25.40
N THR G 63 7.43 42.69 25.18
CA THR G 63 7.31 41.41 24.47
C THR G 63 6.77 41.68 23.06
N SER G 64 6.84 40.69 22.17
CA SER G 64 6.38 40.85 20.78
C SER G 64 4.87 41.12 20.64
N GLN G 65 4.05 40.74 21.63
CA GLN G 65 2.60 40.96 21.60
C GLN G 65 2.22 42.42 21.89
N THR G 66 2.84 43.04 22.92
CA THR G 66 2.56 44.44 23.29
C THR G 66 3.30 45.46 22.41
N ALA G 67 4.42 45.06 21.77
CA ALA G 67 5.24 45.93 20.92
C ALA G 67 5.23 45.43 19.46
N ARG G 68 4.10 45.60 18.77
CA ARG G 68 3.91 45.17 17.38
C ARG G 68 4.23 46.30 16.40
N PRO G 69 4.51 46.02 15.11
CA PRO G 69 4.79 47.12 14.15
C PRO G 69 3.66 48.14 14.03
N GLN G 70 2.41 47.65 13.97
CA GLN G 70 1.22 48.49 13.83
C GLN G 70 0.91 49.33 15.09
N ALA G 71 1.34 48.87 16.29
CA ALA G 71 1.12 49.58 17.55
C ALA G 71 2.41 49.52 18.40
N PRO G 72 3.46 50.29 18.03
CA PRO G 72 4.71 50.24 18.78
C PRO G 72 4.62 50.76 20.21
N ALA G 73 5.42 50.16 21.13
CA ALA G 73 5.44 50.56 22.53
C ALA G 73 6.27 51.83 22.71
N THR G 74 5.75 52.79 23.47
CA THR G 74 6.43 54.07 23.70
C THR G 74 7.54 53.93 24.74
N VAL G 75 8.72 54.51 24.45
CA VAL G 75 9.90 54.50 25.33
C VAL G 75 10.29 55.95 25.59
N GLY G 76 10.61 56.27 26.84
CA GLY G 76 11.05 57.60 27.25
C GLY G 76 12.53 57.81 27.02
N LEU G 77 12.98 59.08 27.08
CA LEU G 77 14.40 59.41 26.90
C LEU G 77 14.72 60.81 27.45
N ALA G 78 15.91 60.95 28.07
CA ALA G 78 16.42 62.20 28.64
C ALA G 78 17.91 62.30 28.31
N PHE G 79 18.51 63.50 28.48
CA PHE G 79 19.94 63.73 28.24
C PHE G 79 20.57 64.51 29.40
N ARG G 80 21.88 64.30 29.65
CA ARG G 80 22.58 64.98 30.74
C ARG G 80 22.93 66.42 30.42
N ALA G 81 22.53 67.36 31.30
CA ALA G 81 22.82 68.79 31.16
C ALA G 81 24.14 69.10 31.87
N ASP G 82 25.26 68.68 31.26
CA ASP G 82 26.63 68.86 31.78
C ASP G 82 26.93 67.97 33.00
N ASP G 83 26.24 68.19 34.15
CA ASP G 83 26.44 67.40 35.37
C ASP G 83 25.17 66.64 35.81
N THR G 84 24.01 67.33 35.88
CA THR G 84 22.74 66.70 36.28
C THR G 84 21.89 66.37 35.06
N PHE G 85 20.99 65.39 35.20
CA PHE G 85 20.10 64.95 34.12
C PHE G 85 18.87 65.83 33.99
N GLU G 86 18.36 66.00 32.74
CA GLU G 86 17.17 66.82 32.51
C GLU G 86 15.93 66.03 32.95
N ALA G 87 14.85 66.75 33.28
CA ALA G 87 13.59 66.14 33.72
C ALA G 87 12.88 65.47 32.54
N LEU G 88 12.36 64.25 32.74
CA LEU G 88 11.67 63.49 31.69
C LEU G 88 10.43 64.24 31.18
N CYS G 89 10.42 64.63 29.89
CA CYS G 89 9.31 65.38 29.29
C CYS G 89 9.05 64.91 27.85
N ILE G 90 7.80 64.51 27.57
CA ILE G 90 7.34 64.08 26.25
C ILE G 90 6.12 64.94 25.90
N GLU G 91 6.19 65.69 24.79
CA GLU G 91 5.06 66.52 24.35
C GLU G 91 4.03 65.60 23.69
N PRO G 92 2.76 65.57 24.16
CA PRO G 92 1.78 64.66 23.52
C PRO G 92 1.40 65.09 22.09
N PHE G 93 0.83 64.15 21.32
CA PHE G 93 0.41 64.42 19.95
C PHE G 93 -0.86 65.28 19.95
N SER G 94 -1.21 65.83 18.77
CA SER G 94 -2.39 66.68 18.63
C SER G 94 -3.67 65.84 18.76
N SER G 95 -4.67 66.34 19.50
CA SER G 95 -5.92 65.62 19.70
C SER G 95 -6.72 65.58 18.40
N PRO G 96 -7.32 64.43 18.03
CA PRO G 96 -8.09 64.37 16.77
C PRO G 96 -9.39 65.18 16.82
N PRO G 97 -10.00 65.48 15.66
CA PRO G 97 -11.27 66.23 15.68
C PRO G 97 -12.40 65.37 16.23
N GLU G 98 -13.40 66.02 16.86
CA GLU G 98 -14.52 65.31 17.48
C GLU G 98 -15.26 64.49 16.42
N LEU G 99 -15.46 63.18 16.69
CA LEU G 99 -16.14 62.22 15.80
C LEU G 99 -17.30 62.85 15.01
N PRO G 100 -17.37 62.75 13.65
CA PRO G 100 -18.51 63.34 12.93
C PRO G 100 -19.84 62.69 13.30
N ASP G 101 -20.95 63.41 13.05
CA ASP G 101 -22.31 62.90 13.29
C ASP G 101 -22.64 61.69 12.42
N VAL G 102 -21.93 61.51 11.28
CA VAL G 102 -22.16 60.39 10.37
C VAL G 102 -21.52 59.11 10.94
N MET G 103 -20.29 59.21 11.48
CA MET G 103 -19.56 58.05 12.01
C MET G 103 -19.93 57.81 13.49
N LYS G 104 -21.17 57.34 13.73
CA LYS G 104 -21.68 57.07 15.08
C LYS G 104 -22.56 55.81 15.07
N MET H 2 20.56 53.94 7.60
CA MET H 2 20.12 55.15 6.93
C MET H 2 18.78 55.63 7.50
N TYR H 3 18.68 56.92 7.90
CA TYR H 3 17.45 57.51 8.45
C TYR H 3 17.05 58.82 7.77
N VAL H 4 15.74 59.17 7.90
CA VAL H 4 15.15 60.41 7.36
C VAL H 4 14.22 61.04 8.39
N LYS H 5 14.26 62.38 8.53
CA LYS H 5 13.42 63.11 9.48
C LYS H 5 12.16 63.62 8.79
N LEU H 6 10.97 63.24 9.32
CA LEU H 6 9.68 63.65 8.80
C LEU H 6 9.01 64.62 9.79
N ILE H 7 8.94 65.92 9.45
CA ILE H 7 8.34 66.95 10.31
C ILE H 7 6.85 67.11 9.97
N SER H 8 6.00 67.18 11.01
CA SER H 8 4.55 67.35 10.86
C SER H 8 4.18 68.85 10.87
N SER H 9 2.88 69.16 10.75
CA SER H 9 2.39 70.55 10.75
C SER H 9 2.62 71.26 12.09
N ASP H 10 2.46 70.55 13.23
CA ASP H 10 2.63 71.13 14.56
C ASP H 10 4.08 71.06 15.11
N GLY H 11 5.05 70.67 14.28
CA GLY H 11 6.47 70.64 14.65
C GLY H 11 7.01 69.35 15.24
N HIS H 12 6.22 68.25 15.21
CA HIS H 12 6.70 66.96 15.75
C HIS H 12 7.63 66.30 14.73
N GLU H 13 8.86 65.98 15.16
CA GLU H 13 9.89 65.39 14.31
C GLU H 13 9.86 63.86 14.46
N PHE H 14 9.64 63.12 13.36
CA PHE H 14 9.60 61.66 13.38
C PHE H 14 10.77 61.10 12.58
N ILE H 15 11.68 60.38 13.26
CA ILE H 15 12.87 59.80 12.62
C ILE H 15 12.54 58.35 12.24
N VAL H 16 12.52 58.06 10.92
CA VAL H 16 12.23 56.74 10.37
C VAL H 16 13.38 56.31 9.46
N LYS H 17 13.44 55.02 9.10
CA LYS H 17 14.48 54.52 8.18
C LYS H 17 14.17 55.02 6.76
N ARG H 18 15.19 55.11 5.91
CA ARG H 18 15.01 55.59 4.55
C ARG H 18 14.16 54.61 3.73
N GLU H 19 14.46 53.29 3.79
CA GLU H 19 13.67 52.29 3.06
C GLU H 19 12.22 52.18 3.59
N HIS H 20 11.98 52.53 4.88
CA HIS H 20 10.61 52.55 5.43
C HIS H 20 9.82 53.71 4.80
N ALA H 21 10.44 54.90 4.71
CA ALA H 21 9.82 56.08 4.11
C ALA H 21 9.61 55.95 2.59
N LEU H 22 10.41 55.11 1.89
CA LEU H 22 10.26 54.90 0.43
C LEU H 22 8.96 54.17 0.06
N THR H 23 8.27 53.50 1.03
CA THR H 23 6.97 52.83 0.81
C THR H 23 5.99 53.76 0.08
N SER H 24 5.96 55.03 0.49
CA SER H 24 5.10 56.04 -0.12
C SER H 24 5.79 56.66 -1.35
N GLY H 25 5.05 56.72 -2.45
CA GLY H 25 5.51 57.25 -3.73
C GLY H 25 5.79 58.74 -3.73
N THR H 26 5.03 59.50 -2.93
CA THR H 26 5.21 60.95 -2.81
C THR H 26 6.52 61.26 -2.09
N ILE H 27 6.84 60.57 -0.96
CA ILE H 27 8.09 60.81 -0.23
C ILE H 27 9.30 60.38 -1.07
N LYS H 28 9.18 59.27 -1.84
CA LYS H 28 10.26 58.82 -2.72
C LYS H 28 10.64 59.94 -3.69
N ALA H 29 9.65 60.67 -4.22
CA ALA H 29 9.92 61.80 -5.12
C ALA H 29 10.50 63.01 -4.35
N MET H 30 9.99 63.28 -3.11
CA MET H 30 10.45 64.39 -2.25
C MET H 30 11.92 64.27 -1.83
N LEU H 31 12.38 63.05 -1.50
CA LEU H 31 13.76 62.83 -1.05
C LEU H 31 14.83 63.14 -2.13
N SER H 32 14.46 63.10 -3.42
CA SER H 32 15.36 63.44 -4.52
C SER H 32 15.49 64.96 -4.77
N GLY H 33 14.79 65.79 -3.99
CA GLY H 33 14.80 67.25 -4.14
C GLY H 33 15.77 68.01 -3.27
N PRO H 34 15.57 69.34 -3.14
CA PRO H 34 16.49 70.16 -2.32
C PRO H 34 16.53 69.78 -0.84
N PHE H 37 17.91 67.25 0.82
CA PHE H 37 19.01 66.34 0.52
C PHE H 37 20.31 66.66 1.27
N ALA H 38 20.23 67.41 2.41
CA ALA H 38 21.45 67.83 3.12
C ALA H 38 21.22 68.40 4.56
N GLU H 39 21.73 69.63 4.90
CA GLU H 39 21.67 70.28 6.20
C GLU H 39 22.47 69.51 7.27
N ASN H 40 21.98 68.36 7.73
CA ASN H 40 22.70 67.55 8.73
C ASN H 40 22.37 66.05 8.64
N GLU H 41 23.08 65.38 7.72
CA GLU H 41 23.02 63.93 7.48
C GLU H 41 21.64 63.40 7.02
N THR H 42 20.62 63.40 7.90
CA THR H 42 19.28 62.88 7.56
C THR H 42 18.49 63.87 6.71
N ASN H 43 17.76 63.38 5.69
CA ASN H 43 16.94 64.24 4.81
C ASN H 43 15.75 64.79 5.61
N GLU H 44 15.44 66.08 5.42
CA GLU H 44 14.34 66.74 6.11
C GLU H 44 13.17 66.95 5.15
N VAL H 45 11.99 66.36 5.47
CA VAL H 45 10.75 66.53 4.70
C VAL H 45 9.71 67.11 5.66
N ASN H 46 9.09 68.25 5.30
CA ASN H 46 8.07 68.90 6.11
C ASN H 46 6.68 68.72 5.50
N PHE H 47 5.67 68.47 6.34
CA PHE H 47 4.28 68.34 5.93
C PHE H 47 3.46 69.44 6.59
N ARG H 48 2.87 70.30 5.75
CA ARG H 48 2.14 71.50 6.17
C ARG H 48 0.67 71.23 6.52
N GLU H 49 0.07 70.10 6.04
CA GLU H 49 -1.33 69.76 6.29
C GLU H 49 -1.53 68.45 7.07
N ILE H 50 -0.46 67.71 7.43
CA ILE H 50 -0.58 66.43 8.16
C ILE H 50 -0.25 66.62 9.67
N PRO H 51 -1.22 66.45 10.60
CA PRO H 51 -0.88 66.56 12.04
C PRO H 51 0.00 65.43 12.56
N SER H 52 0.49 65.54 13.81
CA SER H 52 1.37 64.56 14.45
C SER H 52 0.72 63.21 14.69
N HIS H 53 -0.52 63.18 15.21
CA HIS H 53 -1.24 61.92 15.48
C HIS H 53 -1.50 61.12 14.19
N VAL H 54 -1.61 61.81 13.04
CA VAL H 54 -1.79 61.17 11.73
C VAL H 54 -0.43 60.66 11.25
N LEU H 55 0.59 61.57 11.21
CA LEU H 55 1.93 61.21 10.72
C LEU H 55 2.59 60.08 11.51
N SER H 56 2.32 59.98 12.82
CA SER H 56 2.83 58.87 13.63
C SER H 56 2.18 57.58 13.14
N LYS H 57 0.86 57.61 12.87
CA LYS H 57 0.12 56.45 12.34
C LYS H 57 0.60 56.08 10.92
N VAL H 58 1.04 57.06 10.11
CA VAL H 58 1.59 56.80 8.78
C VAL H 58 2.96 56.11 8.97
N CYS H 59 3.76 56.56 9.97
CA CYS H 59 5.06 55.94 10.27
C CYS H 59 4.86 54.52 10.85
N MET H 60 3.75 54.28 11.58
CA MET H 60 3.43 52.94 12.08
C MET H 60 3.10 52.02 10.89
N TYR H 61 2.44 52.56 9.85
CA TYR H 61 2.12 51.80 8.63
C TYR H 61 3.41 51.44 7.86
N PHE H 62 4.40 52.36 7.83
CA PHE H 62 5.67 52.10 7.12
C PHE H 62 6.43 50.94 7.77
N THR H 63 6.46 50.88 9.12
CA THR H 63 7.09 49.77 9.84
C THR H 63 6.28 48.47 9.64
N TYR H 64 4.95 48.59 9.56
CA TYR H 64 4.03 47.47 9.33
C TYR H 64 4.20 46.89 7.92
N LYS H 65 4.19 47.76 6.90
CA LYS H 65 4.32 47.39 5.47
C LYS H 65 5.61 46.59 5.22
N VAL H 66 6.78 47.23 5.42
CA VAL H 66 8.13 46.65 5.21
C VAL H 66 8.32 45.31 5.92
N ARG H 67 7.79 45.16 7.15
CA ARG H 67 7.91 43.94 7.93
C ARG H 67 7.12 42.79 7.33
N TYR H 68 5.82 43.00 7.12
CA TYR H 68 4.91 41.97 6.62
C TYR H 68 4.85 41.80 5.08
N THR H 69 5.61 42.59 4.27
CA THR H 69 5.64 42.34 2.81
C THR H 69 6.48 41.09 2.58
N ASN H 70 6.04 40.24 1.65
CA ASN H 70 6.61 38.94 1.29
C ASN H 70 6.61 37.96 2.50
N SER H 71 5.66 38.13 3.44
CA SER H 71 5.51 37.25 4.60
C SER H 71 4.73 36.03 4.14
N SER H 72 5.36 34.85 4.16
CA SER H 72 4.76 33.61 3.67
C SER H 72 3.49 33.19 4.42
N THR H 73 3.46 33.35 5.76
CA THR H 73 2.30 32.95 6.58
C THR H 73 1.89 34.04 7.57
N GLU H 74 0.56 34.19 7.72
CA GLU H 74 -0.17 35.05 8.65
C GLU H 74 0.32 36.52 8.79
N ILE H 75 -0.50 37.43 8.24
CA ILE H 75 -0.37 38.90 8.33
C ILE H 75 -1.47 39.41 9.29
N PRO H 76 -1.11 40.14 10.37
CA PRO H 76 -2.16 40.70 11.25
C PRO H 76 -2.77 41.92 10.58
N GLU H 77 -4.02 42.26 10.93
CA GLU H 77 -4.70 43.42 10.34
C GLU H 77 -4.17 44.73 10.95
N PHE H 78 -4.08 45.77 10.14
CA PHE H 78 -3.64 47.09 10.59
C PHE H 78 -4.83 47.80 11.26
N PRO H 79 -4.81 48.04 12.59
CA PRO H 79 -5.97 48.67 13.24
C PRO H 79 -6.03 50.17 13.01
N ILE H 80 -7.21 50.69 12.66
CA ILE H 80 -7.43 52.13 12.46
C ILE H 80 -8.63 52.50 13.33
N ALA H 81 -8.43 53.38 14.32
CA ALA H 81 -9.51 53.80 15.20
C ALA H 81 -10.50 54.71 14.45
N PRO H 82 -11.79 54.74 14.81
CA PRO H 82 -12.74 55.62 14.09
C PRO H 82 -12.42 57.12 14.15
N GLU H 83 -11.70 57.58 15.19
CA GLU H 83 -11.36 59.00 15.36
C GLU H 83 -10.32 59.52 14.37
N ILE H 84 -9.45 58.63 13.81
CA ILE H 84 -8.36 58.98 12.89
C ILE H 84 -8.59 58.52 11.44
N ALA H 85 -9.63 57.72 11.16
CA ALA H 85 -9.87 57.15 9.83
C ALA H 85 -10.00 58.16 8.69
N LEU H 86 -10.61 59.33 8.95
CA LEU H 86 -10.82 60.35 7.91
C LEU H 86 -9.53 61.14 7.61
N GLU H 87 -8.81 61.57 8.67
CA GLU H 87 -7.59 62.35 8.48
C GLU H 87 -6.45 61.50 7.91
N LEU H 88 -6.38 60.22 8.31
CA LEU H 88 -5.37 59.28 7.83
C LEU H 88 -5.63 58.86 6.38
N LEU H 89 -6.90 58.91 5.92
CA LEU H 89 -7.27 58.60 4.53
C LEU H 89 -6.75 59.71 3.61
N MET H 90 -6.98 60.98 3.98
CA MET H 90 -6.51 62.14 3.21
C MET H 90 -4.98 62.17 3.14
N ALA H 91 -4.30 61.73 4.20
CA ALA H 91 -2.83 61.66 4.23
C ALA H 91 -2.36 60.54 3.29
N ALA H 92 -2.99 59.36 3.35
CA ALA H 92 -2.65 58.20 2.51
C ALA H 92 -2.82 58.48 1.02
N ASN H 93 -3.87 59.23 0.63
CA ASN H 93 -4.13 59.59 -0.77
C ASN H 93 -3.08 60.58 -1.27
N PHE H 94 -2.75 61.58 -0.44
CA PHE H 94 -1.73 62.58 -0.77
C PHE H 94 -0.35 61.91 -0.83
N LEU H 95 -0.04 61.04 0.14
CA LEU H 95 1.23 60.33 0.19
C LEU H 95 1.36 59.22 -0.87
N ASP H 96 0.25 58.65 -1.36
CA ASP H 96 0.24 57.56 -2.34
C ASP H 96 0.94 56.32 -1.74
N CYS H 97 0.31 55.75 -0.69
CA CYS H 97 0.82 54.58 0.03
C CYS H 97 -0.32 53.65 0.45
N GLU I 4 -28.28 39.42 -27.70
CA GLU I 4 -27.72 39.28 -26.37
C GLU I 4 -26.19 39.01 -26.44
N ALA I 5 -25.47 39.80 -27.28
CA ALA I 5 -24.03 39.71 -27.49
C ALA I 5 -23.56 38.37 -28.09
N GLY I 6 -22.28 38.33 -28.45
CA GLY I 6 -21.64 37.15 -29.01
C GLY I 6 -21.14 36.26 -27.88
N ARG I 7 -20.39 36.88 -26.96
CA ARG I 7 -19.84 36.28 -25.74
C ARG I 7 -18.75 35.21 -26.06
N PRO I 8 -17.46 35.46 -25.74
CA PRO I 8 -16.44 34.42 -25.96
C PRO I 8 -16.43 33.46 -24.78
N ARG I 9 -15.61 32.39 -24.83
CA ARG I 9 -15.50 31.43 -23.72
C ARG I 9 -14.56 32.09 -22.67
N PRO I 10 -14.92 32.18 -21.36
CA PRO I 10 -14.04 32.89 -20.41
C PRO I 10 -12.77 32.11 -20.08
N VAL I 11 -11.68 32.83 -19.79
CA VAL I 11 -10.40 32.21 -19.46
C VAL I 11 -10.43 31.66 -18.04
N LEU I 12 -11.00 32.42 -17.10
CA LEU I 12 -11.08 32.02 -15.70
C LEU I 12 -12.39 31.28 -15.42
N ARG I 13 -12.32 29.94 -15.39
CA ARG I 13 -13.46 29.07 -15.13
C ARG I 13 -13.00 27.69 -14.67
N SER I 14 -13.90 26.89 -14.09
CA SER I 14 -13.55 25.53 -13.67
C SER I 14 -13.52 24.60 -14.88
N VAL I 15 -12.64 23.59 -14.84
CA VAL I 15 -12.49 22.58 -15.89
C VAL I 15 -13.27 21.36 -15.40
N ASN I 16 -14.24 20.88 -16.20
CA ASN I 16 -15.04 19.71 -15.82
C ASN I 16 -14.19 18.44 -15.97
N SER I 17 -13.32 18.20 -14.98
CA SER I 17 -12.41 17.06 -14.95
C SER I 17 -13.13 15.82 -14.44
N ARG I 18 -13.96 15.98 -13.39
CA ARG I 18 -14.74 14.91 -12.77
C ARG I 18 -13.84 13.93 -11.99
N GLU I 19 -12.64 14.39 -11.55
CA GLU I 19 -11.66 13.61 -10.79
C GLU I 19 -11.62 14.19 -9.37
N PRO I 20 -12.07 13.46 -8.32
CA PRO I 20 -12.06 14.04 -6.96
C PRO I 20 -10.72 14.60 -6.49
N SER I 21 -10.76 15.68 -5.69
CA SER I 21 -9.57 16.35 -5.17
C SER I 21 -9.84 16.93 -3.77
N GLN I 22 -9.24 16.32 -2.73
CA GLN I 22 -9.37 16.75 -1.33
C GLN I 22 -8.62 18.06 -1.10
N VAL I 23 -9.30 19.07 -0.50
CA VAL I 23 -8.66 20.35 -0.19
C VAL I 23 -8.91 20.74 1.26
N ILE I 24 -7.96 21.48 1.86
CA ILE I 24 -8.06 21.99 3.23
C ILE I 24 -8.11 23.52 3.17
N PHE I 25 -9.30 24.11 3.39
CA PHE I 25 -9.46 25.56 3.43
C PHE I 25 -9.17 25.99 4.85
N CYS I 26 -8.08 26.77 5.06
CA CYS I 26 -7.67 27.25 6.38
C CYS I 26 -7.74 28.77 6.42
N ASN I 27 -8.71 29.33 7.16
CA ASN I 27 -8.86 30.77 7.31
C ASN I 27 -7.84 31.28 8.33
N ARG I 28 -6.82 32.02 7.86
CA ARG I 28 -5.75 32.56 8.70
C ARG I 28 -5.78 34.11 8.59
N SER I 29 -6.91 34.71 8.98
CA SER I 29 -7.15 36.16 8.92
C SER I 29 -8.23 36.55 9.93
N PRO I 30 -8.28 37.81 10.42
CA PRO I 30 -9.35 38.19 11.37
C PRO I 30 -10.72 38.47 10.72
N ARG I 31 -10.92 38.09 9.44
CA ARG I 31 -12.16 38.32 8.69
C ARG I 31 -12.97 37.02 8.55
N VAL I 32 -14.28 37.15 8.28
CA VAL I 32 -15.16 36.00 8.04
C VAL I 32 -14.98 35.69 6.55
N VAL I 33 -14.08 34.76 6.21
CA VAL I 33 -13.78 34.39 4.81
C VAL I 33 -14.99 33.70 4.15
N LEU I 34 -15.23 34.04 2.87
CA LEU I 34 -16.31 33.49 2.06
C LEU I 34 -15.70 32.81 0.83
N PRO I 35 -15.67 31.47 0.75
CA PRO I 35 -15.12 30.83 -0.46
C PRO I 35 -15.99 31.06 -1.69
N VAL I 36 -15.39 31.48 -2.82
CA VAL I 36 -16.12 31.75 -4.07
C VAL I 36 -15.61 30.78 -5.15
N TRP I 37 -16.50 29.94 -5.68
CA TRP I 37 -16.17 28.97 -6.73
C TRP I 37 -16.58 29.54 -8.09
N LEU I 38 -15.65 29.57 -9.06
CA LEU I 38 -15.96 30.03 -10.42
C LEU I 38 -16.45 28.80 -11.17
N ASN I 39 -17.75 28.77 -11.52
CA ASN I 39 -18.37 27.62 -12.17
C ASN I 39 -17.89 27.39 -13.63
N PHE I 40 -18.45 26.37 -14.32
CA PHE I 40 -18.05 25.99 -15.69
C PHE I 40 -18.35 27.06 -16.75
N ASP I 41 -19.22 28.05 -16.47
CA ASP I 41 -19.52 29.16 -17.38
C ASP I 41 -18.77 30.45 -16.97
N GLY I 42 -17.86 30.36 -16.00
CA GLY I 42 -17.07 31.49 -15.54
C GLY I 42 -17.69 32.38 -14.47
N GLU I 43 -18.99 32.16 -14.12
CA GLU I 43 -19.65 33.00 -13.11
C GLU I 43 -19.26 32.57 -11.69
N PRO I 44 -19.14 33.51 -10.72
CA PRO I 44 -18.82 33.10 -9.34
C PRO I 44 -20.03 32.56 -8.59
N GLN I 45 -19.79 31.73 -7.56
CA GLN I 45 -20.83 31.11 -6.73
C GLN I 45 -20.40 31.11 -5.25
N PRO I 46 -21.25 31.57 -4.31
CA PRO I 46 -20.85 31.53 -2.90
C PRO I 46 -20.95 30.15 -2.26
N TYR I 47 -20.18 29.93 -1.18
CA TYR I 47 -20.15 28.68 -0.41
C TYR I 47 -20.17 29.00 1.09
N PRO I 48 -20.40 28.00 1.99
CA PRO I 48 -20.45 28.31 3.43
C PRO I 48 -19.23 29.07 3.96
N THR I 49 -19.47 30.11 4.77
CA THR I 49 -18.40 30.97 5.31
C THR I 49 -17.54 30.24 6.34
N LEU I 50 -16.30 30.74 6.53
CA LEU I 50 -15.33 30.18 7.48
C LEU I 50 -15.03 31.20 8.59
N PRO I 51 -15.43 30.97 9.86
CA PRO I 51 -15.12 31.94 10.93
C PRO I 51 -13.61 32.17 11.14
N PRO I 52 -13.17 33.30 11.73
CA PRO I 52 -11.73 33.54 11.90
C PRO I 52 -10.99 32.46 12.70
N GLY I 53 -9.89 31.97 12.14
CA GLY I 53 -9.06 30.95 12.78
C GLY I 53 -9.63 29.55 12.80
N THR I 54 -10.30 29.13 11.71
CA THR I 54 -10.89 27.78 11.59
C THR I 54 -10.49 27.13 10.27
N GLY I 55 -10.42 25.79 10.28
CA GLY I 55 -10.04 24.98 9.12
C GLY I 55 -10.99 23.82 8.90
N ARG I 56 -11.49 23.66 7.66
CA ARG I 56 -12.42 22.59 7.29
C ARG I 56 -11.91 21.84 6.08
N ARG I 57 -11.77 20.50 6.17
CA ARG I 57 -11.35 19.69 5.04
C ARG I 57 -12.56 19.43 4.14
N ILE I 58 -12.53 19.96 2.91
CA ILE I 58 -13.62 19.85 1.94
C ILE I 58 -13.31 18.80 0.87
N HIS I 59 -14.27 18.61 -0.05
CA HIS I 59 -14.18 17.69 -1.18
C HIS I 59 -14.41 18.51 -2.47
N SER I 60 -13.33 18.76 -3.24
CA SER I 60 -13.39 19.53 -4.50
C SER I 60 -12.97 18.62 -5.66
N TYR I 61 -12.74 19.19 -6.86
CA TYR I 61 -12.34 18.43 -8.05
C TYR I 61 -11.12 19.07 -8.72
N ARG I 62 -10.41 18.32 -9.58
CA ARG I 62 -9.18 18.81 -10.21
C ARG I 62 -9.45 19.87 -11.27
N GLY I 63 -8.60 20.90 -11.30
CA GLY I 63 -8.73 21.99 -12.26
C GLY I 63 -9.87 22.95 -12.00
N HIS I 64 -10.41 22.97 -10.76
CA HIS I 64 -11.53 23.85 -10.39
C HIS I 64 -10.99 25.17 -9.84
N LEU I 65 -11.45 26.30 -10.37
CA LEU I 65 -10.97 27.63 -9.96
C LEU I 65 -11.65 28.14 -8.69
N TRP I 66 -10.86 28.65 -7.73
CA TRP I 66 -11.38 29.23 -6.49
C TRP I 66 -10.76 30.59 -6.23
N LEU I 67 -11.51 31.43 -5.51
CA LEU I 67 -11.12 32.78 -5.11
C LEU I 67 -11.81 33.04 -3.76
N PHE I 68 -11.15 33.79 -2.86
CA PHE I 68 -11.64 34.02 -1.50
C PHE I 68 -11.78 35.50 -1.19
N ARG I 69 -12.96 35.90 -0.68
CA ARG I 69 -13.29 37.28 -0.33
C ARG I 69 -13.88 37.34 1.08
N ASP I 70 -14.06 38.55 1.64
CA ASP I 70 -14.68 38.76 2.95
C ASP I 70 -16.19 38.52 2.77
N ALA I 71 -16.85 37.98 3.80
CA ALA I 71 -18.29 37.70 3.74
C ALA I 71 -19.16 38.96 3.67
N GLY I 72 -18.80 39.98 4.45
CA GLY I 72 -19.55 41.24 4.51
C GLY I 72 -19.10 42.31 3.55
N THR I 73 -17.81 42.69 3.63
CA THR I 73 -17.23 43.76 2.81
C THR I 73 -16.76 43.35 1.40
N HIS I 74 -16.64 42.04 1.12
CA HIS I 74 -16.16 41.50 -0.17
C HIS I 74 -14.71 41.92 -0.55
N ASP I 75 -13.88 42.34 0.44
CA ASP I 75 -12.48 42.71 0.19
C ASP I 75 -11.67 41.48 -0.22
N GLY I 76 -10.70 41.67 -1.10
CA GLY I 76 -9.86 40.60 -1.60
C GLY I 76 -8.93 40.01 -0.56
N LEU I 77 -8.80 38.68 -0.57
CA LEU I 77 -7.91 37.95 0.35
C LEU I 77 -7.04 37.00 -0.45
N LEU I 78 -5.74 36.95 -0.13
CA LEU I 78 -4.81 36.08 -0.82
C LEU I 78 -4.99 34.64 -0.34
N VAL I 79 -4.61 33.69 -1.21
CA VAL I 79 -4.63 32.25 -0.96
C VAL I 79 -3.28 31.69 -1.47
N ASN I 80 -2.41 31.24 -0.56
CA ASN I 80 -1.03 30.80 -0.79
C ASN I 80 -0.21 31.92 -1.46
N GLN I 81 -0.36 33.17 -0.97
CA GLN I 81 0.31 34.37 -1.47
C GLN I 81 0.00 34.67 -2.96
N THR I 82 -1.26 34.41 -3.38
CA THR I 82 -1.72 34.69 -4.75
C THR I 82 -3.24 34.94 -4.73
N GLU I 83 -3.78 35.51 -5.82
CA GLU I 83 -5.21 35.86 -5.89
C GLU I 83 -6.14 34.66 -6.06
N LEU I 84 -5.83 33.74 -7.00
CA LEU I 84 -6.67 32.56 -7.27
C LEU I 84 -6.01 31.27 -6.79
N PHE I 85 -6.80 30.19 -6.65
CA PHE I 85 -6.36 28.86 -6.21
C PHE I 85 -6.96 27.77 -7.11
N VAL I 86 -6.13 26.80 -7.54
CA VAL I 86 -6.55 25.67 -8.36
C VAL I 86 -6.00 24.38 -7.72
N PRO I 87 -6.86 23.44 -7.24
CA PRO I 87 -6.32 22.21 -6.63
C PRO I 87 -5.65 21.27 -7.62
N SER I 88 -4.54 20.66 -7.20
CA SER I 88 -3.82 19.67 -7.99
C SER I 88 -4.39 18.29 -7.65
N LEU I 89 -3.96 17.23 -8.35
CA LEU I 89 -4.43 15.87 -8.07
C LEU I 89 -3.77 15.37 -6.78
N ASN I 90 -4.51 14.61 -5.94
CA ASN I 90 -3.97 14.08 -4.68
C ASN I 90 -2.92 13.01 -4.95
N VAL I 91 -1.67 13.46 -5.17
CA VAL I 91 -0.46 12.67 -5.40
C VAL I 91 -0.56 11.22 -4.87
N ASP I 92 -0.54 11.00 -3.53
CA ASP I 92 -0.72 9.68 -2.93
C ASP I 92 -1.84 9.78 -1.88
N GLY I 93 -2.97 10.35 -2.29
CA GLY I 93 -4.11 10.58 -1.42
C GLY I 93 -3.85 11.62 -0.35
N GLN I 94 -2.91 12.56 -0.63
CA GLN I 94 -2.51 13.61 0.32
C GLN I 94 -3.35 14.86 0.09
N PRO I 95 -3.94 15.48 1.15
CA PRO I 95 -4.76 16.68 0.93
C PRO I 95 -3.98 17.90 0.44
N ILE I 96 -4.60 18.73 -0.42
CA ILE I 96 -4.02 19.97 -0.94
C ILE I 96 -4.36 21.04 0.10
N PHE I 97 -3.41 21.91 0.44
CA PHE I 97 -3.63 22.94 1.46
C PHE I 97 -3.80 24.33 0.83
N ALA I 98 -4.81 25.09 1.31
CA ALA I 98 -5.12 26.44 0.85
C ALA I 98 -5.05 27.40 2.03
N ASN I 99 -3.88 28.01 2.25
CA ASN I 99 -3.67 28.97 3.33
C ASN I 99 -4.22 30.33 2.92
N ILE I 100 -5.36 30.73 3.49
CA ILE I 100 -6.03 31.99 3.19
C ILE I 100 -5.52 33.04 4.17
N THR I 101 -4.85 34.09 3.65
CA THR I 101 -4.27 35.18 4.44
C THR I 101 -4.69 36.56 3.96
N LEU I 102 -4.48 37.58 4.81
CA LEU I 102 -4.80 38.98 4.48
C LEU I 102 -3.74 39.54 3.54
N PRO I 103 -4.08 40.29 2.47
CA PRO I 103 -3.04 40.92 1.66
C PRO I 103 -2.52 42.15 2.38
N VAL I 104 -1.29 42.59 2.06
CA VAL I 104 -0.73 43.79 2.67
C VAL I 104 -1.38 44.98 1.95
N TYR I 105 -2.59 45.37 2.39
CA TYR I 105 -3.37 46.44 1.76
C TYR I 105 -2.64 47.77 1.81
N THR I 106 -2.84 48.60 0.78
CA THR I 106 -2.26 49.95 0.73
C THR I 106 -2.99 50.78 1.80
N LEU I 107 -2.26 51.65 2.52
CA LEU I 107 -2.86 52.48 3.58
C LEU I 107 -4.10 53.23 3.08
N LYS I 108 -4.12 53.66 1.81
CA LYS I 108 -5.28 54.31 1.22
C LYS I 108 -6.46 53.33 1.21
N GLU I 109 -6.27 52.14 0.57
CA GLU I 109 -7.31 51.10 0.48
C GLU I 109 -7.74 50.60 1.85
N ARG I 110 -6.80 50.47 2.81
CA ARG I 110 -7.13 50.03 4.16
C ARG I 110 -7.95 51.12 4.87
N CYS I 111 -7.58 52.40 4.69
CA CYS I 111 -8.34 53.51 5.28
C CYS I 111 -9.75 53.59 4.73
N LEU I 112 -9.96 53.28 3.42
CA LEU I 112 -11.30 53.31 2.83
C LEU I 112 -12.20 52.28 3.53
N GLN I 113 -11.71 51.04 3.70
CA GLN I 113 -12.46 49.95 4.36
C GLN I 113 -12.97 50.30 5.75
N VAL I 114 -12.18 51.07 6.53
CA VAL I 114 -12.55 51.45 7.89
C VAL I 114 -13.66 52.50 7.83
N VAL I 115 -13.56 53.49 6.91
CA VAL I 115 -14.58 54.52 6.74
C VAL I 115 -15.85 53.88 6.14
N ARG I 116 -15.70 52.90 5.22
CA ARG I 116 -16.83 52.18 4.61
C ARG I 116 -17.67 51.43 5.66
N SER I 117 -17.02 50.83 6.68
CA SER I 117 -17.73 50.11 7.74
C SER I 117 -18.44 51.06 8.72
N LEU I 118 -17.85 52.23 9.02
CA LEU I 118 -18.42 53.21 9.94
C LEU I 118 -19.53 54.08 9.32
N VAL I 119 -19.39 54.45 8.03
CA VAL I 119 -20.32 55.33 7.31
C VAL I 119 -21.23 54.52 6.37
N LYS I 120 -22.49 54.99 6.19
CA LYS I 120 -23.48 54.33 5.31
C LYS I 120 -23.23 54.72 3.84
N PRO I 121 -23.69 53.91 2.85
CA PRO I 121 -23.47 54.27 1.43
C PRO I 121 -24.03 55.63 0.99
N GLU I 122 -25.16 56.05 1.58
CA GLU I 122 -25.80 57.32 1.23
C GLU I 122 -25.07 58.53 1.82
N ASN I 123 -24.35 58.33 2.95
CA ASN I 123 -23.68 59.42 3.67
C ASN I 123 -22.16 59.58 3.41
N TYR I 124 -21.61 59.07 2.28
CA TYR I 124 -20.19 59.29 1.98
C TYR I 124 -20.01 60.76 1.59
N ARG I 125 -20.88 61.25 0.68
CA ARG I 125 -20.95 62.64 0.22
C ARG I 125 -20.98 63.68 1.36
N ARG I 126 -21.56 63.35 2.53
CA ARG I 126 -21.66 64.28 3.68
C ARG I 126 -20.37 64.40 4.53
N LEU I 127 -19.28 63.68 4.18
CA LEU I 127 -18.01 63.74 4.91
C LEU I 127 -17.15 64.93 4.44
N ASP I 128 -16.29 65.46 5.34
CA ASP I 128 -15.41 66.59 5.04
C ASP I 128 -14.10 66.09 4.42
N ILE I 129 -14.15 65.72 3.13
CA ILE I 129 -13.00 65.21 2.36
C ILE I 129 -12.99 65.78 0.95
N VAL I 130 -11.89 65.56 0.19
CA VAL I 130 -11.76 66.06 -1.18
C VAL I 130 -12.71 65.32 -2.14
N ARG I 131 -12.96 65.93 -3.31
CA ARG I 131 -13.85 65.42 -4.36
C ARG I 131 -13.46 64.02 -4.89
N SER I 132 -12.15 63.78 -5.07
CA SER I 132 -11.65 62.48 -5.57
C SER I 132 -11.83 61.31 -4.60
N LEU I 133 -11.87 61.57 -3.27
CA LEU I 133 -12.04 60.51 -2.27
C LEU I 133 -13.46 59.94 -2.21
N TYR I 134 -14.51 60.73 -2.55
CA TYR I 134 -15.89 60.21 -2.54
C TYR I 134 -16.05 59.14 -3.62
N GLU I 135 -15.42 59.37 -4.80
CA GLU I 135 -15.48 58.44 -5.92
C GLU I 135 -14.71 57.15 -5.59
N ASP I 136 -13.59 57.27 -4.84
CA ASP I 136 -12.79 56.13 -4.39
C ASP I 136 -13.52 55.35 -3.30
N LEU I 137 -14.27 56.06 -2.41
CA LEU I 137 -15.07 55.44 -1.35
C LEU I 137 -16.23 54.63 -1.96
N GLU I 138 -16.93 55.22 -2.95
CA GLU I 138 -18.04 54.57 -3.64
C GLU I 138 -17.60 53.35 -4.46
N ASP I 139 -16.34 53.32 -4.93
CA ASP I 139 -15.77 52.21 -5.68
C ASP I 139 -15.49 51.06 -4.69
N HIS I 140 -16.55 50.35 -4.28
CA HIS I 140 -16.44 49.27 -3.30
C HIS I 140 -15.79 48.00 -3.90
N PRO I 141 -15.26 47.07 -3.06
CA PRO I 141 -14.64 45.86 -3.61
C PRO I 141 -15.71 44.98 -4.26
N ASN I 142 -15.47 44.55 -5.50
CA ASN I 142 -16.42 43.74 -6.27
C ASN I 142 -15.70 42.53 -6.87
N VAL I 143 -16.42 41.39 -6.99
CA VAL I 143 -15.85 40.14 -7.51
C VAL I 143 -15.68 40.21 -9.03
N GLN I 144 -16.73 40.64 -9.75
CA GLN I 144 -16.71 40.72 -11.22
C GLN I 144 -15.64 41.70 -11.72
N LYS I 145 -15.44 42.84 -11.02
CA LYS I 145 -14.40 43.81 -11.40
C LYS I 145 -13.01 43.18 -11.28
N ASP I 146 -12.75 42.47 -10.16
CA ASP I 146 -11.44 41.81 -9.96
C ASP I 146 -11.23 40.66 -10.94
N LEU I 147 -12.32 39.97 -11.37
CA LEU I 147 -12.21 38.90 -12.35
C LEU I 147 -11.85 39.46 -13.73
N GLU I 148 -12.37 40.67 -14.09
CA GLU I 148 -12.01 41.33 -15.35
C GLU I 148 -10.53 41.76 -15.31
N ARG I 149 -10.04 42.22 -14.14
CA ARG I 149 -8.63 42.62 -13.96
C ARG I 149 -7.69 41.41 -14.07
N LEU I 150 -8.03 40.29 -13.43
CA LEU I 150 -7.21 39.07 -13.47
C LEU I 150 -7.24 38.37 -14.83
N THR I 151 -8.30 38.60 -15.65
CA THR I 151 -8.43 37.98 -16.98
C THR I 151 -7.28 38.43 -17.91
N GLN I 152 -7.04 39.75 -18.00
CA GLN I 152 -5.95 40.26 -18.85
C GLN I 152 -4.56 39.99 -18.23
N GLU I 153 -4.04 38.76 -18.45
CA GLU I 153 -2.74 38.32 -17.95
C GLU I 153 -2.10 37.32 -18.92
N ARG I 154 -1.24 37.83 -19.83
CA ARG I 154 -0.55 37.01 -20.83
C ARG I 154 0.82 36.59 -20.28
N MET J 1 -17.71 -25.06 -7.71
CA MET J 1 -17.19 -23.81 -7.16
C MET J 1 -17.95 -23.47 -5.87
N ASP J 2 -17.31 -23.70 -4.71
CA ASP J 2 -17.91 -23.45 -3.40
C ASP J 2 -17.66 -22.02 -2.91
N VAL J 3 -18.70 -21.39 -2.32
CA VAL J 3 -18.64 -20.03 -1.75
C VAL J 3 -18.95 -20.14 -0.25
N PHE J 4 -18.16 -19.47 0.58
CA PHE J 4 -18.30 -19.50 2.05
C PHE J 4 -18.81 -18.14 2.48
N LEU J 5 -20.02 -18.10 3.06
CA LEU J 5 -20.72 -16.85 3.42
C LEU J 5 -20.81 -16.62 4.94
N MET J 6 -21.26 -15.40 5.31
CA MET J 6 -21.44 -14.98 6.70
C MET J 6 -22.76 -14.20 6.84
N ILE J 7 -23.88 -14.92 6.94
CA ILE J 7 -25.23 -14.35 7.06
C ILE J 7 -25.40 -13.77 8.46
N ARG J 8 -25.76 -12.47 8.62
CA ARG J 8 -25.90 -11.88 9.96
C ARG J 8 -27.05 -10.86 10.13
N ARG J 9 -27.77 -10.93 11.28
CA ARG J 9 -28.83 -10.01 11.69
C ARG J 9 -28.56 -9.56 13.12
N HIS J 10 -28.63 -8.24 13.40
CA HIS J 10 -28.42 -7.70 14.74
C HIS J 10 -27.14 -8.27 15.38
N LYS J 11 -27.25 -9.14 16.42
CA LYS J 11 -26.10 -9.75 17.09
C LYS J 11 -25.97 -11.26 16.77
N THR J 12 -26.71 -11.76 15.76
CA THR J 12 -26.65 -13.16 15.33
C THR J 12 -25.85 -13.24 14.03
N THR J 13 -25.00 -14.28 13.90
CA THR J 13 -24.17 -14.53 12.70
C THR J 13 -24.20 -16.03 12.40
N ILE J 14 -24.25 -16.41 11.10
CA ILE J 14 -24.30 -17.82 10.67
C ILE J 14 -23.16 -18.10 9.69
N PHE J 15 -22.39 -19.16 9.94
CA PHE J 15 -21.28 -19.56 9.06
C PHE J 15 -21.69 -20.79 8.29
N THR J 16 -21.74 -20.70 6.95
CA THR J 16 -22.12 -21.84 6.11
C THR J 16 -21.43 -21.77 4.74
N ASP J 17 -21.62 -22.82 3.94
CA ASP J 17 -21.06 -22.93 2.60
C ASP J 17 -22.16 -23.31 1.60
N ALA J 18 -22.05 -22.77 0.39
CA ALA J 18 -23.00 -23.01 -0.70
C ALA J 18 -22.20 -23.09 -2.02
N LYS J 19 -22.86 -23.38 -3.14
CA LYS J 19 -22.22 -23.45 -4.46
C LYS J 19 -22.38 -22.09 -5.15
N GLU J 20 -21.59 -21.84 -6.20
CA GLU J 20 -21.72 -20.59 -6.99
C GLU J 20 -23.01 -20.69 -7.83
N SER J 21 -23.42 -21.92 -8.22
CA SER J 21 -24.63 -22.19 -8.99
C SER J 21 -25.91 -22.30 -8.11
N SER J 22 -25.79 -22.22 -6.76
CA SER J 22 -26.96 -22.25 -5.87
C SER J 22 -27.75 -20.95 -5.99
N THR J 23 -29.06 -21.02 -5.75
CA THR J 23 -29.94 -19.85 -5.80
C THR J 23 -30.02 -19.16 -4.45
N VAL J 24 -30.60 -17.95 -4.42
CA VAL J 24 -30.80 -17.21 -3.19
C VAL J 24 -31.90 -17.94 -2.41
N PHE J 25 -32.90 -18.51 -3.10
CA PHE J 25 -33.97 -19.29 -2.46
C PHE J 25 -33.39 -20.48 -1.70
N GLU J 26 -32.41 -21.18 -2.30
CA GLU J 26 -31.76 -22.31 -1.64
C GLU J 26 -30.99 -21.86 -0.39
N LEU J 27 -30.46 -20.62 -0.37
CA LEU J 27 -29.78 -20.07 0.80
C LEU J 27 -30.81 -19.74 1.90
N LYS J 28 -32.02 -19.28 1.51
CA LYS J 28 -33.09 -18.99 2.47
C LYS J 28 -33.60 -20.31 3.10
N ARG J 29 -33.59 -21.43 2.33
CA ARG J 29 -34.00 -22.74 2.85
C ARG J 29 -32.94 -23.31 3.81
N ILE J 30 -31.65 -22.96 3.62
CA ILE J 30 -30.59 -23.36 4.55
C ILE J 30 -30.82 -22.61 5.87
N VAL J 31 -31.13 -21.29 5.79
CA VAL J 31 -31.43 -20.45 6.96
C VAL J 31 -32.69 -20.96 7.68
N GLU J 32 -33.66 -21.54 6.95
CA GLU J 32 -34.87 -22.14 7.54
C GLU J 32 -34.50 -23.37 8.39
N GLY J 33 -33.61 -24.21 7.88
CA GLY J 33 -33.17 -25.43 8.57
C GLY J 33 -32.39 -25.20 9.85
N ILE J 34 -31.76 -24.02 10.01
CA ILE J 34 -30.93 -23.70 11.18
C ILE J 34 -31.76 -23.09 12.31
N LEU J 35 -32.32 -21.89 12.10
CA LEU J 35 -33.09 -21.20 13.15
C LEU J 35 -34.59 -21.10 12.84
N LYS J 36 -35.13 -22.07 12.06
CA LYS J 36 -36.56 -22.11 11.71
C LYS J 36 -36.99 -20.82 10.94
N ARG J 37 -38.31 -20.66 10.71
CA ARG J 37 -38.92 -19.53 9.99
C ARG J 37 -38.86 -19.73 8.44
N PRO J 38 -40.05 -19.77 7.79
CA PRO J 38 -40.10 -20.03 6.33
C PRO J 38 -39.36 -19.05 5.41
N PRO J 39 -39.07 -19.43 4.14
CA PRO J 39 -38.36 -18.51 3.22
C PRO J 39 -39.11 -17.21 2.92
N ASP J 40 -40.45 -17.25 2.88
CA ASP J 40 -41.28 -16.05 2.64
C ASP J 40 -41.19 -15.02 3.79
N GLU J 41 -40.63 -15.39 4.97
CA GLU J 41 -40.44 -14.45 6.08
C GLU J 41 -38.99 -13.88 6.14
N GLN J 42 -38.15 -14.14 5.11
CA GLN J 42 -36.76 -13.66 5.05
C GLN J 42 -36.53 -12.82 3.78
N ARG J 43 -35.74 -11.74 3.92
CA ARG J 43 -35.42 -10.78 2.84
C ARG J 43 -33.88 -10.56 2.80
N LEU J 44 -33.14 -11.44 2.10
CA LEU J 44 -31.66 -11.35 2.05
C LEU J 44 -31.15 -10.22 1.15
N TYR J 45 -30.12 -9.47 1.63
CA TYR J 45 -29.47 -8.36 0.92
C TYR J 45 -27.98 -8.66 0.71
N LYS J 46 -27.32 -7.80 -0.09
CA LYS J 46 -25.88 -7.82 -0.35
C LYS J 46 -25.44 -6.36 -0.21
N ASP J 47 -24.75 -6.03 0.90
CA ASP J 47 -24.34 -4.66 1.26
C ASP J 47 -25.59 -3.81 1.53
N ASP J 48 -26.15 -3.10 0.50
CA ASP J 48 -27.39 -2.32 0.63
C ASP J 48 -28.47 -2.72 -0.40
N GLN J 49 -28.13 -3.56 -1.41
CA GLN J 49 -29.07 -3.97 -2.46
C GLN J 49 -29.76 -5.29 -2.09
N LEU J 50 -31.06 -5.42 -2.40
CA LEU J 50 -31.85 -6.62 -2.08
C LEU J 50 -31.68 -7.71 -3.14
N LEU J 51 -31.58 -8.99 -2.72
CA LEU J 51 -31.41 -10.13 -3.62
C LEU J 51 -32.72 -10.85 -3.94
N ASP J 52 -32.97 -11.10 -5.24
CA ASP J 52 -34.17 -11.82 -5.68
C ASP J 52 -33.99 -13.32 -5.46
N ASP J 53 -35.09 -14.03 -5.19
CA ASP J 53 -35.08 -15.48 -4.91
C ASP J 53 -34.59 -16.32 -6.10
N GLY J 54 -34.96 -15.92 -7.31
CA GLY J 54 -34.61 -16.63 -8.54
C GLY J 54 -33.17 -16.52 -8.99
N LYS J 55 -32.47 -15.42 -8.64
CA LYS J 55 -31.07 -15.20 -9.08
C LYS J 55 -30.12 -16.21 -8.45
N THR J 56 -29.02 -16.55 -9.14
CA THR J 56 -28.00 -17.45 -8.61
C THR J 56 -26.98 -16.59 -7.83
N LEU J 57 -26.29 -17.17 -6.83
CA LEU J 57 -25.33 -16.43 -6.00
C LEU J 57 -24.22 -15.74 -6.81
N GLY J 58 -23.77 -16.40 -7.88
CA GLY J 58 -22.79 -15.84 -8.82
C GLY J 58 -23.28 -14.59 -9.52
N GLU J 59 -24.61 -14.52 -9.79
CA GLU J 59 -25.26 -13.36 -10.44
C GLU J 59 -25.27 -12.17 -9.47
N CYS J 60 -25.45 -12.43 -8.17
CA CYS J 60 -25.50 -11.40 -7.13
C CYS J 60 -24.12 -10.75 -6.84
N GLY J 61 -23.03 -11.38 -7.28
CA GLY J 61 -21.67 -10.89 -7.08
C GLY J 61 -20.83 -11.73 -6.13
N PHE J 62 -21.30 -12.96 -5.75
CA PHE J 62 -20.55 -13.85 -4.87
C PHE J 62 -19.78 -14.87 -5.71
N THR J 63 -18.52 -14.55 -6.05
CA THR J 63 -17.65 -15.46 -6.79
C THR J 63 -16.66 -16.05 -5.77
N SER J 64 -16.21 -17.29 -6.00
CA SER J 64 -15.32 -18.02 -5.08
C SER J 64 -14.10 -17.23 -4.58
N GLN J 65 -13.55 -16.32 -5.41
CA GLN J 65 -12.39 -15.50 -5.02
C GLN J 65 -12.73 -14.42 -3.96
N THR J 66 -14.01 -13.99 -3.84
CA THR J 66 -14.40 -12.99 -2.82
C THR J 66 -14.85 -13.73 -1.55
N ALA J 67 -15.73 -14.72 -1.72
CA ALA J 67 -16.28 -15.53 -0.63
C ALA J 67 -15.43 -16.79 -0.44
N ARG J 68 -14.26 -16.63 0.21
CA ARG J 68 -13.33 -17.74 0.50
C ARG J 68 -13.49 -18.18 1.97
N PRO J 69 -13.04 -19.40 2.37
CA PRO J 69 -13.23 -19.83 3.77
C PRO J 69 -12.60 -18.91 4.82
N GLN J 70 -11.37 -18.48 4.55
CA GLN J 70 -10.62 -17.59 5.46
C GLN J 70 -11.18 -16.16 5.56
N ALA J 71 -11.89 -15.68 4.51
CA ALA J 71 -12.50 -14.35 4.47
C ALA J 71 -13.91 -14.44 3.85
N PRO J 72 -14.89 -14.99 4.60
CA PRO J 72 -16.24 -15.13 4.03
C PRO J 72 -16.96 -13.81 3.74
N ALA J 73 -17.79 -13.79 2.69
CA ALA J 73 -18.57 -12.61 2.30
C ALA J 73 -19.81 -12.47 3.19
N THR J 74 -20.25 -11.22 3.44
CA THR J 74 -21.42 -10.94 4.29
C THR J 74 -22.74 -10.73 3.51
N VAL J 75 -23.88 -11.20 4.10
CA VAL J 75 -25.25 -11.01 3.56
C VAL J 75 -26.11 -10.42 4.70
N GLY J 76 -27.21 -9.76 4.35
CA GLY J 76 -28.09 -9.09 5.31
C GLY J 76 -29.11 -9.95 6.03
N LEU J 77 -30.34 -9.98 5.51
CA LEU J 77 -31.55 -10.63 6.02
C LEU J 77 -32.39 -9.67 6.89
N ALA J 78 -33.72 -9.70 6.71
CA ALA J 78 -34.70 -8.92 7.48
C ALA J 78 -35.83 -9.88 7.88
N PHE J 79 -36.25 -9.83 9.16
CA PHE J 79 -37.28 -10.70 9.72
C PHE J 79 -38.56 -9.89 10.00
N ARG J 80 -39.65 -10.16 9.26
CA ARG J 80 -40.92 -9.43 9.40
C ARG J 80 -41.70 -9.77 10.67
N ALA J 81 -42.66 -8.90 10.99
CA ALA J 81 -43.54 -9.04 12.15
C ALA J 81 -44.94 -8.57 11.75
N ASP J 82 -45.94 -9.50 11.79
CA ASP J 82 -47.33 -9.23 11.44
C ASP J 82 -47.55 -8.95 9.94
N ASP J 83 -47.06 -7.79 9.43
CA ASP J 83 -47.21 -7.40 8.02
C ASP J 83 -45.97 -6.70 7.42
N THR J 84 -45.44 -5.65 8.08
CA THR J 84 -44.29 -4.89 7.58
C THR J 84 -42.95 -5.61 7.89
N PHE J 85 -41.99 -5.53 6.95
CA PHE J 85 -40.66 -6.11 7.13
C PHE J 85 -39.83 -5.14 7.99
N GLU J 86 -38.95 -5.66 8.86
CA GLU J 86 -38.13 -4.82 9.73
C GLU J 86 -36.99 -4.18 8.93
N ALA J 87 -36.47 -3.05 9.42
CA ALA J 87 -35.37 -2.33 8.77
C ALA J 87 -34.05 -3.09 8.93
N LEU J 88 -33.27 -3.17 7.84
CA LEU J 88 -31.95 -3.83 7.81
C LEU J 88 -30.99 -3.24 8.87
N CYS J 89 -30.61 -4.04 9.90
CA CYS J 89 -29.70 -3.58 10.95
C CYS J 89 -28.74 -4.70 11.37
N ILE J 90 -27.42 -4.44 11.28
CA ILE J 90 -26.38 -5.39 11.67
C ILE J 90 -25.45 -4.65 12.64
N GLU J 91 -25.33 -5.15 13.88
CA GLU J 91 -24.48 -4.52 14.89
C GLU J 91 -23.01 -4.86 14.56
N PRO J 92 -22.11 -3.87 14.37
CA PRO J 92 -20.72 -4.20 14.03
C PRO J 92 -19.96 -4.87 15.17
N PHE J 93 -18.83 -5.53 14.83
CA PHE J 93 -18.00 -6.21 15.83
C PHE J 93 -17.22 -5.19 16.66
N SER J 94 -16.63 -5.62 17.77
CA SER J 94 -15.85 -4.73 18.65
C SER J 94 -14.55 -4.33 17.98
N SER J 95 -14.18 -3.04 18.07
CA SER J 95 -12.94 -2.55 17.46
C SER J 95 -11.73 -3.04 18.26
N PRO J 96 -10.64 -3.50 17.60
CA PRO J 96 -9.47 -3.96 18.36
C PRO J 96 -8.70 -2.81 19.02
N PRO J 97 -7.83 -3.11 20.01
CA PRO J 97 -7.05 -2.03 20.63
C PRO J 97 -5.98 -1.49 19.67
N GLU J 98 -5.56 -0.23 19.86
CA GLU J 98 -4.55 0.39 18.99
C GLU J 98 -3.25 -0.42 19.01
N LEU J 99 -2.68 -0.68 17.82
CA LEU J 99 -1.47 -1.51 17.66
C LEU J 99 -0.32 -1.01 18.56
N PRO J 100 0.30 -1.87 19.41
CA PRO J 100 1.39 -1.35 20.26
C PRO J 100 2.61 -0.89 19.49
N ASP J 101 3.39 0.05 20.06
CA ASP J 101 4.60 0.61 19.42
C ASP J 101 5.65 -0.47 19.09
N VAL J 102 5.71 -1.54 19.89
CA VAL J 102 6.64 -2.66 19.66
C VAL J 102 6.20 -3.52 18.47
N MET J 103 4.88 -3.65 18.23
CA MET J 103 4.36 -4.44 17.10
C MET J 103 4.34 -3.63 15.78
N LYS J 104 4.51 -2.29 15.84
CA LYS J 104 4.55 -1.43 14.64
C LYS J 104 5.86 -1.66 13.88
N MET K 1 -25.94 -30.33 9.58
CA MET K 1 -26.55 -31.47 10.25
C MET K 1 -26.95 -31.07 11.67
N MET K 2 -25.96 -30.66 12.49
CA MET K 2 -26.16 -30.20 13.87
C MET K 2 -25.30 -28.97 14.08
N TYR K 3 -25.94 -27.81 14.29
CA TYR K 3 -25.28 -26.52 14.46
C TYR K 3 -25.18 -26.14 15.95
N VAL K 4 -24.12 -25.41 16.33
CA VAL K 4 -23.88 -24.97 17.71
C VAL K 4 -23.75 -23.43 17.77
N LYS K 5 -24.36 -22.81 18.80
CA LYS K 5 -24.37 -21.36 18.99
C LYS K 5 -23.26 -20.91 19.95
N LEU K 6 -22.14 -20.40 19.41
CA LEU K 6 -21.02 -19.88 20.21
C LEU K 6 -21.29 -18.42 20.53
N ILE K 7 -21.34 -18.05 21.84
CA ILE K 7 -21.63 -16.68 22.28
C ILE K 7 -20.36 -16.00 22.80
N SER K 8 -20.12 -14.74 22.36
CA SER K 8 -18.94 -13.95 22.74
C SER K 8 -19.18 -13.14 24.02
N SER K 9 -18.15 -12.40 24.48
CA SER K 9 -18.24 -11.56 25.69
C SER K 9 -19.23 -10.39 25.53
N ASP K 10 -19.30 -9.76 24.34
CA ASP K 10 -20.19 -8.62 24.09
C ASP K 10 -21.61 -9.02 23.60
N GLY K 11 -21.95 -10.31 23.64
CA GLY K 11 -23.28 -10.81 23.28
C GLY K 11 -23.50 -11.23 21.84
N HIS K 12 -22.43 -11.27 21.01
CA HIS K 12 -22.57 -11.69 19.61
C HIS K 12 -22.69 -13.22 19.54
N GLU K 13 -23.75 -13.72 18.90
CA GLU K 13 -24.00 -15.16 18.73
C GLU K 13 -23.48 -15.59 17.36
N PHE K 14 -22.63 -16.63 17.32
CA PHE K 14 -22.05 -17.17 16.09
C PHE K 14 -22.51 -18.60 15.93
N ILE K 15 -23.32 -18.89 14.90
CA ILE K 15 -23.85 -20.24 14.71
C ILE K 15 -22.96 -20.98 13.69
N VAL K 16 -22.28 -22.04 14.14
CA VAL K 16 -21.35 -22.83 13.32
C VAL K 16 -21.78 -24.30 13.34
N LYS K 17 -21.20 -25.12 12.45
CA LYS K 17 -21.48 -26.57 12.41
C LYS K 17 -20.79 -27.25 13.61
N ARG K 18 -21.31 -28.41 14.06
CA ARG K 18 -20.72 -29.16 15.18
C ARG K 18 -19.33 -29.67 14.79
N GLU K 19 -19.21 -30.28 13.60
CA GLU K 19 -17.92 -30.80 13.09
C GLU K 19 -16.87 -29.68 12.98
N HIS K 20 -17.30 -28.45 12.68
CA HIS K 20 -16.40 -27.30 12.57
C HIS K 20 -15.91 -26.87 13.95
N ALA K 21 -16.81 -26.78 14.94
CA ALA K 21 -16.47 -26.40 16.31
C ALA K 21 -15.63 -27.47 17.04
N LEU K 22 -15.74 -28.75 16.63
CA LEU K 22 -14.99 -29.86 17.25
C LEU K 22 -13.47 -29.79 17.01
N THR K 23 -12.97 -28.98 16.05
CA THR K 23 -11.53 -28.83 15.81
C THR K 23 -10.83 -28.28 17.07
N SER K 24 -11.52 -27.43 17.86
CA SER K 24 -10.99 -26.91 19.12
C SER K 24 -11.14 -27.99 20.20
N GLY K 25 -10.03 -28.34 20.86
CA GLY K 25 -10.03 -29.34 21.93
C GLY K 25 -10.78 -28.89 23.17
N THR K 26 -10.78 -27.57 23.46
CA THR K 26 -11.50 -27.02 24.62
C THR K 26 -13.01 -27.11 24.41
N ILE K 27 -13.51 -26.74 23.22
CA ILE K 27 -14.94 -26.81 22.91
C ILE K 27 -15.39 -28.28 22.90
N LYS K 28 -14.55 -29.19 22.37
CA LYS K 28 -14.82 -30.64 22.35
C LYS K 28 -15.10 -31.19 23.76
N ALA K 29 -14.36 -30.70 24.78
CA ALA K 29 -14.54 -31.10 26.18
C ALA K 29 -15.82 -30.50 26.76
N MET K 30 -16.14 -29.23 26.43
CA MET K 30 -17.33 -28.55 26.94
C MET K 30 -18.63 -29.20 26.45
N LEU K 31 -18.70 -29.58 25.15
CA LEU K 31 -19.90 -30.22 24.59
C LEU K 31 -20.12 -31.63 25.15
N SER K 32 -19.04 -32.38 25.46
CA SER K 32 -19.15 -33.72 26.04
C SER K 32 -17.83 -34.17 26.66
N ASN K 43 -25.62 -27.48 23.11
CA ASN K 43 -25.33 -26.75 21.88
C ASN K 43 -24.94 -25.27 22.11
N GLU K 44 -25.14 -24.72 23.34
CA GLU K 44 -24.85 -23.33 23.67
C GLU K 44 -23.56 -23.24 24.50
N VAL K 45 -22.60 -22.39 24.05
CA VAL K 45 -21.32 -22.17 24.74
C VAL K 45 -21.06 -20.67 24.82
N ASN K 46 -20.79 -20.15 26.04
CA ASN K 46 -20.54 -18.73 26.28
C ASN K 46 -19.07 -18.49 26.62
N PHE K 47 -18.46 -17.44 26.01
CA PHE K 47 -17.07 -17.04 26.25
C PHE K 47 -17.10 -15.66 26.89
N ARG K 48 -16.84 -15.58 28.20
CA ARG K 48 -16.87 -14.31 28.95
C ARG K 48 -15.60 -13.46 28.75
N GLU K 49 -14.52 -14.01 28.12
CA GLU K 49 -13.25 -13.31 27.90
C GLU K 49 -12.87 -13.07 26.42
N ILE K 50 -13.59 -13.68 25.44
CA ILE K 50 -13.26 -13.54 24.00
C ILE K 50 -14.19 -12.52 23.31
N PRO K 51 -13.67 -11.43 22.68
CA PRO K 51 -14.58 -10.51 21.96
C PRO K 51 -15.12 -11.07 20.64
N SER K 52 -16.08 -10.36 20.03
CA SER K 52 -16.73 -10.78 18.78
C SER K 52 -15.80 -10.80 17.57
N HIS K 53 -14.96 -9.76 17.38
CA HIS K 53 -14.02 -9.70 16.26
C HIS K 53 -12.99 -10.84 16.30
N VAL K 54 -12.70 -11.37 17.50
CA VAL K 54 -11.80 -12.51 17.70
C VAL K 54 -12.57 -13.81 17.43
N LEU K 55 -13.75 -13.98 18.05
CA LEU K 55 -14.55 -15.20 17.87
C LEU K 55 -14.98 -15.43 16.42
N SER K 56 -15.25 -14.34 15.67
CA SER K 56 -15.61 -14.47 14.25
C SER K 56 -14.39 -15.01 13.48
N LYS K 57 -13.18 -14.48 13.80
CA LYS K 57 -11.93 -14.95 13.17
C LYS K 57 -11.60 -16.41 13.56
N VAL K 58 -11.99 -16.83 14.79
CA VAL K 58 -11.84 -18.22 15.23
C VAL K 58 -12.80 -19.10 14.41
N CYS K 59 -14.03 -18.62 14.18
CA CYS K 59 -15.02 -19.34 13.37
C CYS K 59 -14.59 -19.39 11.89
N MET K 60 -13.87 -18.35 11.40
CA MET K 60 -13.32 -18.35 10.04
C MET K 60 -12.23 -19.42 9.94
N TYR K 61 -11.43 -19.61 11.02
CA TYR K 61 -10.40 -20.65 11.06
C TYR K 61 -11.03 -22.06 11.05
N PHE K 62 -12.17 -22.24 11.74
CA PHE K 62 -12.85 -23.54 11.78
C PHE K 62 -13.32 -23.95 10.38
N THR K 63 -13.89 -23.01 9.61
CA THR K 63 -14.32 -23.27 8.22
C THR K 63 -13.10 -23.51 7.32
N TYR K 64 -11.98 -22.80 7.60
CA TYR K 64 -10.72 -22.94 6.88
C TYR K 64 -10.07 -24.30 7.12
N LYS K 65 -9.95 -24.73 8.40
CA LYS K 65 -9.32 -26.01 8.72
C LYS K 65 -10.07 -27.19 8.09
N VAL K 66 -11.33 -27.44 8.48
CA VAL K 66 -12.11 -28.59 7.97
C VAL K 66 -12.16 -28.66 6.44
N ARG K 67 -12.14 -27.51 5.74
CA ARG K 67 -12.14 -27.49 4.27
C ARG K 67 -10.81 -27.98 3.72
N TYR K 68 -9.71 -27.35 4.14
CA TYR K 68 -8.36 -27.65 3.63
C TYR K 68 -7.62 -28.83 4.32
N THR K 69 -8.21 -29.51 5.34
CA THR K 69 -7.55 -30.71 5.91
C THR K 69 -7.74 -31.84 4.90
N ASN K 70 -6.69 -32.65 4.67
CA ASN K 70 -6.71 -33.76 3.71
C ASN K 70 -6.94 -33.27 2.24
N SER K 71 -6.65 -31.97 1.94
CA SER K 71 -6.80 -31.40 0.61
C SER K 71 -5.43 -31.36 -0.05
N SER K 72 -5.15 -32.32 -0.94
CA SER K 72 -3.87 -32.43 -1.64
C SER K 72 -3.70 -31.42 -2.79
N THR K 73 -4.76 -30.69 -3.19
CA THR K 73 -4.72 -29.71 -4.27
C THR K 73 -3.64 -28.62 -4.06
N GLU K 74 -3.85 -27.76 -3.05
CA GLU K 74 -2.98 -26.63 -2.69
C GLU K 74 -3.70 -25.89 -1.55
N ILE K 75 -2.96 -25.46 -0.51
CA ILE K 75 -3.54 -24.80 0.65
C ILE K 75 -3.20 -23.30 0.66
N PRO K 76 -4.20 -22.40 0.67
CA PRO K 76 -3.88 -20.96 0.77
C PRO K 76 -3.53 -20.61 2.21
N GLU K 77 -2.76 -19.54 2.43
CA GLU K 77 -2.38 -19.14 3.79
C GLU K 77 -3.52 -18.43 4.50
N PHE K 78 -3.64 -18.65 5.82
CA PHE K 78 -4.68 -18.01 6.64
C PHE K 78 -4.20 -16.59 6.98
N PRO K 79 -4.86 -15.53 6.46
CA PRO K 79 -4.40 -14.17 6.75
C PRO K 79 -4.80 -13.71 8.15
N ILE K 80 -3.86 -13.09 8.88
CA ILE K 80 -4.11 -12.53 10.21
C ILE K 80 -3.60 -11.11 10.17
N ALA K 81 -4.49 -10.11 10.35
CA ALA K 81 -4.09 -8.71 10.33
C ALA K 81 -3.29 -8.36 11.60
N PRO K 82 -2.35 -7.40 11.55
CA PRO K 82 -1.58 -7.06 12.76
C PRO K 82 -2.41 -6.55 13.95
N GLU K 83 -3.59 -5.98 13.70
CA GLU K 83 -4.46 -5.42 14.76
C GLU K 83 -5.12 -6.48 15.64
N ILE K 84 -5.29 -7.71 15.15
CA ILE K 84 -5.99 -8.80 15.85
C ILE K 84 -5.07 -10.01 16.21
N ALA K 85 -3.78 -9.99 15.80
CA ALA K 85 -2.83 -11.09 16.06
C ALA K 85 -2.63 -11.44 17.53
N LEU K 86 -2.66 -10.44 18.43
CA LEU K 86 -2.43 -10.65 19.87
C LEU K 86 -3.65 -11.25 20.57
N GLU K 87 -4.86 -10.72 20.34
CA GLU K 87 -6.07 -11.26 20.99
C GLU K 87 -6.44 -12.62 20.43
N LEU K 88 -6.23 -12.84 19.12
CA LEU K 88 -6.53 -14.12 18.49
C LEU K 88 -5.56 -15.22 18.96
N LEU K 89 -4.31 -14.84 19.37
CA LEU K 89 -3.32 -15.78 19.90
C LEU K 89 -3.78 -16.28 21.27
N MET K 90 -4.20 -15.37 22.16
CA MET K 90 -4.70 -15.71 23.50
C MET K 90 -5.95 -16.59 23.42
N ALA K 91 -6.81 -16.36 22.40
CA ALA K 91 -8.00 -17.17 22.18
C ALA K 91 -7.62 -18.57 21.72
N ALA K 92 -6.68 -18.66 20.75
CA ALA K 92 -6.20 -19.94 20.20
C ALA K 92 -5.53 -20.82 21.26
N ASN K 93 -4.77 -20.22 22.19
CA ASN K 93 -4.10 -20.96 23.26
C ASN K 93 -5.12 -21.50 24.26
N PHE K 94 -6.11 -20.67 24.62
CA PHE K 94 -7.18 -21.07 25.53
C PHE K 94 -8.07 -22.13 24.87
N LEU K 95 -8.41 -21.93 23.59
CA LEU K 95 -9.24 -22.89 22.85
C LEU K 95 -8.50 -24.18 22.47
N ASP K 96 -7.16 -24.16 22.35
CA ASP K 96 -6.35 -25.33 21.97
C ASP K 96 -6.73 -25.76 20.54
N CYS K 97 -6.44 -24.89 19.56
CA CYS K 97 -6.75 -25.11 18.14
C CYS K 97 -5.64 -24.56 17.25
N PRO L 8 25.63 -46.58 15.92
CA PRO L 8 24.42 -45.79 16.18
C PRO L 8 24.24 -44.70 15.14
N ARG L 9 24.18 -45.11 13.87
CA ARG L 9 23.98 -44.17 12.76
C ARG L 9 22.58 -43.58 12.87
N PRO L 10 22.40 -42.29 12.51
CA PRO L 10 21.05 -41.72 12.53
C PRO L 10 20.12 -42.42 11.53
N VAL L 11 18.81 -42.47 11.83
CA VAL L 11 17.85 -43.13 10.93
C VAL L 11 17.56 -42.23 9.73
N LEU L 12 17.40 -40.92 9.96
CA LEU L 12 17.11 -39.97 8.90
C LEU L 12 18.40 -39.41 8.29
N ARG L 13 18.81 -39.99 7.15
CA ARG L 13 20.01 -39.57 6.42
C ARG L 13 19.94 -40.05 4.97
N SER L 14 20.80 -39.49 4.09
CA SER L 14 20.84 -39.91 2.69
C SER L 14 21.61 -41.23 2.57
N VAL L 15 21.22 -42.05 1.59
CA VAL L 15 21.85 -43.34 1.29
C VAL L 15 22.78 -43.09 0.12
N ASN L 16 24.08 -43.40 0.26
CA ASN L 16 25.05 -43.18 -0.82
C ASN L 16 24.85 -44.24 -1.91
N SER L 17 23.82 -44.03 -2.75
CA SER L 17 23.47 -44.95 -3.84
C SER L 17 24.34 -44.67 -5.06
N ARG L 18 24.55 -43.36 -5.35
CA ARG L 18 25.33 -42.83 -6.48
C ARG L 18 24.62 -43.08 -7.82
N GLU L 19 23.29 -43.33 -7.80
CA GLU L 19 22.49 -43.58 -9.01
C GLU L 19 21.75 -42.28 -9.32
N PRO L 20 22.04 -41.56 -10.42
CA PRO L 20 21.33 -40.29 -10.68
C PRO L 20 19.80 -40.37 -10.65
N SER L 21 19.16 -39.27 -10.23
CA SER L 21 17.71 -39.19 -10.12
C SER L 21 17.23 -37.75 -10.34
N GLN L 22 16.53 -37.51 -11.45
CA GLN L 22 15.99 -36.18 -11.79
C GLN L 22 14.72 -35.92 -10.97
N VAL L 23 14.67 -34.77 -10.27
CA VAL L 23 13.53 -34.36 -9.44
C VAL L 23 13.05 -32.97 -9.86
N ILE L 24 11.74 -32.69 -9.67
CA ILE L 24 11.12 -31.40 -9.97
C ILE L 24 10.62 -30.80 -8.65
N PHE L 25 11.33 -29.79 -8.13
CA PHE L 25 10.93 -29.08 -6.92
C PHE L 25 10.02 -27.94 -7.37
N CYS L 26 8.80 -27.81 -6.87
CA CYS L 26 8.03 -26.63 -7.26
C CYS L 26 7.23 -26.09 -6.08
N ASN L 27 7.44 -24.80 -5.81
CA ASN L 27 6.88 -24.08 -4.68
C ASN L 27 5.45 -23.61 -4.94
N ARG L 28 4.44 -24.27 -4.33
CA ARG L 28 3.05 -23.82 -4.39
C ARG L 28 2.62 -23.44 -2.99
N SER L 29 3.27 -22.38 -2.52
CA SER L 29 3.01 -21.74 -1.24
C SER L 29 3.41 -20.26 -1.33
N PRO L 30 2.81 -19.35 -0.52
CA PRO L 30 3.24 -17.94 -0.60
C PRO L 30 4.55 -17.61 0.13
N ARG L 31 5.34 -18.62 0.52
CA ARG L 31 6.60 -18.46 1.26
C ARG L 31 7.81 -18.69 0.33
N VAL L 32 8.99 -18.18 0.74
CA VAL L 32 10.24 -18.39 0.01
C VAL L 32 10.77 -19.73 0.53
N VAL L 33 10.52 -20.82 -0.20
CA VAL L 33 10.90 -22.17 0.22
C VAL L 33 12.41 -22.37 0.14
N LEU L 34 12.98 -23.04 1.15
CA LEU L 34 14.41 -23.33 1.26
C LEU L 34 14.59 -24.86 1.28
N PRO L 35 15.08 -25.50 0.20
CA PRO L 35 15.31 -26.95 0.24
C PRO L 35 16.43 -27.33 1.21
N VAL L 36 16.19 -28.32 2.09
CA VAL L 36 17.17 -28.78 3.07
C VAL L 36 17.50 -30.25 2.79
N TRP L 37 18.77 -30.56 2.47
CA TRP L 37 19.24 -31.90 2.19
C TRP L 37 19.90 -32.49 3.44
N LEU L 38 19.46 -33.67 3.87
CA LEU L 38 20.05 -34.35 5.03
C LEU L 38 21.18 -35.22 4.49
N ASN L 39 22.43 -34.83 4.78
CA ASN L 39 23.63 -35.49 4.23
C ASN L 39 23.84 -36.93 4.74
N PHE L 40 24.96 -37.58 4.34
CA PHE L 40 25.26 -38.97 4.71
C PHE L 40 25.52 -39.19 6.22
N ASP L 41 25.80 -38.11 6.99
CA ASP L 41 25.99 -38.18 8.44
C ASP L 41 24.73 -37.73 9.21
N GLY L 42 23.62 -37.49 8.51
CA GLY L 42 22.36 -37.07 9.10
C GLY L 42 22.18 -35.58 9.35
N GLU L 43 23.23 -34.75 9.15
CA GLU L 43 23.13 -33.30 9.40
C GLU L 43 22.43 -32.59 8.22
N PRO L 44 21.63 -31.54 8.48
CA PRO L 44 20.99 -30.82 7.36
C PRO L 44 21.93 -29.86 6.65
N GLN L 45 21.63 -29.55 5.37
CA GLN L 45 22.43 -28.64 4.54
C GLN L 45 21.51 -27.76 3.69
N PRO L 46 21.72 -26.42 3.66
CA PRO L 46 20.85 -25.56 2.82
C PRO L 46 21.20 -25.62 1.34
N TYR L 47 20.22 -25.27 0.49
CA TYR L 47 20.35 -25.23 -0.97
C TYR L 47 19.69 -23.96 -1.52
N PRO L 48 19.91 -23.58 -2.80
CA PRO L 48 19.29 -22.33 -3.31
C PRO L 48 17.77 -22.24 -3.11
N THR L 49 17.29 -21.08 -2.65
CA THR L 49 15.86 -20.86 -2.35
C THR L 49 14.99 -20.83 -3.61
N LEU L 50 13.69 -21.09 -3.42
CA LEU L 50 12.68 -21.12 -4.47
C LEU L 50 11.65 -19.99 -4.27
N PRO L 51 11.59 -18.96 -5.14
CA PRO L 51 10.57 -17.90 -4.93
C PRO L 51 9.12 -18.43 -5.03
N PRO L 52 8.11 -17.74 -4.45
CA PRO L 52 6.73 -18.25 -4.51
C PRO L 52 6.18 -18.47 -5.92
N GLY L 53 5.63 -19.65 -6.16
CA GLY L 53 5.04 -20.00 -7.46
C GLY L 53 6.03 -20.28 -8.57
N THR L 54 7.17 -20.93 -8.26
CA THR L 54 8.19 -21.28 -9.25
C THR L 54 8.57 -22.76 -9.16
N GLY L 55 9.00 -23.32 -10.29
CA GLY L 55 9.41 -24.72 -10.40
C GLY L 55 10.71 -24.89 -11.15
N ARG L 56 11.66 -25.65 -10.56
CA ARG L 56 12.98 -25.92 -11.14
C ARG L 56 13.24 -27.42 -11.21
N ARG L 57 13.79 -27.89 -12.34
CA ARG L 57 14.13 -29.29 -12.55
C ARG L 57 15.58 -29.50 -12.10
N ILE L 58 15.78 -30.18 -10.96
CA ILE L 58 17.12 -30.41 -10.39
C ILE L 58 17.64 -31.80 -10.74
N HIS L 59 18.86 -32.10 -10.29
CA HIS L 59 19.52 -33.39 -10.47
C HIS L 59 19.93 -33.88 -9.07
N SER L 60 19.24 -34.91 -8.56
CA SER L 60 19.49 -35.51 -7.25
C SER L 60 19.91 -36.97 -7.44
N TYR L 61 19.95 -37.77 -6.35
CA TYR L 61 20.34 -39.19 -6.40
C TYR L 61 19.31 -40.05 -5.66
N ARG L 62 19.34 -41.37 -5.91
CA ARG L 62 18.37 -42.32 -5.33
C ARG L 62 18.56 -42.52 -3.82
N GLY L 63 17.46 -42.54 -3.07
CA GLY L 63 17.50 -42.75 -1.63
C GLY L 63 18.04 -41.58 -0.82
N HIS L 64 18.03 -40.36 -1.40
CA HIS L 64 18.52 -39.15 -0.72
C HIS L 64 17.36 -38.47 0.01
N LEU L 65 17.49 -38.24 1.32
CA LEU L 65 16.41 -37.65 2.11
C LEU L 65 16.40 -36.13 2.04
N TRP L 66 15.22 -35.53 1.82
CA TRP L 66 14.99 -34.09 1.71
C TRP L 66 13.86 -33.64 2.63
N LEU L 67 13.92 -32.38 3.05
CA LEU L 67 12.86 -31.72 3.83
C LEU L 67 12.87 -30.24 3.46
N PHE L 68 11.71 -29.58 3.52
CA PHE L 68 11.58 -28.19 3.08
C PHE L 68 11.04 -27.29 4.19
N ARG L 69 11.66 -26.11 4.36
CA ARG L 69 11.27 -25.10 5.34
C ARG L 69 11.28 -23.72 4.71
N ASP L 70 10.80 -22.71 5.45
CA ASP L 70 10.77 -21.31 4.99
C ASP L 70 12.21 -20.78 5.06
N ALA L 71 12.58 -19.88 4.13
CA ALA L 71 13.93 -19.32 4.10
C ALA L 71 14.24 -18.39 5.28
N GLY L 72 13.27 -17.57 5.68
CA GLY L 72 13.44 -16.62 6.78
C GLY L 72 13.03 -17.14 8.14
N THR L 73 11.76 -17.57 8.26
CA THR L 73 11.18 -18.04 9.54
C THR L 73 11.48 -19.50 9.90
N HIS L 74 11.95 -20.33 8.94
CA HIS L 74 12.24 -21.77 9.13
C HIS L 74 10.99 -22.61 9.52
N ASP L 75 9.75 -22.13 9.24
CA ASP L 75 8.53 -22.89 9.54
C ASP L 75 8.46 -24.11 8.63
N GLY L 76 7.89 -25.20 9.15
CA GLY L 76 7.76 -26.45 8.42
C GLY L 76 6.80 -26.39 7.26
N LEU L 77 7.17 -27.05 6.14
CA LEU L 77 6.38 -27.13 4.92
C LEU L 77 6.23 -28.57 4.49
N LEU L 78 5.01 -28.97 4.10
CA LEU L 78 4.79 -30.33 3.60
C LEU L 78 5.28 -30.46 2.17
N VAL L 79 5.63 -31.71 1.79
CA VAL L 79 6.06 -32.10 0.44
C VAL L 79 5.31 -33.41 0.11
N ASN L 80 4.39 -33.35 -0.87
CA ASN L 80 3.46 -34.41 -1.27
C ASN L 80 2.61 -34.86 -0.06
N GLN L 81 2.10 -33.90 0.74
CA GLN L 81 1.29 -34.14 1.94
C GLN L 81 2.02 -34.98 3.01
N THR L 82 3.34 -34.77 3.17
CA THR L 82 4.15 -35.44 4.19
C THR L 82 5.34 -34.55 4.56
N GLU L 83 6.02 -34.86 5.68
CA GLU L 83 7.13 -34.03 6.17
C GLU L 83 8.46 -34.26 5.45
N LEU L 84 8.75 -35.50 5.00
CA LEU L 84 10.01 -35.86 4.33
C LEU L 84 9.77 -36.31 2.89
N PHE L 85 10.80 -36.17 2.03
CA PHE L 85 10.74 -36.59 0.63
C PHE L 85 11.97 -37.41 0.25
N VAL L 86 11.77 -38.53 -0.45
CA VAL L 86 12.83 -39.43 -0.93
C VAL L 86 12.57 -39.75 -2.40
N PRO L 87 13.50 -39.46 -3.34
CA PRO L 87 13.27 -39.81 -4.75
C PRO L 87 12.94 -41.29 -4.94
N SER L 88 11.77 -41.58 -5.52
CA SER L 88 11.32 -42.96 -5.74
C SER L 88 12.20 -43.66 -6.79
N LEU L 89 12.25 -43.15 -8.05
CA LEU L 89 13.09 -43.68 -9.17
C LEU L 89 12.86 -42.93 -10.49
N ASN L 90 13.69 -43.21 -11.51
CA ASN L 90 13.55 -42.66 -12.85
C ASN L 90 13.24 -43.83 -13.80
N VAL L 91 12.05 -44.45 -13.58
CA VAL L 91 11.48 -45.59 -14.32
C VAL L 91 11.95 -45.68 -15.78
N ASP L 92 11.40 -44.84 -16.66
CA ASP L 92 11.75 -44.77 -18.08
C ASP L 92 12.24 -43.34 -18.38
N GLY L 93 13.17 -42.87 -17.55
CA GLY L 93 13.71 -41.52 -17.65
C GLY L 93 12.69 -40.44 -17.33
N GLN L 94 11.68 -40.78 -16.49
CA GLN L 94 10.59 -39.87 -16.12
C GLN L 94 10.96 -39.09 -14.85
N PRO L 95 10.80 -37.75 -14.81
CA PRO L 95 11.14 -37.01 -13.58
C PRO L 95 10.22 -37.30 -12.40
N ILE L 96 10.77 -37.22 -11.18
CA ILE L 96 9.99 -37.43 -9.96
C ILE L 96 9.51 -36.05 -9.55
N PHE L 97 8.26 -35.94 -9.10
CA PHE L 97 7.69 -34.65 -8.75
C PHE L 97 7.55 -34.45 -7.24
N ALA L 98 7.95 -33.27 -6.74
CA ALA L 98 7.90 -32.89 -5.32
C ALA L 98 7.04 -31.64 -5.16
N ASN L 99 5.76 -31.86 -4.82
CA ASN L 99 4.75 -30.81 -4.60
C ASN L 99 4.91 -30.21 -3.20
N ILE L 100 5.53 -29.01 -3.10
CA ILE L 100 5.76 -28.37 -1.81
C ILE L 100 4.57 -27.45 -1.51
N THR L 101 3.83 -27.74 -0.42
CA THR L 101 2.63 -26.99 0.00
C THR L 101 2.70 -26.58 1.46
N LEU L 102 1.81 -25.63 1.84
CA LEU L 102 1.71 -25.15 3.21
C LEU L 102 0.97 -26.18 4.07
N PRO L 103 1.40 -26.49 5.31
CA PRO L 103 0.60 -27.39 6.16
C PRO L 103 -0.57 -26.61 6.75
N VAL L 104 -1.63 -27.31 7.15
CA VAL L 104 -2.78 -26.64 7.78
C VAL L 104 -2.37 -26.39 9.23
N TYR L 105 -1.66 -25.27 9.46
CA TYR L 105 -1.14 -24.89 10.78
C TYR L 105 -2.25 -24.71 11.80
N THR L 106 -1.97 -25.03 13.07
CA THR L 106 -2.92 -24.82 14.16
C THR L 106 -3.03 -23.31 14.36
N LEU L 107 -4.23 -22.79 14.63
CA LEU L 107 -4.44 -21.35 14.82
C LEU L 107 -3.47 -20.76 15.85
N LYS L 108 -3.09 -21.53 16.88
CA LYS L 108 -2.12 -21.09 17.88
C LYS L 108 -0.75 -20.90 17.21
N GLU L 109 -0.26 -21.94 16.51
CA GLU L 109 1.03 -21.89 15.81
C GLU L 109 1.03 -20.84 14.69
N ARG L 110 -0.09 -20.68 13.98
CA ARG L 110 -0.19 -19.67 12.91
C ARG L 110 -0.16 -18.27 13.53
N CYS L 111 -0.86 -18.07 14.67
CA CYS L 111 -0.87 -16.77 15.35
C CYS L 111 0.52 -16.41 15.87
N LEU L 112 1.33 -17.40 16.34
CA LEU L 112 2.69 -17.12 16.80
C LEU L 112 3.54 -16.54 15.66
N GLN L 113 3.51 -17.19 14.49
CA GLN L 113 4.26 -16.78 13.29
C GLN L 113 4.01 -15.32 12.89
N VAL L 114 2.77 -14.84 13.03
CA VAL L 114 2.40 -13.47 12.66
C VAL L 114 2.99 -12.50 13.68
N VAL L 115 2.90 -12.82 14.99
CA VAL L 115 3.47 -11.98 16.05
C VAL L 115 5.01 -12.02 15.96
N ARG L 116 5.60 -13.19 15.63
CA ARG L 116 7.05 -13.35 15.48
C ARG L 116 7.62 -12.45 14.37
N SER L 117 6.88 -12.29 13.26
CA SER L 117 7.31 -11.44 12.14
C SER L 117 7.20 -9.94 12.47
N LEU L 118 6.16 -9.54 13.23
CA LEU L 118 5.92 -8.14 13.59
C LEU L 118 6.79 -7.66 14.76
N VAL L 119 7.04 -8.53 15.76
CA VAL L 119 7.80 -8.20 16.97
C VAL L 119 9.24 -8.75 16.90
N LYS L 120 10.21 -8.08 17.56
CA LYS L 120 11.62 -8.50 17.55
C LYS L 120 11.92 -9.49 18.70
N PRO L 121 12.99 -10.32 18.62
CA PRO L 121 13.28 -11.26 19.74
C PRO L 121 13.47 -10.63 21.12
N GLU L 122 13.99 -9.39 21.18
CA GLU L 122 14.19 -8.70 22.46
C GLU L 122 12.87 -8.18 23.05
N ASN L 123 11.91 -7.83 22.19
CA ASN L 123 10.65 -7.22 22.60
C ASN L 123 9.45 -8.19 22.81
N TYR L 124 9.68 -9.51 22.90
CA TYR L 124 8.58 -10.44 23.16
C TYR L 124 8.06 -10.28 24.59
N ARG L 125 8.97 -10.09 25.57
CA ARG L 125 8.59 -9.93 26.99
C ARG L 125 7.76 -8.65 27.25
N ARG L 126 7.88 -7.62 26.39
CA ARG L 126 7.13 -6.36 26.54
C ARG L 126 5.65 -6.43 26.13
N LEU L 127 5.18 -7.53 25.53
CA LEU L 127 3.80 -7.65 25.07
C LEU L 127 2.86 -7.95 26.24
N ASP L 128 1.59 -7.53 26.12
CA ASP L 128 0.57 -7.74 27.17
C ASP L 128 -0.11 -9.10 26.96
N ILE L 129 0.59 -10.18 27.35
CA ILE L 129 0.11 -11.57 27.24
C ILE L 129 0.49 -12.38 28.48
N VAL L 130 -0.05 -13.61 28.60
CA VAL L 130 0.22 -14.49 29.74
C VAL L 130 1.68 -15.01 29.71
N ARG L 131 2.20 -15.47 30.87
CA ARG L 131 3.59 -15.96 30.98
C ARG L 131 3.88 -17.14 30.05
N SER L 132 2.94 -18.10 29.93
CA SER L 132 3.15 -19.29 29.08
C SER L 132 3.32 -18.97 27.59
N LEU L 133 2.73 -17.86 27.10
CA LEU L 133 2.82 -17.48 25.69
C LEU L 133 4.20 -16.91 25.29
N TYR L 134 4.95 -16.28 26.23
CA TYR L 134 6.29 -15.75 25.90
C TYR L 134 7.23 -16.92 25.61
N GLU L 135 7.10 -18.02 26.38
CA GLU L 135 7.93 -19.21 26.22
C GLU L 135 7.62 -19.90 24.87
N ASP L 136 6.35 -19.85 24.42
CA ASP L 136 5.96 -20.42 23.13
C ASP L 136 6.46 -19.51 22.00
N LEU L 137 6.44 -18.17 22.21
CA LEU L 137 6.97 -17.21 21.22
C LEU L 137 8.47 -17.37 21.06
N GLU L 138 9.22 -17.65 22.15
CA GLU L 138 10.66 -17.87 22.08
C GLU L 138 10.99 -19.22 21.42
N ASP L 139 10.08 -20.21 21.51
CA ASP L 139 10.28 -21.54 20.93
C ASP L 139 10.04 -21.43 19.42
N HIS L 140 11.08 -20.94 18.71
CA HIS L 140 11.05 -20.72 17.26
C HIS L 140 11.03 -22.05 16.50
N PRO L 141 10.57 -22.07 15.24
CA PRO L 141 10.66 -23.32 14.46
C PRO L 141 12.14 -23.63 14.18
N ASN L 142 12.57 -24.87 14.48
CA ASN L 142 13.96 -25.29 14.32
C ASN L 142 14.01 -26.62 13.54
N VAL L 143 15.07 -26.82 12.75
CA VAL L 143 15.23 -28.01 11.91
C VAL L 143 15.63 -29.22 12.77
N GLN L 144 16.65 -29.06 13.63
CA GLN L 144 17.16 -30.15 14.49
C GLN L 144 16.07 -30.66 15.45
N LYS L 145 15.24 -29.73 15.99
CA LYS L 145 14.10 -30.05 16.87
C LYS L 145 13.12 -30.98 16.15
N ASP L 146 12.72 -30.61 14.92
CA ASP L 146 11.79 -31.39 14.12
C ASP L 146 12.39 -32.72 13.65
N LEU L 147 13.71 -32.79 13.41
CA LEU L 147 14.37 -34.03 13.04
C LEU L 147 14.37 -35.02 14.21
N GLU L 148 14.40 -34.49 15.45
CA GLU L 148 14.30 -35.28 16.68
C GLU L 148 12.90 -35.89 16.81
N ARG L 149 11.84 -35.11 16.45
CA ARG L 149 10.46 -35.58 16.51
C ARG L 149 10.18 -36.62 15.42
N LEU L 150 10.73 -36.44 14.21
CA LEU L 150 10.54 -37.41 13.12
C LEU L 150 11.33 -38.71 13.36
N THR L 151 12.38 -38.67 14.20
CA THR L 151 13.14 -39.86 14.56
C THR L 151 12.28 -40.74 15.50
N GLN L 152 11.42 -40.12 16.33
CA GLN L 152 10.50 -40.84 17.22
C GLN L 152 9.36 -41.52 16.43
N GLU L 153 8.97 -40.93 15.27
CA GLU L 153 7.90 -41.45 14.39
C GLU L 153 8.24 -42.85 13.85
N ARG L 154 9.50 -43.05 13.40
CA ARG L 154 9.94 -44.35 12.86
C ARG L 154 9.91 -45.46 13.91
N ILE L 155 10.17 -45.13 15.19
CA ILE L 155 10.16 -46.08 16.30
C ILE L 155 8.70 -46.49 16.58
N SER M 7 51.79 27.29 -25.90
CA SER M 7 52.41 25.97 -26.05
C SER M 7 51.32 24.89 -26.20
N PRO M 8 50.96 24.48 -27.43
CA PRO M 8 49.91 23.46 -27.60
C PRO M 8 50.33 22.04 -27.21
N ASN M 9 49.38 21.25 -26.67
CA ASN M 9 49.63 19.87 -26.25
C ASN M 9 49.54 18.90 -27.44
N PRO M 10 50.16 17.70 -27.33
CA PRO M 10 50.02 16.71 -28.43
C PRO M 10 48.56 16.45 -28.81
N PRO M 11 48.19 16.41 -30.11
CA PRO M 11 46.77 16.19 -30.47
C PRO M 11 46.14 14.91 -29.91
N LYS M 12 46.93 13.86 -29.64
CA LYS M 12 46.43 12.61 -29.07
C LYS M 12 45.98 12.79 -27.61
N LEU M 13 46.75 13.57 -26.81
CA LEU M 13 46.46 13.82 -25.39
C LEU M 13 45.14 14.54 -25.20
N THR M 14 44.89 15.64 -25.94
CA THR M 14 43.64 16.40 -25.86
C THR M 14 42.44 15.53 -26.26
N LYS M 15 42.65 14.56 -27.16
CA LYS M 15 41.61 13.60 -27.58
C LYS M 15 41.21 12.73 -26.37
N GLN M 16 42.21 12.25 -25.61
CA GLN M 16 41.99 11.42 -24.43
C GLN M 16 41.43 12.25 -23.27
N MET M 17 41.95 13.48 -23.05
CA MET M 17 41.51 14.38 -21.97
C MET M 17 40.03 14.72 -22.05
N ASN M 18 39.54 15.06 -23.26
CA ASN M 18 38.12 15.36 -23.47
C ASN M 18 37.30 14.07 -23.36
N ALA M 19 37.79 12.95 -23.90
CA ALA M 19 37.03 11.68 -23.85
C ALA M 19 36.85 11.13 -22.43
N ILE M 20 37.87 11.28 -21.56
CA ILE M 20 37.76 10.80 -20.18
C ILE M 20 36.77 11.65 -19.37
N ILE M 21 36.78 12.98 -19.57
CA ILE M 21 35.86 13.89 -18.88
C ILE M 21 34.43 13.76 -19.43
N ASP M 22 34.25 13.67 -20.77
CA ASP M 22 32.92 13.49 -21.38
C ASP M 22 32.20 12.24 -20.84
N THR M 23 32.96 11.17 -20.49
CA THR M 23 32.39 9.96 -19.90
C THR M 23 31.85 10.28 -18.49
N VAL M 24 32.57 11.12 -17.72
CA VAL M 24 32.16 11.58 -16.39
C VAL M 24 30.97 12.57 -16.48
N ILE M 25 30.98 13.48 -17.47
CA ILE M 25 29.90 14.47 -17.64
C ILE M 25 28.60 13.80 -18.15
N ASN M 26 28.71 12.75 -18.98
CA ASN M 26 27.52 12.07 -19.55
C ASN M 26 27.12 10.77 -18.82
N TYR M 27 27.69 10.49 -17.63
CA TYR M 27 27.35 9.27 -16.89
C TYR M 27 25.92 9.36 -16.35
N LYS M 28 25.14 8.29 -16.55
CA LYS M 28 23.76 8.18 -16.08
C LYS M 28 23.62 6.83 -15.37
N ASP M 29 23.19 6.86 -14.09
CA ASP M 29 23.01 5.65 -13.27
C ASP M 29 21.80 4.80 -13.75
N SER M 30 21.46 3.72 -13.02
CA SER M 30 20.31 2.87 -13.37
C SER M 30 19.00 3.66 -13.46
N SER M 31 18.82 4.68 -12.59
CA SER M 31 17.62 5.53 -12.59
C SER M 31 17.55 6.53 -13.76
N GLY M 32 18.66 6.77 -14.45
CA GLY M 32 18.70 7.73 -15.56
C GLY M 32 18.85 9.14 -15.03
N ARG M 33 19.73 9.31 -14.05
CA ARG M 33 19.99 10.58 -13.37
C ARG M 33 21.40 11.02 -13.72
N GLN M 34 21.56 12.21 -14.32
CA GLN M 34 22.90 12.72 -14.64
C GLN M 34 23.50 13.20 -13.32
N LEU M 35 24.45 12.42 -12.78
CA LEU M 35 25.07 12.69 -11.49
C LEU M 35 25.99 13.91 -11.52
N SER M 36 26.55 14.23 -12.71
CA SER M 36 27.49 15.33 -12.90
C SER M 36 26.83 16.72 -13.10
N GLU M 37 25.49 16.81 -13.12
CA GLU M 37 24.77 18.07 -13.37
C GLU M 37 25.03 19.19 -12.35
N VAL M 38 25.05 18.90 -11.05
CA VAL M 38 25.29 19.92 -10.02
C VAL M 38 26.76 20.38 -10.03
N PHE M 39 27.69 19.50 -10.47
CA PHE M 39 29.13 19.79 -10.52
C PHE M 39 29.60 20.55 -11.78
N ILE M 40 28.70 21.03 -12.66
CA ILE M 40 29.09 21.75 -13.88
C ILE M 40 29.53 23.18 -13.55
N GLN M 41 28.78 23.89 -12.71
CA GLN M 41 29.07 25.28 -12.32
C GLN M 41 29.01 25.39 -10.80
N LEU M 42 29.97 26.09 -10.17
CA LEU M 42 30.02 26.30 -8.72
C LEU M 42 28.79 27.07 -8.23
N PRO M 43 28.40 26.96 -6.94
CA PRO M 43 27.28 27.76 -6.45
C PRO M 43 27.67 29.23 -6.43
N SER M 44 26.71 30.15 -6.65
CA SER M 44 27.01 31.58 -6.66
C SER M 44 27.44 32.05 -5.27
N ARG M 45 28.39 32.99 -5.21
CA ARG M 45 28.91 33.56 -3.95
C ARG M 45 27.77 34.18 -3.12
N LYS M 46 26.76 34.77 -3.79
CA LYS M 46 25.59 35.36 -3.13
C LYS M 46 24.64 34.29 -2.59
N GLU M 47 24.51 33.14 -3.30
CA GLU M 47 23.64 32.02 -2.87
C GLU M 47 24.20 31.33 -1.64
N LEU M 48 25.47 30.88 -1.71
CA LEU M 48 26.13 30.14 -0.64
C LEU M 48 27.50 30.75 -0.27
N PRO M 49 27.53 31.81 0.57
CA PRO M 49 28.83 32.37 1.00
C PRO M 49 29.64 31.35 1.80
N GLU M 50 28.95 30.61 2.70
CA GLU M 50 29.47 29.53 3.54
C GLU M 50 30.31 28.48 2.80
N TYR M 51 29.99 28.20 1.51
CA TYR M 51 30.74 27.24 0.69
C TYR M 51 32.17 27.71 0.46
N TYR M 52 32.32 28.97 0.03
CA TYR M 52 33.64 29.57 -0.25
C TYR M 52 34.50 29.78 1.01
N GLU M 53 33.87 29.89 2.21
CA GLU M 53 34.61 30.02 3.46
C GLU M 53 35.20 28.67 3.85
N LEU M 54 34.44 27.57 3.60
CA LEU M 54 34.87 26.20 3.90
C LEU M 54 35.93 25.74 2.90
N ILE M 55 35.64 25.87 1.58
CA ILE M 55 36.55 25.44 0.51
C ILE M 55 37.77 26.36 0.44
N ARG M 56 38.95 25.75 0.17
CA ARG M 56 40.23 26.45 0.05
C ARG M 56 40.50 26.81 -1.42
N LYS M 57 40.24 25.88 -2.35
CA LYS M 57 40.43 26.08 -3.80
C LYS M 57 39.20 25.58 -4.58
N PRO M 58 38.22 26.46 -4.91
CA PRO M 58 37.03 26.00 -5.66
C PRO M 58 37.34 25.58 -7.10
N VAL M 59 36.62 24.54 -7.59
CA VAL M 59 36.79 24.03 -8.97
C VAL M 59 35.51 23.29 -9.42
N ASP M 60 35.15 23.42 -10.72
CA ASP M 60 33.97 22.78 -11.32
C ASP M 60 34.31 22.18 -12.70
N PHE M 61 33.44 21.32 -13.25
CA PHE M 61 33.68 20.70 -14.57
C PHE M 61 33.75 21.72 -15.72
N LYS M 62 33.12 22.92 -15.56
CA LYS M 62 33.22 23.98 -16.56
C LYS M 62 34.68 24.48 -16.60
N LYS M 63 35.32 24.61 -15.42
CA LYS M 63 36.72 25.03 -15.32
C LYS M 63 37.67 23.92 -15.80
N ILE M 64 37.31 22.63 -15.58
CA ILE M 64 38.14 21.51 -16.04
C ILE M 64 38.11 21.46 -17.58
N LYS M 65 36.92 21.61 -18.20
CA LYS M 65 36.79 21.62 -19.68
C LYS M 65 37.58 22.80 -20.28
N GLU M 66 37.52 23.98 -19.64
CA GLU M 66 38.24 25.17 -20.10
C GLU M 66 39.77 24.98 -19.98
N ARG M 67 40.23 24.34 -18.90
CA ARG M 67 41.67 24.09 -18.71
C ARG M 67 42.21 23.03 -19.70
N ILE M 68 41.36 22.10 -20.19
CA ILE M 68 41.78 21.10 -21.18
C ILE M 68 42.00 21.76 -22.54
N ARG M 69 41.05 22.60 -23.00
CA ARG M 69 41.17 23.28 -24.29
C ARG M 69 42.28 24.35 -24.27
N ASN M 70 42.61 24.91 -23.09
CA ASN M 70 43.67 25.91 -22.92
C ASN M 70 45.06 25.28 -22.64
N HIS M 71 45.14 23.93 -22.51
CA HIS M 71 46.37 23.17 -22.31
C HIS M 71 47.07 23.46 -20.96
N LYS M 72 46.31 23.48 -19.86
CA LYS M 72 46.86 23.70 -18.52
C LYS M 72 47.37 22.38 -17.95
N TYR M 73 46.67 21.25 -18.22
CA TYR M 73 47.11 19.92 -17.80
C TYR M 73 47.96 19.35 -18.93
N ARG M 74 49.29 19.43 -18.82
CA ARG M 74 50.20 18.91 -19.85
C ARG M 74 50.46 17.40 -19.73
N SER M 75 49.92 16.73 -18.67
CA SER M 75 50.05 15.29 -18.45
C SER M 75 48.71 14.72 -17.93
N LEU M 76 48.48 13.41 -18.12
CA LEU M 76 47.26 12.74 -17.66
C LEU M 76 47.14 12.79 -16.12
N GLY M 77 48.26 12.65 -15.43
CA GLY M 77 48.31 12.73 -13.96
C GLY M 77 47.86 14.06 -13.40
N ASP M 78 48.10 15.16 -14.14
CA ASP M 78 47.69 16.50 -13.73
C ASP M 78 46.16 16.66 -13.83
N LEU M 79 45.50 16.02 -14.83
CA LEU M 79 44.04 16.07 -15.00
C LEU M 79 43.32 15.37 -13.84
N GLU M 80 43.80 14.17 -13.44
CA GLU M 80 43.21 13.39 -12.34
C GLU M 80 43.17 14.20 -11.06
N LYS M 81 44.31 14.79 -10.65
CA LYS M 81 44.43 15.57 -9.42
C LYS M 81 43.33 16.63 -9.24
N ASP M 82 42.94 17.32 -10.32
CA ASP M 82 41.87 18.33 -10.24
C ASP M 82 40.48 17.71 -10.22
N VAL M 83 40.30 16.50 -10.81
CA VAL M 83 39.03 15.76 -10.71
C VAL M 83 38.93 15.22 -9.27
N MET M 84 40.07 14.80 -8.66
CA MET M 84 40.11 14.35 -7.26
C MET M 84 39.90 15.53 -6.32
N LEU M 85 40.38 16.74 -6.69
CA LEU M 85 40.18 17.97 -5.91
C LEU M 85 38.70 18.33 -5.90
N LEU M 86 38.04 18.23 -7.08
CA LEU M 86 36.60 18.49 -7.23
C LEU M 86 35.83 17.53 -6.32
N CYS M 87 36.19 16.24 -6.36
CA CYS M 87 35.55 15.22 -5.53
C CYS M 87 35.85 15.44 -4.04
N HIS M 88 37.09 15.88 -3.71
CA HIS M 88 37.48 16.17 -2.32
C HIS M 88 36.71 17.40 -1.79
N ASN M 89 36.50 18.42 -2.64
CA ASN M 89 35.74 19.63 -2.25
C ASN M 89 34.28 19.26 -1.96
N ALA M 90 33.71 18.32 -2.72
CA ALA M 90 32.34 17.85 -2.50
C ALA M 90 32.25 17.09 -1.20
N GLN M 91 33.17 16.14 -0.97
CA GLN M 91 33.20 15.34 0.27
C GLN M 91 33.54 16.18 1.52
N THR M 92 34.20 17.35 1.35
CA THR M 92 34.53 18.25 2.47
C THR M 92 33.30 19.06 2.89
N PHE M 93 32.65 19.77 1.95
CA PHE M 93 31.47 20.60 2.24
C PHE M 93 30.25 19.75 2.57
N ASN M 94 29.95 18.75 1.72
CA ASN M 94 28.80 17.88 1.94
C ASN M 94 29.12 16.81 2.98
N LEU M 95 28.13 16.50 3.81
CA LEU M 95 28.26 15.54 4.91
C LEU M 95 28.14 14.10 4.41
N GLU M 96 28.61 13.13 5.19
CA GLU M 96 28.54 11.71 4.78
C GLU M 96 27.08 11.23 4.82
N GLY M 97 26.66 10.55 3.75
CA GLY M 97 25.30 10.03 3.63
C GLY M 97 24.41 10.84 2.71
N SER M 98 24.76 12.11 2.40
CA SER M 98 23.95 12.95 1.51
C SER M 98 24.09 12.52 0.05
N GLN M 99 23.23 13.05 -0.82
CA GLN M 99 23.20 12.70 -2.23
C GLN M 99 24.46 13.13 -2.96
N ILE M 100 24.86 14.40 -2.78
CA ILE M 100 26.06 14.97 -3.42
C ILE M 100 27.33 14.23 -2.98
N TYR M 101 27.40 13.80 -1.71
CA TYR M 101 28.54 13.05 -1.16
C TYR M 101 28.66 11.70 -1.87
N GLU M 102 27.53 10.98 -2.00
CA GLU M 102 27.51 9.69 -2.68
C GLU M 102 27.67 9.83 -4.21
N ASP M 103 27.17 10.95 -4.80
CA ASP M 103 27.33 11.19 -6.25
C ASP M 103 28.80 11.38 -6.60
N SER M 104 29.54 12.20 -5.80
CA SER M 104 30.98 12.42 -6.02
C SER M 104 31.79 11.12 -5.87
N ILE M 105 31.35 10.22 -4.95
CA ILE M 105 31.99 8.91 -4.75
C ILE M 105 31.80 8.03 -6.00
N VAL M 106 30.62 8.10 -6.65
CA VAL M 106 30.34 7.34 -7.87
C VAL M 106 31.17 7.93 -9.02
N LEU M 107 31.20 9.26 -9.17
CA LEU M 107 31.98 9.92 -10.23
C LEU M 107 33.50 9.72 -10.05
N GLN M 108 33.97 9.42 -8.82
CA GLN M 108 35.37 9.10 -8.55
C GLN M 108 35.72 7.79 -9.26
N SER M 109 34.92 6.74 -9.03
CA SER M 109 35.10 5.42 -9.63
C SER M 109 34.90 5.41 -11.16
N VAL M 110 34.04 6.31 -11.71
CA VAL M 110 33.83 6.39 -13.17
C VAL M 110 35.08 6.96 -13.85
N PHE M 111 35.73 7.98 -13.24
CA PHE M 111 36.95 8.56 -13.78
C PHE M 111 38.07 7.51 -13.79
N LYS M 112 38.27 6.80 -12.67
CA LYS M 112 39.29 5.75 -12.56
C LYS M 112 38.99 4.59 -13.53
N SER M 113 37.71 4.24 -13.74
CA SER M 113 37.31 3.19 -14.67
C SER M 113 37.50 3.65 -16.13
N ALA M 114 37.27 4.94 -16.41
CA ALA M 114 37.44 5.52 -17.74
C ALA M 114 38.94 5.63 -18.11
N ARG M 115 39.84 5.81 -17.11
CA ARG M 115 41.30 5.92 -17.35
C ARG M 115 41.89 4.60 -17.82
N GLN M 116 41.61 3.48 -17.12
CA GLN M 116 42.12 2.15 -17.51
C GLN M 116 41.55 1.68 -18.87
N LYS M 117 40.34 2.16 -19.26
CA LYS M 117 39.72 1.82 -20.53
C LYS M 117 40.44 2.55 -21.67
N ILE M 118 40.58 3.88 -21.56
CA ILE M 118 41.23 4.72 -22.57
C ILE M 118 42.75 4.46 -22.64
N ALA M 119 43.45 4.52 -21.49
CA ALA M 119 44.91 4.35 -21.44
C ALA M 119 45.41 2.90 -21.50
N LYS M 120 44.53 1.89 -21.27
CA LYS M 120 44.92 0.48 -21.31
C LYS M 120 43.83 -0.38 -21.94
N SER N 7 64.62 -35.66 -15.69
CA SER N 7 63.19 -35.84 -15.46
C SER N 7 62.88 -37.09 -14.62
N PRO N 8 63.43 -38.29 -14.94
CA PRO N 8 63.13 -39.48 -14.12
C PRO N 8 63.52 -39.35 -12.65
N ASN N 9 62.63 -39.80 -11.73
CA ASN N 9 62.83 -39.75 -10.27
C ASN N 9 63.36 -41.09 -9.78
N PRO N 10 64.03 -41.16 -8.60
CA PRO N 10 64.48 -42.47 -8.08
C PRO N 10 63.33 -43.49 -8.02
N PRO N 11 63.52 -44.75 -8.48
CA PRO N 11 62.40 -45.72 -8.46
C PRO N 11 61.74 -45.95 -7.11
N LYS N 12 62.48 -45.81 -5.99
CA LYS N 12 61.92 -46.00 -4.65
C LYS N 12 61.02 -44.82 -4.23
N LEU N 13 61.43 -43.58 -4.54
CA LEU N 13 60.68 -42.37 -4.19
C LEU N 13 59.27 -42.35 -4.77
N THR N 14 59.12 -42.72 -6.06
CA THR N 14 57.80 -42.73 -6.72
C THR N 14 56.83 -43.68 -5.97
N LYS N 15 57.34 -44.83 -5.47
CA LYS N 15 56.53 -45.79 -4.71
C LYS N 15 56.07 -45.21 -3.36
N GLN N 16 56.88 -44.34 -2.73
CA GLN N 16 56.52 -43.71 -1.45
C GLN N 16 55.31 -42.79 -1.67
N MET N 17 55.46 -41.75 -2.52
CA MET N 17 54.40 -40.79 -2.81
C MET N 17 53.11 -41.41 -3.38
N ASN N 18 53.19 -42.49 -4.20
CA ASN N 18 51.99 -43.16 -4.75
C ASN N 18 51.17 -43.83 -3.64
N ALA N 19 51.85 -44.54 -2.74
CA ALA N 19 51.26 -45.25 -1.60
C ALA N 19 50.53 -44.31 -0.62
N ILE N 20 50.97 -43.04 -0.50
CA ILE N 20 50.28 -42.08 0.40
C ILE N 20 48.94 -41.69 -0.21
N ILE N 21 48.90 -41.41 -1.55
CA ILE N 21 47.65 -40.98 -2.21
C ILE N 21 46.68 -42.15 -2.28
N ASP N 22 47.17 -43.38 -2.57
CA ASP N 22 46.29 -44.54 -2.64
C ASP N 22 45.57 -44.79 -1.30
N THR N 23 46.22 -44.48 -0.16
CA THR N 23 45.59 -44.61 1.16
C THR N 23 44.47 -43.57 1.32
N VAL N 24 44.67 -42.32 0.84
CA VAL N 24 43.63 -41.28 0.95
C VAL N 24 42.50 -41.57 -0.04
N ILE N 25 42.84 -42.01 -1.28
CA ILE N 25 41.84 -42.33 -2.30
C ILE N 25 40.98 -43.56 -1.92
N ASN N 26 41.58 -44.58 -1.29
CA ASN N 26 40.84 -45.79 -0.88
C ASN N 26 40.31 -45.74 0.57
N TYR N 27 40.35 -44.57 1.24
CA TYR N 27 39.87 -44.45 2.63
C TYR N 27 38.35 -44.57 2.67
N LYS N 28 37.84 -45.33 3.66
CA LYS N 28 36.40 -45.51 3.87
C LYS N 28 36.09 -45.28 5.35
N ASP N 29 35.10 -44.42 5.63
CA ASP N 29 34.70 -44.06 7.00
C ASP N 29 33.95 -45.21 7.72
N SER N 30 33.35 -44.92 8.90
CA SER N 30 32.59 -45.91 9.69
C SER N 30 31.46 -46.57 8.89
N SER N 31 30.74 -45.80 8.06
CA SER N 31 29.63 -46.32 7.24
C SER N 31 30.08 -47.09 5.99
N GLY N 32 31.35 -47.00 5.61
CA GLY N 32 31.89 -47.69 4.45
C GLY N 32 31.61 -46.96 3.16
N ARG N 33 31.86 -45.64 3.16
CA ARG N 33 31.65 -44.73 2.02
C ARG N 33 32.97 -44.08 1.66
N GLN N 34 33.31 -44.03 0.35
CA GLN N 34 34.55 -43.43 -0.13
C GLN N 34 34.44 -41.89 -0.08
N LEU N 35 35.21 -41.25 0.83
CA LEU N 35 35.18 -39.79 1.01
C LEU N 35 35.89 -39.05 -0.14
N SER N 36 36.81 -39.72 -0.86
CA SER N 36 37.55 -39.12 -1.97
C SER N 36 36.76 -39.07 -3.30
N GLU N 37 35.64 -39.83 -3.41
CA GLU N 37 34.80 -39.97 -4.61
C GLU N 37 34.57 -38.70 -5.44
N VAL N 38 34.30 -37.55 -4.80
CA VAL N 38 34.03 -36.29 -5.52
C VAL N 38 35.34 -35.57 -5.86
N PHE N 39 36.38 -35.72 -5.02
CA PHE N 39 37.66 -35.04 -5.23
C PHE N 39 38.55 -35.68 -6.32
N ILE N 40 38.07 -36.69 -7.09
CA ILE N 40 38.87 -37.33 -8.14
C ILE N 40 38.95 -36.41 -9.36
N GLN N 41 37.80 -35.96 -9.88
CA GLN N 41 37.74 -35.06 -11.04
C GLN N 41 37.02 -33.76 -10.68
N LEU N 42 37.52 -32.61 -11.21
CA LEU N 42 36.91 -31.29 -10.97
C LEU N 42 35.54 -31.16 -11.67
N PRO N 43 34.64 -30.28 -11.20
CA PRO N 43 33.38 -30.07 -11.94
C PRO N 43 33.66 -29.38 -13.27
N SER N 44 32.85 -29.64 -14.30
CA SER N 44 33.07 -29.03 -15.61
C SER N 44 32.83 -27.51 -15.54
N ARG N 45 33.60 -26.74 -16.34
CA ARG N 45 33.52 -25.28 -16.38
C ARG N 45 32.14 -24.76 -16.81
N LYS N 46 31.42 -25.53 -17.64
CA LYS N 46 30.08 -25.14 -18.12
C LYS N 46 29.04 -25.45 -17.04
N GLU N 47 29.18 -26.61 -16.34
CA GLU N 47 28.25 -27.03 -15.27
C GLU N 47 28.24 -26.07 -14.08
N LEU N 48 29.43 -25.77 -13.53
CA LEU N 48 29.57 -24.94 -12.33
C LEU N 48 30.60 -23.80 -12.56
N PRO N 49 30.18 -22.67 -13.18
CA PRO N 49 31.12 -21.56 -13.42
C PRO N 49 31.68 -20.91 -12.15
N GLU N 50 30.81 -20.67 -11.14
CA GLU N 50 31.19 -20.04 -9.86
C GLU N 50 32.43 -20.64 -9.18
N TYR N 51 32.71 -21.94 -9.40
CA TYR N 51 33.87 -22.61 -8.82
C TYR N 51 35.21 -22.10 -9.38
N TYR N 52 35.35 -22.02 -10.72
CA TYR N 52 36.59 -21.60 -11.37
C TYR N 52 36.92 -20.12 -11.17
N GLU N 53 35.90 -19.24 -11.11
CA GLU N 53 36.12 -17.80 -10.91
C GLU N 53 36.51 -17.46 -9.46
N LEU N 54 35.94 -18.17 -8.47
CA LEU N 54 36.25 -17.92 -7.06
C LEU N 54 37.58 -18.57 -6.64
N ILE N 55 37.84 -19.81 -7.09
CA ILE N 55 39.07 -20.54 -6.75
C ILE N 55 40.21 -20.05 -7.65
N ARG N 56 41.37 -19.74 -7.07
CA ARG N 56 42.53 -19.25 -7.82
C ARG N 56 43.21 -20.36 -8.64
N LYS N 57 43.67 -21.42 -7.95
CA LYS N 57 44.38 -22.54 -8.59
C LYS N 57 43.56 -23.83 -8.40
N PRO N 58 42.89 -24.35 -9.47
CA PRO N 58 42.07 -25.56 -9.31
C PRO N 58 42.89 -26.85 -9.42
N VAL N 59 42.69 -27.79 -8.47
CA VAL N 59 43.39 -29.09 -8.46
C VAL N 59 42.46 -30.23 -8.02
N ASP N 60 42.84 -31.48 -8.34
CA ASP N 60 42.09 -32.68 -7.98
C ASP N 60 43.01 -33.90 -7.87
N PHE N 61 42.49 -35.06 -7.40
CA PHE N 61 43.31 -36.27 -7.27
C PHE N 61 43.73 -36.89 -8.61
N LYS N 62 43.04 -36.60 -9.74
CA LYS N 62 43.45 -37.11 -11.05
C LYS N 62 44.73 -36.39 -11.49
N LYS N 63 44.82 -35.06 -11.23
CA LYS N 63 46.02 -34.28 -11.55
C LYS N 63 47.17 -34.77 -10.65
N ILE N 64 46.95 -34.80 -9.31
CA ILE N 64 47.94 -35.29 -8.34
C ILE N 64 48.55 -36.63 -8.78
N LYS N 65 47.72 -37.54 -9.32
CA LYS N 65 48.18 -38.84 -9.83
C LYS N 65 49.09 -38.68 -11.06
N GLU N 66 48.73 -37.78 -12.00
CA GLU N 66 49.55 -37.53 -13.20
C GLU N 66 50.83 -36.77 -12.82
N ARG N 67 50.78 -35.92 -11.79
CA ARG N 67 51.96 -35.16 -11.33
C ARG N 67 52.98 -36.12 -10.67
N ILE N 68 52.49 -37.19 -10.00
CA ILE N 68 53.35 -38.21 -9.39
C ILE N 68 53.94 -39.12 -10.48
N ARG N 69 53.10 -39.59 -11.41
CA ARG N 69 53.51 -40.47 -12.50
C ARG N 69 54.53 -39.81 -13.45
N ASN N 70 54.30 -38.55 -13.84
CA ASN N 70 55.20 -37.82 -14.76
C ASN N 70 56.34 -37.07 -14.04
N HIS N 71 56.52 -37.29 -12.72
CA HIS N 71 57.62 -36.78 -11.90
C HIS N 71 57.64 -35.25 -11.74
N LYS N 72 56.46 -34.62 -11.58
CA LYS N 72 56.39 -33.16 -11.35
C LYS N 72 56.85 -32.83 -9.93
N TYR N 73 56.38 -33.60 -8.93
CA TYR N 73 56.79 -33.39 -7.54
C TYR N 73 58.17 -34.02 -7.34
N ARG N 74 59.19 -33.20 -6.99
CA ARG N 74 60.55 -33.68 -6.76
C ARG N 74 60.75 -34.17 -5.30
N SER N 75 59.80 -33.88 -4.39
CA SER N 75 59.90 -34.30 -2.98
C SER N 75 58.51 -34.45 -2.34
N LEU N 76 58.47 -34.97 -1.10
CA LEU N 76 57.23 -35.15 -0.34
C LEU N 76 56.63 -33.79 0.06
N GLY N 77 57.49 -32.78 0.27
CA GLY N 77 57.06 -31.42 0.60
C GLY N 77 56.29 -30.75 -0.52
N ASP N 78 56.64 -31.04 -1.79
CA ASP N 78 55.95 -30.50 -2.97
C ASP N 78 54.56 -31.14 -3.12
N LEU N 79 54.46 -32.44 -2.80
CA LEU N 79 53.19 -33.17 -2.84
C LEU N 79 52.25 -32.66 -1.75
N GLU N 80 52.76 -32.53 -0.50
CA GLU N 80 51.98 -32.06 0.66
C GLU N 80 51.23 -30.76 0.35
N LYS N 81 51.91 -29.80 -0.32
CA LYS N 81 51.34 -28.52 -0.71
C LYS N 81 50.11 -28.68 -1.62
N ASP N 82 50.17 -29.57 -2.64
CA ASP N 82 49.02 -29.79 -3.53
C ASP N 82 47.85 -30.49 -2.81
N VAL N 83 48.12 -31.36 -1.82
CA VAL N 83 47.07 -32.04 -1.05
C VAL N 83 46.41 -31.01 -0.12
N MET N 84 47.21 -30.10 0.49
CA MET N 84 46.68 -29.05 1.35
C MET N 84 45.97 -27.98 0.51
N LEU N 85 46.40 -27.76 -0.75
CA LEU N 85 45.76 -26.82 -1.67
C LEU N 85 44.38 -27.37 -2.05
N LEU N 86 44.32 -28.69 -2.37
CA LEU N 86 43.09 -29.42 -2.71
C LEU N 86 42.10 -29.31 -1.55
N CYS N 87 42.57 -29.49 -0.30
CA CYS N 87 41.74 -29.36 0.90
C CYS N 87 41.35 -27.90 1.17
N HIS N 88 42.27 -26.94 0.91
CA HIS N 88 42.01 -25.51 1.09
C HIS N 88 40.95 -25.04 0.08
N ASN N 89 40.99 -25.55 -1.18
CA ASN N 89 40.01 -25.19 -2.22
C ASN N 89 38.61 -25.68 -1.82
N ALA N 90 38.54 -26.86 -1.18
CA ALA N 90 37.27 -27.41 -0.71
C ALA N 90 36.72 -26.58 0.43
N GLN N 91 37.56 -26.27 1.43
CA GLN N 91 37.16 -25.45 2.58
C GLN N 91 36.82 -23.98 2.22
N THR N 92 37.36 -23.41 1.10
CA THR N 92 37.00 -22.03 0.74
C THR N 92 35.64 -21.98 0.03
N PHE N 93 35.44 -22.86 -0.98
CA PHE N 93 34.18 -22.90 -1.73
C PHE N 93 33.04 -23.42 -0.87
N ASN N 94 33.22 -24.59 -0.24
CA ASN N 94 32.19 -25.19 0.60
C ASN N 94 32.15 -24.51 1.96
N LEU N 95 30.94 -24.32 2.50
CA LEU N 95 30.70 -23.64 3.77
C LEU N 95 30.98 -24.57 4.95
N GLU N 96 31.20 -24.01 6.16
CA GLU N 96 31.46 -24.82 7.35
C GLU N 96 30.20 -25.57 7.77
N GLY N 97 30.35 -26.87 8.04
CA GLY N 97 29.25 -27.74 8.44
C GLY N 97 28.74 -28.66 7.36
N SER N 98 29.04 -28.38 6.07
CA SER N 98 28.60 -29.21 4.95
C SER N 98 29.40 -30.52 4.88
N GLN N 99 28.93 -31.47 4.07
CA GLN N 99 29.55 -32.79 3.93
C GLN N 99 30.94 -32.71 3.33
N ILE N 100 31.08 -31.97 2.22
CA ILE N 100 32.34 -31.80 1.49
C ILE N 100 33.40 -31.11 2.38
N TYR N 101 32.96 -30.14 3.20
CA TYR N 101 33.84 -29.41 4.12
C TYR N 101 34.41 -30.38 5.18
N GLU N 102 33.53 -31.21 5.78
CA GLU N 102 33.96 -32.19 6.79
C GLU N 102 34.74 -33.36 6.15
N ASP N 103 34.42 -33.73 4.89
CA ASP N 103 35.14 -34.81 4.19
C ASP N 103 36.59 -34.40 3.94
N SER N 104 36.83 -33.16 3.47
CA SER N 104 38.18 -32.63 3.23
C SER N 104 38.99 -32.54 4.54
N ILE N 105 38.31 -32.25 5.67
CA ILE N 105 38.95 -32.18 7.00
C ILE N 105 39.42 -33.59 7.42
N VAL N 106 38.63 -34.64 7.10
CA VAL N 106 39.00 -36.02 7.40
C VAL N 106 40.18 -36.43 6.51
N LEU N 107 40.19 -36.04 5.21
CA LEU N 107 41.30 -36.35 4.30
C LEU N 107 42.62 -35.68 4.72
N GLN N 108 42.57 -34.48 5.33
CA GLN N 108 43.78 -33.79 5.82
C GLN N 108 44.46 -34.65 6.89
N SER N 109 43.67 -35.16 7.84
CA SER N 109 44.21 -35.99 8.92
C SER N 109 44.69 -37.37 8.43
N VAL N 110 44.01 -37.95 7.41
CA VAL N 110 44.38 -39.26 6.84
C VAL N 110 45.75 -39.15 6.14
N PHE N 111 45.97 -38.06 5.36
CA PHE N 111 47.24 -37.83 4.67
C PHE N 111 48.38 -37.58 5.66
N LYS N 112 48.11 -36.81 6.74
CA LYS N 112 49.12 -36.51 7.78
C LYS N 112 49.61 -37.79 8.44
N SER N 113 48.68 -38.69 8.82
CA SER N 113 49.02 -39.97 9.45
C SER N 113 49.64 -40.94 8.43
N ALA N 114 49.16 -40.94 7.16
CA ALA N 114 49.71 -41.82 6.13
C ALA N 114 51.17 -41.47 5.80
N ARG N 115 51.48 -40.16 5.64
CA ARG N 115 52.84 -39.71 5.35
C ARG N 115 53.78 -40.17 6.46
N GLN N 116 53.41 -39.87 7.72
CA GLN N 116 54.17 -40.23 8.91
C GLN N 116 54.42 -41.75 8.95
N LYS N 117 53.38 -42.56 8.72
CA LYS N 117 53.47 -44.02 8.73
C LYS N 117 54.42 -44.58 7.66
N ILE N 118 54.22 -44.16 6.40
CA ILE N 118 55.01 -44.68 5.27
C ILE N 118 56.47 -44.17 5.28
N ALA N 119 56.70 -42.86 5.41
CA ALA N 119 58.06 -42.30 5.40
C ALA N 119 58.88 -42.65 6.65
N LYS N 120 58.27 -42.58 7.85
CA LYS N 120 58.94 -42.92 9.13
C LYS N 120 58.01 -43.71 10.05
N SER O 7 -50.74 -2.33 -16.73
CA SER O 7 -49.47 -3.03 -16.91
C SER O 7 -48.81 -2.53 -18.24
N PRO O 8 -48.65 -3.24 -19.41
CA PRO O 8 -48.02 -2.57 -20.57
C PRO O 8 -48.77 -1.37 -21.15
N ASN O 9 -48.11 -0.68 -22.09
CA ASN O 9 -48.61 0.52 -22.76
C ASN O 9 -48.40 0.41 -24.28
N PRO O 10 -49.06 1.26 -25.11
CA PRO O 10 -48.86 1.17 -26.57
C PRO O 10 -47.39 1.19 -26.99
N PRO O 11 -46.92 0.28 -27.89
CA PRO O 11 -45.50 0.29 -28.26
C PRO O 11 -44.95 1.59 -28.85
N LYS O 12 -45.75 2.33 -29.64
CA LYS O 12 -45.29 3.59 -30.24
C LYS O 12 -45.17 4.72 -29.21
N LEU O 13 -45.97 4.68 -28.12
CA LEU O 13 -45.88 5.70 -27.06
C LEU O 13 -44.58 5.48 -26.26
N THR O 14 -44.12 4.21 -26.12
CA THR O 14 -42.87 3.89 -25.43
C THR O 14 -41.68 4.54 -26.15
N LYS O 15 -41.72 4.58 -27.50
CA LYS O 15 -40.70 5.24 -28.31
C LYS O 15 -40.72 6.75 -28.02
N GLN O 16 -41.93 7.37 -28.03
CA GLN O 16 -42.09 8.81 -27.75
C GLN O 16 -41.58 9.16 -26.35
N MET O 17 -42.17 8.56 -25.30
CA MET O 17 -41.76 8.80 -23.91
C MET O 17 -40.23 8.74 -23.70
N ASN O 18 -39.54 7.80 -24.38
CA ASN O 18 -38.07 7.70 -24.31
C ASN O 18 -37.43 8.75 -25.22
N ALA O 19 -38.03 9.02 -26.40
CA ALA O 19 -37.49 10.02 -27.33
C ALA O 19 -37.52 11.43 -26.73
N ILE O 20 -38.61 11.81 -26.01
CA ILE O 20 -38.70 13.12 -25.36
C ILE O 20 -37.63 13.21 -24.25
N ILE O 21 -37.47 12.12 -23.46
CA ILE O 21 -36.49 12.13 -22.36
C ILE O 21 -35.05 12.12 -22.89
N ASP O 22 -34.75 11.33 -23.94
CA ASP O 22 -33.39 11.27 -24.52
C ASP O 22 -32.85 12.64 -25.00
N THR O 23 -33.75 13.58 -25.42
CA THR O 23 -33.31 14.91 -25.85
C THR O 23 -32.83 15.76 -24.66
N VAL O 24 -33.53 15.68 -23.49
CA VAL O 24 -33.17 16.47 -22.31
C VAL O 24 -31.87 15.90 -21.68
N ILE O 25 -31.69 14.56 -21.68
CA ILE O 25 -30.48 13.93 -21.13
C ILE O 25 -29.25 14.25 -22.02
N ASN O 26 -29.42 14.29 -23.36
CA ASN O 26 -28.30 14.53 -24.29
C ASN O 26 -28.17 16.00 -24.77
N TYR O 27 -28.88 16.97 -24.15
CA TYR O 27 -28.77 18.37 -24.57
C TYR O 27 -27.50 19.01 -24.02
N LYS O 28 -26.86 19.88 -24.82
CA LYS O 28 -25.64 20.61 -24.44
C LYS O 28 -25.79 22.10 -24.75
N ASP O 29 -25.16 22.95 -23.94
CA ASP O 29 -25.21 24.42 -24.09
C ASP O 29 -24.15 24.92 -25.11
N SER O 30 -23.94 26.25 -25.19
CA SER O 30 -22.96 26.86 -26.10
C SER O 30 -21.52 26.35 -25.87
N SER O 31 -21.16 26.08 -24.60
CA SER O 31 -19.84 25.58 -24.24
C SER O 31 -19.59 24.10 -24.60
N GLY O 32 -20.66 23.35 -24.87
CA GLY O 32 -20.55 21.93 -25.21
C GLY O 32 -20.37 21.07 -23.98
N ARG O 33 -21.22 21.30 -22.96
CA ARG O 33 -21.18 20.59 -21.67
C ARG O 33 -22.56 20.01 -21.38
N GLN O 34 -22.62 18.75 -20.90
CA GLN O 34 -23.90 18.09 -20.59
C GLN O 34 -24.54 18.72 -19.35
N LEU O 35 -25.70 19.38 -19.50
CA LEU O 35 -26.40 20.01 -18.37
C LEU O 35 -27.11 18.98 -17.48
N SER O 36 -27.35 17.74 -17.98
CA SER O 36 -28.02 16.68 -17.22
C SER O 36 -27.07 15.72 -16.47
N GLU O 37 -25.81 16.11 -16.18
CA GLU O 37 -24.87 15.20 -15.51
C GLU O 37 -25.24 14.96 -14.05
N VAL O 38 -25.41 16.03 -13.29
CA VAL O 38 -25.77 16.00 -11.86
C VAL O 38 -27.20 15.44 -11.62
N PHE O 39 -28.13 15.68 -12.56
CA PHE O 39 -29.52 15.23 -12.40
C PHE O 39 -29.79 13.73 -12.72
N ILE O 40 -28.76 12.94 -13.09
CA ILE O 40 -28.95 11.51 -13.41
C ILE O 40 -29.26 10.68 -12.15
N GLN O 41 -28.50 10.86 -11.05
CA GLN O 41 -28.69 10.09 -9.80
C GLN O 41 -28.66 11.03 -8.60
N LEU O 42 -29.42 10.72 -7.53
CA LEU O 42 -29.47 11.55 -6.32
C LEU O 42 -28.19 11.49 -5.49
N PRO O 43 -27.94 12.51 -4.63
CA PRO O 43 -26.78 12.43 -3.73
C PRO O 43 -27.02 11.38 -2.66
N SER O 44 -25.95 10.72 -2.18
CA SER O 44 -26.09 9.69 -1.15
C SER O 44 -26.60 10.31 0.16
N ARG O 45 -27.53 9.64 0.84
CA ARG O 45 -28.14 10.15 2.07
C ARG O 45 -27.15 10.32 3.22
N LYS O 46 -26.05 9.55 3.22
CA LYS O 46 -24.99 9.67 4.24
C LYS O 46 -24.05 10.84 3.85
N GLU O 47 -23.81 11.01 2.53
CA GLU O 47 -22.98 12.10 2.01
C GLU O 47 -23.69 13.46 2.12
N LEU O 48 -25.00 13.51 1.85
CA LEU O 48 -25.79 14.74 1.89
C LEU O 48 -27.11 14.51 2.69
N PRO O 49 -27.07 14.58 4.04
CA PRO O 49 -28.30 14.37 4.82
C PRO O 49 -29.29 15.54 4.78
N GLU O 50 -28.87 16.73 4.29
CA GLU O 50 -29.77 17.90 4.17
C GLU O 50 -30.86 17.65 3.13
N TYR O 51 -30.61 16.80 2.12
CA TYR O 51 -31.60 16.43 1.10
C TYR O 51 -32.51 15.38 1.78
N TYR O 52 -33.73 15.15 1.25
CA TYR O 52 -34.73 14.20 1.79
C TYR O 52 -35.52 14.84 2.94
N GLU O 53 -34.84 15.25 4.02
CA GLU O 53 -35.50 15.93 5.15
C GLU O 53 -36.03 17.33 4.77
N LEU O 54 -35.43 17.98 3.75
CA LEU O 54 -35.87 19.32 3.27
C LEU O 54 -36.97 19.13 2.22
N ILE O 55 -36.74 18.24 1.22
CA ILE O 55 -37.69 17.96 0.13
C ILE O 55 -38.24 16.53 0.27
N ARG O 56 -39.54 16.39 0.59
CA ARG O 56 -40.18 15.09 0.84
C ARG O 56 -40.48 14.22 -0.41
N LYS O 57 -40.33 14.75 -1.65
CA LYS O 57 -40.57 14.00 -2.89
C LYS O 57 -39.31 13.97 -3.78
N PRO O 58 -38.36 13.04 -3.58
CA PRO O 58 -37.13 13.03 -4.39
C PRO O 58 -37.22 12.20 -5.67
N VAL O 59 -36.77 12.74 -6.83
CA VAL O 59 -36.79 12.03 -8.13
C VAL O 59 -35.50 12.33 -8.93
N ASP O 60 -35.19 11.49 -9.93
CA ASP O 60 -34.01 11.65 -10.80
C ASP O 60 -34.25 11.05 -12.19
N PHE O 61 -33.36 11.37 -13.17
CA PHE O 61 -33.49 10.87 -14.53
C PHE O 61 -33.24 9.35 -14.66
N LYS O 62 -32.50 8.71 -13.73
CA LYS O 62 -32.32 7.25 -13.75
C LYS O 62 -33.63 6.59 -13.29
N LYS O 63 -34.38 7.26 -12.38
CA LYS O 63 -35.66 6.80 -11.87
C LYS O 63 -36.76 7.08 -12.91
N ILE O 64 -36.70 8.23 -13.62
CA ILE O 64 -37.66 8.55 -14.68
C ILE O 64 -37.50 7.50 -15.78
N LYS O 65 -36.26 7.30 -16.28
CA LYS O 65 -35.95 6.29 -17.30
C LYS O 65 -36.56 4.92 -16.96
N GLU O 66 -36.50 4.52 -15.67
CA GLU O 66 -37.10 3.27 -15.18
C GLU O 66 -38.62 3.31 -15.25
N ARG O 67 -39.25 4.46 -14.89
CA ARG O 67 -40.70 4.61 -14.91
C ARG O 67 -41.32 4.58 -16.33
N ILE O 68 -40.53 4.81 -17.42
CA ILE O 68 -41.05 4.68 -18.79
C ILE O 68 -41.02 3.18 -19.14
N ARG O 69 -39.91 2.48 -18.82
CA ARG O 69 -39.74 1.03 -19.07
C ARG O 69 -40.83 0.22 -18.37
N ASN O 70 -41.00 0.45 -17.06
CA ASN O 70 -41.99 -0.26 -16.24
C ASN O 70 -43.44 0.17 -16.53
N HIS O 71 -43.64 1.29 -17.26
CA HIS O 71 -44.96 1.82 -17.63
C HIS O 71 -45.75 2.31 -16.42
N LYS O 72 -45.09 3.15 -15.61
CA LYS O 72 -45.68 3.79 -14.43
C LYS O 72 -46.51 4.97 -14.95
N TYR O 73 -45.94 5.75 -15.89
CA TYR O 73 -46.63 6.89 -16.51
C TYR O 73 -47.57 6.32 -17.58
N ARG O 74 -48.89 6.41 -17.37
CA ARG O 74 -49.86 5.90 -18.33
C ARG O 74 -49.92 6.83 -19.56
N SER O 75 -49.94 8.16 -19.32
CA SER O 75 -49.98 9.19 -20.37
C SER O 75 -48.81 10.17 -20.27
N LEU O 76 -48.63 11.01 -21.30
CA LEU O 76 -47.58 12.04 -21.37
C LEU O 76 -47.68 13.07 -20.22
N GLY O 77 -48.90 13.34 -19.75
CA GLY O 77 -49.14 14.25 -18.64
C GLY O 77 -48.53 13.78 -17.34
N ASP O 78 -48.48 12.44 -17.11
CA ASP O 78 -47.88 11.86 -15.91
C ASP O 78 -46.35 11.99 -15.94
N LEU O 79 -45.74 11.86 -17.15
CA LEU O 79 -44.28 12.02 -17.32
C LEU O 79 -43.89 13.50 -17.14
N GLU O 80 -44.73 14.45 -17.59
CA GLU O 80 -44.47 15.88 -17.46
C GLU O 80 -44.43 16.31 -15.99
N LYS O 81 -45.30 15.72 -15.14
CA LYS O 81 -45.34 16.03 -13.71
C LYS O 81 -44.02 15.68 -13.01
N ASP O 82 -43.40 14.54 -13.35
CA ASP O 82 -42.13 14.13 -12.72
C ASP O 82 -40.91 14.93 -13.19
N VAL O 83 -40.89 15.39 -14.46
CA VAL O 83 -39.77 16.21 -14.96
C VAL O 83 -39.85 17.61 -14.34
N MET O 84 -41.08 18.16 -14.18
CA MET O 84 -41.28 19.47 -13.55
C MET O 84 -41.05 19.37 -12.04
N LEU O 85 -41.33 18.18 -11.44
CA LEU O 85 -41.08 17.93 -10.02
C LEU O 85 -39.56 17.90 -9.79
N LEU O 86 -38.78 17.28 -10.72
CA LEU O 86 -37.32 17.27 -10.61
C LEU O 86 -36.80 18.70 -10.68
N CYS O 87 -37.25 19.45 -11.70
CA CYS O 87 -36.86 20.84 -11.88
C CYS O 87 -37.26 21.66 -10.66
N HIS O 88 -38.44 21.38 -10.06
CA HIS O 88 -38.88 22.08 -8.85
C HIS O 88 -38.00 21.71 -7.66
N ASN O 89 -37.61 20.43 -7.52
CA ASN O 89 -36.73 19.97 -6.44
C ASN O 89 -35.35 20.61 -6.55
N ALA O 90 -34.86 20.82 -7.78
CA ALA O 90 -33.58 21.47 -8.03
C ALA O 90 -33.65 22.94 -7.67
N GLN O 91 -34.70 23.64 -8.12
CA GLN O 91 -34.90 25.05 -7.80
C GLN O 91 -35.18 25.30 -6.30
N THR O 92 -35.71 24.29 -5.57
CA THR O 92 -35.98 24.40 -4.13
C THR O 92 -34.69 24.29 -3.31
N PHE O 93 -33.92 23.18 -3.46
CA PHE O 93 -32.69 22.99 -2.68
C PHE O 93 -31.60 23.98 -3.08
N ASN O 94 -31.32 24.07 -4.38
CA ASN O 94 -30.27 24.97 -4.89
C ASN O 94 -30.75 26.41 -4.88
N LEU O 95 -29.81 27.36 -4.72
CA LEU O 95 -30.14 28.78 -4.60
C LEU O 95 -30.21 29.46 -5.97
N GLU O 96 -30.88 30.63 -6.04
CA GLU O 96 -31.01 31.37 -7.30
C GLU O 96 -29.65 31.95 -7.70
N GLY O 97 -29.28 31.77 -8.96
CA GLY O 97 -28.02 32.26 -9.51
C GLY O 97 -26.95 31.20 -9.69
N SER O 98 -27.08 30.04 -9.01
CA SER O 98 -26.10 28.94 -9.13
C SER O 98 -26.21 28.23 -10.47
N GLN O 99 -25.23 27.40 -10.83
CA GLN O 99 -25.23 26.68 -12.11
C GLN O 99 -26.39 25.70 -12.14
N ILE O 100 -26.52 24.89 -11.09
CA ILE O 100 -27.58 23.88 -10.92
C ILE O 100 -29.00 24.49 -11.03
N TYR O 101 -29.19 25.73 -10.55
CA TYR O 101 -30.49 26.42 -10.63
C TYR O 101 -30.77 26.85 -12.07
N GLU O 102 -29.75 27.39 -12.76
CA GLU O 102 -29.88 27.83 -14.15
C GLU O 102 -29.91 26.63 -15.11
N ASP O 103 -29.24 25.51 -14.76
CA ASP O 103 -29.24 24.28 -15.58
C ASP O 103 -30.65 23.72 -15.66
N SER O 104 -31.32 23.58 -14.50
CA SER O 104 -32.71 23.07 -14.44
C SER O 104 -33.69 23.98 -15.19
N ILE O 105 -33.45 25.30 -15.20
CA ILE O 105 -34.28 26.27 -15.93
C ILE O 105 -34.12 26.04 -17.45
N VAL O 106 -32.90 25.72 -17.92
CA VAL O 106 -32.65 25.43 -19.33
C VAL O 106 -33.30 24.09 -19.71
N LEU O 107 -33.14 23.04 -18.87
CA LEU O 107 -33.74 21.73 -19.12
C LEU O 107 -35.27 21.75 -19.06
N GLN O 108 -35.88 22.76 -18.37
CA GLN O 108 -37.34 22.97 -18.33
C GLN O 108 -37.80 23.32 -19.75
N SER O 109 -37.16 24.34 -20.36
CA SER O 109 -37.49 24.81 -21.72
C SER O 109 -37.18 23.79 -22.81
N VAL O 110 -36.09 22.99 -22.65
CA VAL O 110 -35.71 21.96 -23.63
C VAL O 110 -36.77 20.86 -23.67
N PHE O 111 -37.18 20.38 -22.49
CA PHE O 111 -38.21 19.35 -22.35
C PHE O 111 -39.58 19.83 -22.86
N LYS O 112 -39.90 21.13 -22.72
CA LYS O 112 -41.15 21.71 -23.21
C LYS O 112 -41.15 21.71 -24.75
N SER O 113 -40.02 22.13 -25.37
CA SER O 113 -39.87 22.16 -26.83
C SER O 113 -39.86 20.73 -27.38
N ALA O 114 -39.11 19.83 -26.72
CA ALA O 114 -38.98 18.42 -27.11
C ALA O 114 -40.33 17.72 -27.23
N ARG O 115 -41.29 18.04 -26.34
CA ARG O 115 -42.64 17.48 -26.41
C ARG O 115 -43.39 18.04 -27.61
N GLN O 116 -43.23 19.35 -27.91
CA GLN O 116 -43.87 19.98 -29.06
C GLN O 116 -43.33 19.43 -30.38
N LYS O 117 -42.01 19.18 -30.48
CA LYS O 117 -41.39 18.66 -31.70
C LYS O 117 -41.75 17.19 -31.97
N ILE O 118 -41.81 16.35 -30.92
CA ILE O 118 -42.11 14.92 -31.07
C ILE O 118 -43.62 14.64 -31.12
N ALA O 119 -44.42 15.22 -30.20
CA ALA O 119 -45.88 14.98 -30.17
C ALA O 119 -46.65 15.69 -31.30
N LYS O 120 -46.22 16.90 -31.71
CA LYS O 120 -46.87 17.66 -32.79
C LYS O 120 -45.92 17.79 -33.96
N SER P 7 -27.78 -83.43 4.63
CA SER P 7 -26.81 -82.49 4.09
C SER P 7 -25.57 -83.17 3.44
N PRO P 8 -25.00 -84.26 4.02
CA PRO P 8 -23.81 -84.88 3.38
C PRO P 8 -24.07 -85.37 1.95
N ASN P 9 -23.23 -84.94 1.00
CA ASN P 9 -23.35 -85.29 -0.41
C ASN P 9 -22.30 -86.32 -0.83
N PRO P 10 -22.52 -87.04 -1.97
CA PRO P 10 -21.56 -88.07 -2.38
C PRO P 10 -20.12 -87.56 -2.56
N PRO P 11 -19.08 -88.24 -2.00
CA PRO P 11 -17.71 -87.75 -2.18
C PRO P 11 -17.23 -87.62 -3.63
N LYS P 12 -17.74 -88.50 -4.53
CA LYS P 12 -17.37 -88.49 -5.95
C LYS P 12 -17.92 -87.25 -6.66
N LEU P 13 -19.07 -86.69 -6.21
CA LEU P 13 -19.61 -85.44 -6.76
C LEU P 13 -18.73 -84.31 -6.23
N THR P 14 -18.45 -84.30 -4.91
CA THR P 14 -17.57 -83.32 -4.27
C THR P 14 -16.16 -83.33 -4.90
N LYS P 15 -15.70 -84.52 -5.39
CA LYS P 15 -14.40 -84.66 -6.07
C LYS P 15 -14.37 -83.76 -7.31
N GLN P 16 -15.47 -83.78 -8.10
CA GLN P 16 -15.55 -82.96 -9.32
C GLN P 16 -15.86 -81.50 -8.99
N MET P 17 -16.85 -81.21 -8.11
CA MET P 17 -17.23 -79.82 -7.77
C MET P 17 -16.04 -78.92 -7.39
N ASN P 18 -15.01 -79.47 -6.73
CA ASN P 18 -13.80 -78.72 -6.39
C ASN P 18 -12.83 -78.70 -7.59
N ALA P 19 -12.78 -79.79 -8.41
CA ALA P 19 -11.93 -79.85 -9.59
C ALA P 19 -12.37 -78.83 -10.68
N ILE P 20 -13.70 -78.55 -10.82
CA ILE P 20 -14.17 -77.53 -11.80
C ILE P 20 -13.70 -76.15 -11.34
N ILE P 21 -13.92 -75.82 -10.06
CA ILE P 21 -13.54 -74.52 -9.50
C ILE P 21 -12.01 -74.32 -9.51
N ASP P 22 -11.22 -75.34 -9.17
CA ASP P 22 -9.75 -75.23 -9.19
C ASP P 22 -9.21 -74.92 -10.59
N THR P 23 -9.88 -75.41 -11.66
CA THR P 23 -9.48 -75.13 -13.04
C THR P 23 -9.77 -73.64 -13.34
N VAL P 24 -10.92 -73.15 -12.84
CA VAL P 24 -11.35 -71.75 -12.96
C VAL P 24 -10.43 -70.83 -12.13
N ILE P 25 -10.04 -71.26 -10.91
CA ILE P 25 -9.18 -70.49 -10.02
C ILE P 25 -7.72 -70.41 -10.55
N ASN P 26 -7.20 -71.50 -11.13
CA ASN P 26 -5.81 -71.59 -11.59
C ASN P 26 -5.57 -71.30 -13.11
N TYR P 27 -6.49 -70.62 -13.83
CA TYR P 27 -6.22 -70.33 -15.26
C TYR P 27 -5.25 -69.13 -15.41
N LYS P 28 -3.99 -69.41 -15.77
CA LYS P 28 -2.94 -68.39 -15.94
C LYS P 28 -3.01 -67.61 -17.27
N ASP P 29 -3.71 -68.15 -18.30
CA ASP P 29 -3.90 -67.51 -19.60
C ASP P 29 -2.58 -67.25 -20.38
N SER P 30 -1.61 -68.19 -20.31
CA SER P 30 -0.31 -68.14 -21.00
C SER P 30 0.65 -67.03 -20.50
N SER P 31 0.18 -65.76 -20.43
CA SER P 31 0.99 -64.62 -19.97
C SER P 31 1.49 -64.74 -18.51
N GLY P 32 0.83 -65.57 -17.70
CA GLY P 32 1.19 -65.78 -16.30
C GLY P 32 0.38 -64.93 -15.34
N ARG P 33 -0.85 -64.53 -15.73
CA ARG P 33 -1.75 -63.71 -14.93
C ARG P 33 -2.99 -64.49 -14.54
N GLN P 34 -3.22 -64.68 -13.23
CA GLN P 34 -4.40 -65.39 -12.72
C GLN P 34 -5.62 -64.47 -12.86
N LEU P 35 -6.45 -64.71 -13.89
CA LEU P 35 -7.66 -63.91 -14.16
C LEU P 35 -8.70 -63.99 -13.03
N SER P 36 -8.77 -65.14 -12.35
CA SER P 36 -9.72 -65.41 -11.27
C SER P 36 -9.29 -64.96 -9.86
N GLU P 37 -8.24 -64.13 -9.74
CA GLU P 37 -7.75 -63.67 -8.42
C GLU P 37 -8.57 -62.52 -7.81
N VAL P 38 -9.23 -61.69 -8.63
CA VAL P 38 -10.02 -60.54 -8.13
C VAL P 38 -11.40 -61.04 -7.66
N PHE P 39 -11.91 -62.14 -8.24
CA PHE P 39 -13.22 -62.70 -7.89
C PHE P 39 -13.20 -63.64 -6.67
N ILE P 40 -12.05 -63.80 -5.98
CA ILE P 40 -11.92 -64.66 -4.79
C ILE P 40 -12.69 -64.08 -3.60
N GLN P 41 -12.51 -62.79 -3.29
CA GLN P 41 -13.15 -62.14 -2.15
C GLN P 41 -13.93 -60.90 -2.60
N LEU P 42 -15.22 -60.76 -2.19
CA LEU P 42 -16.08 -59.61 -2.53
C LEU P 42 -15.44 -58.29 -2.07
N PRO P 43 -15.80 -57.15 -2.68
CA PRO P 43 -15.25 -55.87 -2.20
C PRO P 43 -15.82 -55.54 -0.82
N SER P 44 -15.05 -54.86 0.03
CA SER P 44 -15.53 -54.53 1.38
C SER P 44 -16.71 -53.57 1.29
N ARG P 45 -17.76 -53.80 2.09
CA ARG P 45 -18.99 -53.00 2.07
C ARG P 45 -18.75 -51.52 2.45
N LYS P 46 -17.70 -51.25 3.26
CA LYS P 46 -17.35 -49.91 3.69
C LYS P 46 -16.40 -49.19 2.69
N GLU P 47 -15.84 -49.92 1.71
CA GLU P 47 -14.95 -49.35 0.69
C GLU P 47 -15.75 -48.49 -0.29
N LEU P 48 -16.80 -49.07 -0.90
CA LEU P 48 -17.65 -48.37 -1.85
C LEU P 48 -19.08 -49.01 -1.85
N PRO P 49 -20.06 -48.46 -1.10
CA PRO P 49 -21.41 -49.08 -1.08
C PRO P 49 -22.17 -49.08 -2.42
N GLU P 50 -21.81 -48.21 -3.39
CA GLU P 50 -22.46 -48.11 -4.70
C GLU P 50 -22.60 -49.47 -5.44
N TYR P 51 -21.65 -50.40 -5.26
CA TYR P 51 -21.70 -51.73 -5.88
C TYR P 51 -22.88 -52.50 -5.27
N TYR P 52 -22.91 -52.64 -3.94
CA TYR P 52 -23.99 -53.34 -3.23
C TYR P 52 -25.38 -52.70 -3.50
N GLU P 53 -25.41 -51.39 -3.82
CA GLU P 53 -26.62 -50.66 -4.18
C GLU P 53 -27.04 -50.98 -5.63
N LEU P 54 -26.08 -51.06 -6.58
CA LEU P 54 -26.38 -51.32 -8.00
C LEU P 54 -26.86 -52.76 -8.23
N ILE P 55 -26.13 -53.76 -7.68
CA ILE P 55 -26.49 -55.18 -7.83
C ILE P 55 -27.46 -55.66 -6.74
N ARG P 56 -28.17 -56.77 -7.02
CA ARG P 56 -29.17 -57.34 -6.11
C ARG P 56 -28.65 -58.50 -5.23
N LYS P 57 -27.72 -59.33 -5.76
CA LYS P 57 -27.21 -60.51 -5.04
C LYS P 57 -25.67 -60.58 -5.15
N PRO P 58 -24.87 -60.35 -4.07
CA PRO P 58 -23.41 -60.43 -4.22
C PRO P 58 -22.84 -61.83 -4.04
N VAL P 59 -21.79 -62.18 -4.82
CA VAL P 59 -21.12 -63.50 -4.74
C VAL P 59 -19.62 -63.37 -5.05
N ASP P 60 -18.87 -64.41 -4.64
CA ASP P 60 -17.41 -64.52 -4.83
C ASP P 60 -17.00 -65.98 -4.72
N PHE P 61 -15.86 -66.37 -5.33
CA PHE P 61 -15.42 -67.77 -5.30
C PHE P 61 -15.08 -68.29 -3.90
N LYS P 62 -14.80 -67.43 -2.89
CA LYS P 62 -14.59 -67.90 -1.52
C LYS P 62 -15.92 -68.50 -1.02
N LYS P 63 -17.04 -67.81 -1.31
CA LYS P 63 -18.38 -68.26 -0.93
C LYS P 63 -18.76 -69.51 -1.73
N ILE P 64 -18.40 -69.58 -3.04
CA ILE P 64 -18.67 -70.74 -3.89
C ILE P 64 -17.86 -71.94 -3.38
N LYS P 65 -16.61 -71.74 -2.92
CA LYS P 65 -15.79 -72.82 -2.36
C LYS P 65 -16.39 -73.31 -1.04
N GLU P 66 -16.94 -72.39 -0.21
CA GLU P 66 -17.56 -72.72 1.07
C GLU P 66 -18.87 -73.51 0.87
N ARG P 67 -19.59 -73.28 -0.25
CA ARG P 67 -20.84 -73.99 -0.56
C ARG P 67 -20.60 -75.50 -0.74
N ILE P 68 -19.41 -75.90 -1.26
CA ILE P 68 -19.04 -77.32 -1.38
C ILE P 68 -18.77 -77.86 0.04
N ARG P 69 -18.07 -77.09 0.89
CA ARG P 69 -17.77 -77.46 2.28
C ARG P 69 -19.06 -77.62 3.11
N ASN P 70 -20.06 -76.74 2.88
CA ASN P 70 -21.35 -76.81 3.58
C ASN P 70 -22.34 -77.77 2.88
N HIS P 71 -22.02 -78.23 1.65
CA HIS P 71 -22.81 -79.15 0.85
C HIS P 71 -24.16 -78.54 0.42
N LYS P 72 -24.12 -77.27 -0.02
CA LYS P 72 -25.31 -76.54 -0.49
C LYS P 72 -25.67 -76.99 -1.90
N TYR P 73 -24.69 -76.96 -2.83
CA TYR P 73 -24.92 -77.36 -4.23
C TYR P 73 -25.17 -78.85 -4.30
N ARG P 74 -26.33 -79.25 -4.86
CA ARG P 74 -26.72 -80.65 -4.98
C ARG P 74 -26.34 -81.28 -6.33
N SER P 75 -26.18 -80.45 -7.39
CA SER P 75 -25.81 -80.93 -8.73
C SER P 75 -24.94 -79.90 -9.45
N LEU P 76 -24.50 -80.24 -10.69
CA LEU P 76 -23.67 -79.35 -11.51
C LEU P 76 -24.50 -78.12 -11.95
N GLY P 77 -25.80 -78.30 -12.13
CA GLY P 77 -26.72 -77.23 -12.50
C GLY P 77 -26.88 -76.17 -11.43
N ASP P 78 -26.80 -76.56 -10.14
CA ASP P 78 -26.90 -75.63 -9.02
C ASP P 78 -25.62 -74.80 -8.89
N LEU P 79 -24.45 -75.43 -9.07
CA LEU P 79 -23.14 -74.77 -9.01
C LEU P 79 -22.98 -73.86 -10.24
N GLU P 80 -23.44 -74.29 -11.43
CA GLU P 80 -23.39 -73.48 -12.66
C GLU P 80 -24.30 -72.23 -12.53
N LYS P 81 -25.42 -72.34 -11.78
CA LYS P 81 -26.34 -71.22 -11.56
C LYS P 81 -25.63 -70.03 -10.90
N ASP P 82 -24.79 -70.31 -9.88
CA ASP P 82 -24.06 -69.29 -9.13
C ASP P 82 -22.82 -68.74 -9.85
N VAL P 83 -22.13 -69.56 -10.67
CA VAL P 83 -20.96 -69.10 -11.42
C VAL P 83 -21.41 -68.15 -12.55
N MET P 84 -22.54 -68.46 -13.22
CA MET P 84 -23.09 -67.58 -14.27
C MET P 84 -23.67 -66.31 -13.64
N LEU P 85 -24.23 -66.41 -12.41
CA LEU P 85 -24.75 -65.25 -11.68
C LEU P 85 -23.60 -64.35 -11.23
N LEU P 86 -22.43 -64.93 -10.87
CA LEU P 86 -21.24 -64.17 -10.48
C LEU P 86 -20.70 -63.43 -11.70
N CYS P 87 -20.64 -64.11 -12.86
CA CYS P 87 -20.21 -63.50 -14.12
C CYS P 87 -21.20 -62.42 -14.56
N HIS P 88 -22.52 -62.62 -14.31
CA HIS P 88 -23.55 -61.63 -14.64
C HIS P 88 -23.39 -60.37 -13.76
N ASN P 89 -23.04 -60.54 -12.47
CA ASN P 89 -22.82 -59.41 -11.56
C ASN P 89 -21.61 -58.58 -12.02
N ALA P 90 -20.57 -59.23 -12.54
CA ALA P 90 -19.38 -58.55 -13.06
C ALA P 90 -19.74 -57.77 -14.31
N GLN P 91 -20.44 -58.41 -15.27
CA GLN P 91 -20.87 -57.76 -16.51
C GLN P 91 -21.91 -56.64 -16.28
N THR P 92 -22.65 -56.67 -15.16
CA THR P 92 -23.65 -55.64 -14.84
C THR P 92 -22.95 -54.39 -14.29
N PHE P 93 -22.11 -54.54 -13.24
CA PHE P 93 -21.42 -53.42 -12.63
C PHE P 93 -20.33 -52.85 -13.53
N ASN P 94 -19.46 -53.71 -14.08
CA ASN P 94 -18.38 -53.27 -14.96
C ASN P 94 -18.89 -53.02 -16.37
N LEU P 95 -18.36 -51.99 -17.02
CA LEU P 95 -18.77 -51.56 -18.35
C LEU P 95 -18.12 -52.44 -19.43
N GLU P 96 -18.68 -52.43 -20.66
CA GLU P 96 -18.13 -53.23 -21.75
C GLU P 96 -16.78 -52.66 -22.21
N GLY P 97 -15.78 -53.52 -22.36
CA GLY P 97 -14.44 -53.14 -22.77
C GLY P 97 -13.41 -53.09 -21.66
N SER P 98 -13.86 -53.04 -20.38
CA SER P 98 -12.94 -53.01 -19.23
C SER P 98 -12.29 -54.38 -18.99
N GLN P 99 -11.26 -54.42 -18.13
CA GLN P 99 -10.52 -55.64 -17.84
C GLN P 99 -11.38 -56.68 -17.13
N ILE P 100 -12.07 -56.30 -16.05
CA ILE P 100 -12.92 -57.23 -15.28
C ILE P 100 -14.09 -57.75 -16.14
N TYR P 101 -14.63 -56.94 -17.06
CA TYR P 101 -15.70 -57.36 -17.97
C TYR P 101 -15.18 -58.48 -18.89
N GLU P 102 -13.99 -58.29 -19.49
CA GLU P 102 -13.38 -59.28 -20.37
C GLU P 102 -12.86 -60.49 -19.58
N ASP P 103 -12.39 -60.29 -18.33
CA ASP P 103 -11.91 -61.41 -17.49
C ASP P 103 -13.05 -62.37 -17.16
N SER P 104 -14.22 -61.84 -16.76
CA SER P 104 -15.37 -62.68 -16.44
C SER P 104 -15.90 -63.41 -17.69
N ILE P 105 -15.77 -62.79 -18.90
CA ILE P 105 -16.15 -63.43 -20.17
C ILE P 105 -15.22 -64.63 -20.43
N VAL P 106 -13.92 -64.53 -20.11
CA VAL P 106 -12.98 -65.63 -20.28
C VAL P 106 -13.28 -66.74 -19.26
N LEU P 107 -13.52 -66.37 -17.98
CA LEU P 107 -13.82 -67.35 -16.94
C LEU P 107 -15.17 -68.05 -17.16
N GLN P 108 -16.09 -67.42 -17.92
CA GLN P 108 -17.38 -68.02 -18.26
C GLN P 108 -17.14 -69.20 -19.22
N SER P 109 -16.30 -69.03 -20.27
CA SER P 109 -15.96 -70.07 -21.24
C SER P 109 -15.06 -71.18 -20.63
N VAL P 110 -14.11 -70.79 -19.77
CA VAL P 110 -13.19 -71.74 -19.12
C VAL P 110 -13.99 -72.70 -18.24
N PHE P 111 -15.07 -72.20 -17.60
CA PHE P 111 -15.93 -73.04 -16.77
C PHE P 111 -16.82 -73.96 -17.63
N LYS P 112 -17.33 -73.48 -18.79
CA LYS P 112 -18.19 -74.31 -19.66
C LYS P 112 -17.40 -75.51 -20.20
N SER P 113 -16.13 -75.28 -20.61
CA SER P 113 -15.26 -76.35 -21.10
C SER P 113 -14.85 -77.29 -19.96
N ALA P 114 -14.66 -76.75 -18.74
CA ALA P 114 -14.30 -77.55 -17.56
C ALA P 114 -15.47 -78.44 -17.11
N ARG P 115 -16.74 -77.96 -17.23
CA ARG P 115 -17.91 -78.76 -16.85
C ARG P 115 -18.06 -80.00 -17.76
N GLN P 116 -17.72 -79.86 -19.05
CA GLN P 116 -17.77 -80.94 -20.04
C GLN P 116 -16.66 -81.96 -19.85
N LYS P 117 -15.40 -81.48 -19.73
CA LYS P 117 -14.20 -82.34 -19.53
C LYS P 117 -14.40 -83.26 -18.31
N ILE P 118 -14.87 -82.68 -17.19
CA ILE P 118 -15.12 -83.43 -15.95
C ILE P 118 -16.24 -84.47 -16.12
N ALA P 119 -17.32 -84.12 -16.86
CA ALA P 119 -18.46 -85.04 -17.08
C ALA P 119 -18.05 -86.31 -17.83
N LYS P 120 -17.29 -86.17 -18.92
CA LYS P 120 -16.82 -87.29 -19.74
C LYS P 120 -15.37 -87.07 -20.18
C4 A1IYB Q . -8.96 -43.74 -8.92
C5 A1IYB Q . -10.22 -43.14 -9.00
C6 A1IYB Q . -11.33 -43.91 -8.65
C7 A1IYB Q . -11.18 -45.22 -8.24
C8 A1IYB Q . -10.36 -41.73 -9.42
C17 A1IYB Q . -12.05 -40.80 -7.72
C20 A1IYB Q . -16.60 -60.77 -7.24
C21 A1IYB Q . -15.76 -60.44 -6.20
C22 A1IYB Q . -15.08 -59.25 -6.19
C24 A1IYB Q . -16.15 -58.61 -8.28
C1 A1IYB Q . -8.35 -49.07 -5.47
C2 A1IYB Q . -9.93 -45.81 -8.14
C3 A1IYB Q . -8.82 -45.05 -8.50
C9 A1IYB Q . -9.79 -47.27 -7.75
N10 A1IYB Q . -8.52 -47.84 -8.17
C11 A1IYB Q . -10.04 -47.53 -6.26
O12 A1IYB Q . -8.81 -47.71 -5.57
S13 A1IYB Q . -9.44 -41.14 -10.76
C14 A1IYB Q . -10.16 -39.60 -10.51
N15 A1IYB Q . -11.00 -39.50 -9.53
C16 A1IYB Q . -11.12 -40.72 -8.89
C18 A1IYB Q . -8.93 -49.73 -4.24
C19 A1IYB Q . -16.82 -59.85 -8.27
C23 A1IYB Q . -15.28 -58.30 -7.20
C25 A1IYB Q . -16.32 -57.64 -9.38
N26 A1IYB Q . -15.62 -56.44 -9.31
C27 A1IYB Q . -14.84 -56.20 -8.28
N28 A1IYB Q . -14.60 -57.03 -7.21
C29 A1IYB Q . -13.69 -56.40 -6.34
C30 A1IYB Q . -13.08 -56.80 -5.16
C31 A1IYB Q . -12.17 -55.92 -4.54
C32 A1IYB Q . -11.94 -54.62 -5.04
C33 A1IYB Q . -12.56 -54.27 -6.25
C34 A1IYB Q . -13.42 -55.15 -6.88
N35 A1IYB Q . -14.13 -55.03 -8.07
C36 A1IYB Q . -14.10 -53.84 -8.96
C37 A1IYB Q . -15.47 -53.24 -9.29
C38 A1IYB Q . -15.14 -52.29 -10.45
C39 A1IYB Q . -13.72 -52.75 -11.01
C40 A1IYB Q . -13.43 -54.06 -10.30
C41 A1IYB Q . -10.99 -53.57 -4.48
C42 A1IYB Q . -9.90 -53.19 -5.48
C43 A1IYB Q . -8.98 -52.12 -4.91
N44 A1IYB Q . -9.79 -50.90 -4.59
C45 A1IYB Q . -10.78 -51.24 -3.53
C46 A1IYB Q . -11.75 -52.30 -4.03
O47 A1IYB Q . -11.84 -56.22 -3.23
O48 A1IYB Q . -17.07 -57.86 -10.32
BR49 A1IYB Q . -18.02 -60.38 -9.62
C50 A1IYB Q . -10.72 -55.74 -2.50
C51 A1IYB Q . -10.53 -56.64 -1.30
C52 A1IYB Q . -9.17 -56.47 -0.63
C53 A1IYB Q . -8.29 -57.56 -1.23
C54 A1IYB Q . -9.25 -58.52 -1.89
O55 A1IYB Q . -10.58 -58.01 -1.72
C56 A1IYB Q . -5.95 -57.13 -6.77
C57 A1IYB Q . -6.91 -54.95 -6.62
C58 A1IYB Q . -4.16 -56.24 -8.98
C59 A1IYB Q . -3.86 -55.38 -7.80
N60 A1IYB Q . -6.31 -55.93 -7.53
O61 A1IYB Q . -4.72 -53.31 -9.47
C62 A1IYB Q . -5.24 -55.37 -8.40
C63 A1IYB Q . -5.61 -54.11 -9.23
C64 A1IYB Q . -9.27 -54.45 -10.95
C65 A1IYB Q . -8.25 -53.21 -12.83
C66 A1IYB Q . -9.60 -52.01 -11.16
C67 A1IYB Q . -8.58 -53.14 -11.34
N68 A1IYB Q . -6.87 -53.96 -9.66
C69 A1IYB Q . -7.27 -52.86 -10.54
O70 A1IYB Q . -7.73 -51.62 -8.56
C71 A1IYB Q . -7.30 -51.58 -9.71
O72 A1IYB Q . -9.34 -49.12 -9.85
C73 A1IYB Q . -8.40 -48.72 -9.17
O74 A1IYB Q . -4.21 -49.21 -10.94
C75 A1IYB Q . -6.29 -48.12 -10.36
C76 A1IYB Q . -6.97 -49.17 -9.47
N77 A1IYB Q . -6.90 -50.41 -10.26
C78 A1IYB Q . -6.37 -50.17 -11.61
C79 A1IYB Q . -5.52 -48.90 -11.42
H83 A1IYB Q . -8.07 -43.17 -9.18
H84 A1IYB Q . -12.32 -43.46 -8.71
H85 A1IYB Q . -12.08 -45.79 -7.99
H91 A1IYB Q . -12.27 -39.81 -7.33
H92 A1IYB Q . -11.62 -41.39 -6.91
H93 A1IYB Q . -13.00 -41.26 -8.00
H96 A1IYB Q . -17.11 -61.73 -7.26
H97 A1IYB Q . -15.59 -61.16 -5.40
H98 A1IYB Q . -14.45 -59.05 -5.32
H80 A1IYB Q . -7.26 -49.10 -5.43
H81 A1IYB Q . -8.61 -49.63 -6.36
H82 A1IYB Q . -7.81 -45.46 -8.46
H86 A1IYB Q . -10.59 -47.81 -8.24
H87 A1IYB Q . -7.69 -47.54 -7.66
H88 A1IYB Q . -10.68 -48.41 -6.17
H89 A1IYB Q . -10.59 -46.71 -5.80
H90 A1IYB Q . -9.91 -38.75 -11.15
H94 A1IYB Q . -9.50 -48.99 -3.66
H95 A1IYB Q . -8.14 -50.04 -3.57
H99 A1IYB Q . -13.34 -57.74 -4.67
H100 A1IYB Q . -12.37 -53.31 -6.70
H101 A1IYB Q . -13.53 -53.07 -8.43
H103 A1IYB Q . -16.23 -53.96 -9.56
H102 A1IYB Q . -15.87 -52.72 -8.43
H104 A1IYB Q . -15.15 -51.25 -10.12
H105 A1IYB Q . -15.92 -52.34 -11.20
H106 A1IYB Q . -12.95 -52.01 -10.77
H107 A1IYB Q . -13.67 -52.82 -12.09
H108 A1IYB Q . -13.84 -54.90 -10.86
H109 A1IYB Q . -12.37 -54.27 -10.21
H110 A1IYB Q . -10.42 -53.88 -3.62
H111 A1IYB Q . -10.28 -52.86 -6.45
H112 A1IYB Q . -9.33 -54.09 -5.71
H113 A1IYB Q . -8.19 -51.89 -5.64
H114 A1IYB Q . -8.46 -52.47 -4.02
H117 A1IYB Q . -10.27 -51.57 -2.62
H116 A1IYB Q . -11.32 -50.33 -3.24
H118 A1IYB Q . -12.49 -52.53 -3.28
H119 A1IYB Q . -12.31 -51.88 -4.86
H120 A1IYB Q . -10.90 -54.75 -2.10
H121 A1IYB Q . -9.80 -55.75 -3.09
H122 A1IYB Q . -11.34 -56.47 -0.59
H123 A1IYB Q . -9.23 -56.55 0.45
H124 A1IYB Q . -8.76 -55.48 -0.81
H126 A1IYB Q . -7.56 -57.18 -1.92
H125 A1IYB Q . -7.71 -58.06 -0.46
H128 A1IYB Q . -9.05 -58.66 -2.94
H127 A1IYB Q . -9.28 -59.51 -1.45
H129 A1IYB Q . -5.27 -57.85 -7.20
H130 A1IYB Q . -6.86 -57.66 -6.55
H131 A1IYB Q . -5.52 -56.85 -5.81
H134 A1IYB Q . -7.41 -55.34 -5.74
H132 A1IYB Q . -7.63 -54.31 -7.13
H133 A1IYB Q . -6.12 -54.30 -6.26
H136 A1IYB Q . -3.74 -55.98 -9.95
H135 A1IYB Q . -4.16 -57.33 -8.91
H138 A1IYB Q . -3.68 -55.83 -6.82
H137 A1IYB Q . -3.19 -54.53 -7.89
H140 A1IYB Q . -8.64 -55.32 -11.14
H141 A1IYB Q . -10.17 -54.60 -11.54
H139 A1IYB Q . -9.57 -54.49 -9.90
H144 A1IYB Q . -7.45 -53.92 -13.06
H142 A1IYB Q . -7.92 -52.23 -13.19
H143 A1IYB Q . -9.11 -53.50 -13.43
H146 A1IYB Q . -9.90 -51.86 -10.13
H147 A1IYB Q . -10.54 -52.22 -11.67
H145 A1IYB Q . -9.26 -51.05 -11.54
H148 A1IYB Q . -7.59 -54.60 -9.34
H149 A1IYB Q . -6.48 -52.80 -11.30
H150 A1IYB Q . -4.30 -49.73 -10.10
H151 A1IYB Q . -5.60 -47.49 -9.79
H152 A1IYB Q . -7.01 -47.42 -10.81
H153 A1IYB Q . -6.43 -49.32 -8.54
H155 A1IYB Q . -5.73 -50.96 -11.97
H154 A1IYB Q . -7.16 -50.05 -12.34
H156 A1IYB Q . -5.44 -48.34 -12.34
H115 A1IYB Q . -10.33 -50.67 -5.43
C4 A1IYB R . 15.13 24.66 1.28
C5 A1IYB R . 15.88 25.24 2.30
C6 A1IYB R . 17.22 25.53 2.07
C7 A1IYB R . 17.79 25.24 0.84
C8 A1IYB R . 15.24 25.59 3.60
C17 A1IYB R . 16.17 27.92 4.08
C20 A1IYB R . 31.50 21.80 -7.73
C21 A1IYB R . 30.53 22.55 -8.38
C22 A1IYB R . 29.28 22.73 -7.82
C24 A1IYB R . 29.95 21.40 -5.90
C1 A1IYB R . 17.58 25.06 -4.66
C2 A1IYB R . 17.06 24.67 -0.18
C3 A1IYB R . 15.72 24.38 0.06
C9 A1IYB R . 17.72 24.33 -1.51
N10 A1IYB R . 16.99 23.32 -2.26
C11 A1IYB R . 18.01 25.58 -2.33
O12 A1IYB R . 17.12 25.66 -3.44
S13 A1IYB R . 14.17 24.45 4.36
C14 A1IYB R . 13.96 25.57 5.64
N15 A1IYB R . 14.61 26.68 5.54
C16 A1IYB R . 15.35 26.70 4.37
C18 A1IYB R . 18.55 25.96 -5.36
C19 A1IYB R . 31.21 21.24 -6.50
C23 A1IYB R . 28.98 22.17 -6.58
C25 A1IYB R . 29.62 20.81 -4.58
N26 A1IYB R . 28.35 21.03 -4.07
C27 A1IYB R . 27.48 21.75 -4.73
N28 A1IYB R . 27.69 22.34 -5.96
C29 A1IYB R . 26.51 23.02 -6.33
C30 A1IYB R . 26.20 23.83 -7.42
C31 A1IYB R . 24.92 24.40 -7.48
C32 A1IYB R . 23.93 24.09 -6.53
C33 A1IYB R . 24.32 23.37 -5.40
C34 A1IYB R . 25.58 22.82 -5.32
N35 A1IYB R . 26.18 22.00 -4.35
C36 A1IYB R . 25.63 21.55 -3.03
C37 A1IYB R . 24.20 20.99 -3.08
C38 A1IYB R . 23.40 21.78 -2.07
C39 A1IYB R . 24.15 23.01 -1.78
C40 A1IYB R . 25.60 22.65 -1.97
C41 A1IYB R . 22.52 24.67 -6.54
C42 A1IYB R . 21.42 23.64 -6.31
C43 A1IYB R . 20.05 24.29 -6.42
N44 A1IYB R . 19.93 25.38 -5.40
C45 A1IYB R . 20.97 26.43 -5.64
C46 A1IYB R . 22.36 25.81 -5.54
O47 A1IYB R . 24.51 24.77 -8.74
O48 A1IYB R . 30.43 20.13 -3.95
BR49 A1IYB R . 32.61 20.23 -5.69
C50 A1IYB R . 23.72 25.92 -9.08
C51 A1IYB R . 24.65 27.02 -9.53
C52 A1IYB R . 24.08 28.39 -9.22
C53 A1IYB R . 24.65 29.28 -10.30
C54 A1IYB R . 25.00 28.32 -11.42
O55 A1IYB R . 24.78 26.99 -10.95
C56 A1IYB R . 19.73 18.84 -11.13
C57 A1IYB R . 20.06 20.67 -9.64
C58 A1IYB R . 17.05 19.06 -9.87
C59 A1IYB R . 17.58 17.72 -9.44
N60 A1IYB R . 19.64 19.27 -9.73
O61 A1IYB R . 18.18 20.64 -7.41
C62 A1IYB R . 18.33 18.98 -9.07
C63 A1IYB R . 18.24 19.43 -7.59
C64 A1IYB R . 20.57 17.22 -5.49
C65 A1IYB R . 20.89 19.68 -5.41
C66 A1IYB R . 20.26 18.43 -3.34
C67 A1IYB R . 20.06 18.52 -4.86
N68 A1IYB R . 18.25 18.52 -6.59
C69 A1IYB R . 18.54 18.67 -5.17
O70 A1IYB R . 18.26 21.03 -5.04
C71 A1IYB R . 17.90 19.95 -4.62
O72 A1IYB R . 18.55 21.68 -2.10
C73 A1IYB R . 17.43 22.06 -2.43
O74 A1IYB R . 14.08 19.02 -3.14
C75 A1IYB R . 15.49 20.59 -1.94
C76 A1IYB R . 16.43 21.09 -3.05
N77 A1IYB R . 17.01 19.86 -3.61
C78 A1IYB R . 16.49 18.65 -2.96
C79 A1IYB R . 15.21 19.14 -2.28
H83 A1IYB R . 14.08 24.43 1.42
H84 A1IYB R . 17.82 25.98 2.86
H85 A1IYB R . 18.85 25.47 0.70
H91 A1IYB R . 15.90 28.74 4.74
H92 A1IYB R . 16.03 28.26 3.06
H93 A1IYB R . 17.23 27.74 4.23
H96 A1IYB R . 32.47 21.64 -8.18
H97 A1IYB R . 30.74 22.97 -9.35
H98 A1IYB R . 28.58 23.33 -8.40
H80 A1IYB R . 16.72 24.85 -5.30
H81 A1IYB R . 18.02 24.09 -4.44
H82 A1IYB R . 15.09 23.93 -0.70
H86 A1IYB R . 18.71 23.95 -1.27
H87 A1IYB R . 16.12 23.62 -2.69
H88 A1IYB R . 19.05 25.55 -2.64
H89 A1IYB R . 17.91 26.49 -1.74
H90 A1IYB R . 13.31 25.33 6.48
H94 A1IYB R . 18.57 26.94 -4.86
H95 A1IYB R . 18.21 26.20 -6.36
H99 A1IYB R . 26.86 23.91 -8.27
H100 A1IYB R . 23.61 23.24 -4.57
H101 A1IYB R . 26.28 20.76 -2.67
H103 A1IYB R . 23.75 20.99 -4.08
H102 A1IYB R . 24.21 19.94 -2.80
H104 A1IYB R . 23.21 21.17 -1.17
H105 A1IYB R . 22.41 22.00 -2.45
H106 A1IYB R . 23.95 23.35 -0.77
H107 A1IYB R . 23.84 23.84 -2.41
H108 A1IYB R . 26.18 23.53 -2.23
H109 A1IYB R . 26.07 22.29 -1.04
H110 A1IYB R . 22.24 25.05 -7.53
H111 A1IYB R . 21.53 23.11 -5.36
H112 A1IYB R . 21.50 22.85 -7.05
H113 A1IYB R . 19.28 23.53 -6.29
H114 A1IYB R . 19.90 24.69 -7.42
H117 A1IYB R . 20.83 26.89 -6.63
H116 A1IYB R . 20.87 27.25 -4.94
H118 A1IYB R . 23.15 26.56 -5.65
H119 A1IYB R . 22.50 25.43 -4.53
H120 A1IYB R . 23.17 26.32 -8.23
H121 A1IYB R . 23.01 25.68 -9.87
H122 A1IYB R . 25.64 26.87 -9.10
H123 A1IYB R . 24.36 28.74 -8.23
H124 A1IYB R . 23.00 28.40 -9.21
H126 A1IYB R . 23.95 30.04 -10.62
H125 A1IYB R . 25.52 29.84 -9.94
H128 A1IYB R . 24.43 28.49 -12.33
H127 A1IYB R . 26.05 28.35 -11.70
H129 A1IYB R . 19.48 17.82 -11.39
H130 A1IYB R . 20.76 18.99 -11.46
H131 A1IYB R . 19.13 19.48 -11.77
H134 A1IYB R . 20.80 21.02 -10.36
H132 A1IYB R . 20.48 20.88 -8.65
H133 A1IYB R . 19.20 21.33 -9.76
H136 A1IYB R . 17.05 19.35 -10.92
H135 A1IYB R . 16.14 19.42 -9.40
H138 A1IYB R . 17.02 17.17 -8.69
H137 A1IYB R . 17.96 17.01 -10.16
H140 A1IYB R . 21.57 16.98 -5.14
H141 A1IYB R . 20.63 17.27 -6.56
H139 A1IYB R . 19.95 16.36 -5.22
H144 A1IYB R . 21.95 19.47 -5.35
H142 A1IYB R . 20.74 20.61 -4.86
H143 A1IYB R . 20.68 19.89 -6.45
H146 A1IYB R . 21.30 18.19 -3.10
H147 A1IYB R . 19.67 17.66 -2.86
H145 A1IYB R . 20.06 19.37 -2.83
H148 A1IYB R . 18.02 17.56 -6.82
H149 A1IYB R . 18.12 17.78 -4.69
H150 A1IYB R . 13.36 18.61 -2.58
H151 A1IYB R . 14.56 21.16 -1.93
H152 A1IYB R . 15.90 20.72 -0.94
H153 A1IYB R . 15.88 21.60 -3.84
H155 A1IYB R . 16.24 17.88 -3.68
H154 A1IYB R . 17.21 18.21 -2.28
H156 A1IYB R . 15.01 18.56 -1.37
H115 A1IYB R . 20.15 24.96 -4.51
C4 A1IYB S . -19.32 22.60 1.18
C5 A1IYB S . -18.03 23.13 1.17
C6 A1IYB S . -17.14 22.68 0.19
C7 A1IYB S . -17.55 21.74 -0.75
C8 A1IYB S . -17.59 24.08 2.21
C17 A1IYB S . -18.30 22.91 4.37
C20 A1IYB S . -31.63 15.18 -8.81
C21 A1IYB S . -30.50 14.39 -8.73
C22 A1IYB S . -29.35 14.87 -8.14
C24 A1IYB S . -30.47 16.96 -7.64
C1 A1IYB S . -19.04 16.55 -1.86
C2 A1IYB S . -18.84 21.25 -0.76
C3 A1IYB S . -19.72 21.68 0.23
C9 A1IYB S . -19.27 20.20 -1.76
N10 A1IYB S . -18.47 20.21 -2.98
C11 A1IYB S . -19.24 18.84 -1.09
O12 A1IYB S . -19.56 17.86 -2.08
S13 A1IYB S . -16.77 25.53 1.75
C14 A1IYB S . -16.63 25.93 3.42
N15 A1IYB S . -17.13 25.08 4.26
C16 A1IYB S . -17.68 24.00 3.58
C18 A1IYB S . -19.06 15.87 -3.20
C19 A1IYB S . -31.63 16.45 -8.27
C23 A1IYB S . -29.32 16.15 -7.57
C25 A1IYB S . -30.45 18.32 -7.06
N26 A1IYB S . -29.27 18.74 -6.46
C27 A1IYB S . -28.23 17.95 -6.42
N28 A1IYB S . -28.14 16.67 -6.92
C29 A1IYB S . -26.86 16.16 -6.67
C30 A1IYB S . -26.24 14.95 -6.96
C31 A1IYB S . -24.91 14.77 -6.57
C32 A1IYB S . -24.19 15.79 -5.93
C33 A1IYB S . -24.84 16.98 -5.60
C34 A1IYB S . -26.15 17.16 -6.00
N35 A1IYB S . -27.02 18.25 -5.82
C36 A1IYB S . -26.72 19.57 -5.23
C37 A1IYB S . -26.28 19.53 -3.75
C38 A1IYB S . -25.57 20.84 -3.54
C39 A1IYB S . -24.96 21.22 -4.88
C40 A1IYB S . -25.61 20.35 -5.95
C41 A1IYB S . -22.77 15.52 -5.46
C42 A1IYB S . -21.80 16.67 -5.72
C43 A1IYB S . -20.40 16.29 -5.27
N44 A1IYB S . -20.43 16.01 -3.81
C45 A1IYB S . -21.29 14.82 -3.55
C46 A1IYB S . -22.72 15.12 -3.97
O47 A1IYB S . -24.22 13.59 -6.71
O48 A1IYB S . -31.43 19.06 -7.09
BR49 A1IYB S . -33.22 17.46 -8.43
C50 A1IYB S . -24.70 12.49 -7.50
C51 A1IYB S . -24.23 12.72 -8.91
C52 A1IYB S . -24.76 11.70 -9.91
C53 A1IYB S . -23.55 11.26 -10.74
C54 A1IYB S . -22.41 12.09 -10.22
O55 A1IYB S . -22.81 12.60 -8.95
C56 A1IYB S . -19.29 14.95 -9.63
C57 A1IYB S . -21.08 16.00 -10.87
C58 A1IYB S . -18.57 17.87 -11.76
C59 A1IYB S . -17.54 17.37 -10.81
N60 A1IYB S . -19.63 15.95 -10.65
O61 A1IYB S . -20.10 17.71 -8.42
C62 A1IYB S . -19.00 17.27 -10.45
C63 A1IYB S . -19.51 18.24 -9.34
C64 A1IYB S . -21.57 21.35 -10.04
C65 A1IYB S . -22.14 19.81 -8.19
C66 A1IYB S . -21.52 22.16 -7.70
C67 A1IYB S . -21.22 20.96 -8.60
N68 A1IYB S . -19.28 19.57 -9.40
C69 A1IYB S . -19.70 20.64 -8.51
O70 A1IYB S . -19.66 19.43 -6.45
C71 A1IYB S . -19.19 20.35 -7.09
O72 A1IYB S . -19.84 21.56 -4.19
C73 A1IYB S . -18.80 20.92 -4.08
O74 A1IYB S . -15.30 21.53 -6.82
C75 A1IYB S . -16.76 22.07 -4.96
C76 A1IYB S . -17.74 20.92 -5.20
N77 A1IYB S . -18.26 21.17 -6.55
C78 A1IYB S . -17.57 22.31 -7.19
C79 A1IYB S . -16.31 22.45 -6.36
H83 A1IYB S . -20.03 22.92 1.95
H84 A1IYB S . -16.13 23.07 0.19
H85 A1IYB S . -16.82 21.43 -1.49
H91 A1IYB S . -17.83 22.81 5.35
H92 A1IYB S . -18.22 21.95 3.87
H93 A1IYB S . -19.36 23.09 4.56
H96 A1IYB S . -32.53 14.80 -9.30
H97 A1IYB S . -30.51 13.39 -9.15
H98 A1IYB S . -28.50 14.20 -8.10
H80 A1IYB S . -19.65 16.02 -1.14
H81 A1IYB S . -18.04 16.59 -1.46
H82 A1IYB S . -20.74 21.29 0.27
H86 A1IYB S . -20.32 20.37 -2.03
H87 A1IYB S . -17.63 19.65 -2.96
H88 A1IYB S . -19.97 18.82 -0.28
H89 A1IYB S . -18.27 18.64 -0.64
H90 A1IYB S . -16.15 26.86 3.74
H94 A1IYB S . -18.80 14.82 -3.09
H95 A1IYB S . -18.29 16.26 -3.85
H99 A1IYB S . -26.79 14.19 -7.50
H100 A1IYB S . -24.31 17.78 -5.08
H101 A1IYB S . -27.63 20.17 -5.28
H103 A1IYB S . -27.12 19.40 -3.07
H102 A1IYB S . -25.63 18.68 -3.55
H104 A1IYB S . -24.84 20.79 -2.74
H105 A1IYB S . -26.27 21.61 -3.21
H106 A1IYB S . -23.87 21.08 -4.87
H107 A1IYB S . -25.06 22.28 -5.10
H108 A1IYB S . -26.00 20.97 -6.76
H109 A1IYB S . -24.90 19.69 -6.44
H110 A1IYB S . -22.34 14.68 -6.00
H111 A1IYB S . -22.12 17.60 -5.24
H112 A1IYB S . -21.81 16.90 -6.78
H113 A1IYB S . -19.69 17.09 -5.50
H114 A1IYB S . -20.04 15.42 -5.83
H117 A1IYB S . -20.92 13.94 -4.08
H116 A1IYB S . -21.24 14.54 -2.49
H118 A1IYB S . -23.38 14.29 -3.75
H119 A1IYB S . -23.10 15.94 -3.36
H120 A1IYB S . -25.77 12.35 -7.42
H121 A1IYB S . -24.24 11.57 -7.13
H122 A1IYB S . -24.50 13.73 -9.23
H123 A1IYB S . -25.54 12.10 -10.55
H124 A1IYB S . -25.22 10.85 -9.41
H126 A1IYB S . -23.36 10.19 -10.67
H125 A1IYB S . -23.72 11.43 -11.80
H128 A1IYB S . -21.49 11.51 -10.11
H127 A1IYB S . -22.17 12.95 -10.83
H129 A1IYB S . -18.24 14.86 -9.38
H130 A1IYB S . -19.63 13.97 -9.99
H131 A1IYB S . -19.82 15.14 -8.70
H134 A1IYB S . -21.54 15.13 -11.34
H132 A1IYB S . -21.36 16.85 -11.48
H133 A1IYB S . -21.58 16.14 -9.91
H136 A1IYB S . -18.72 18.93 -11.96
H135 A1IYB S . -18.74 17.33 -12.69
H138 A1IYB S . -16.98 16.46 -11.01
H137 A1IYB S . -16.89 18.06 -10.26
H140 A1IYB S . -22.60 21.67 -10.13
H141 A1IYB S . -21.46 20.51 -10.73
H139 A1IYB S . -20.97 22.18 -10.40
H144 A1IYB S . -23.16 20.17 -8.03
H142 A1IYB S . -21.88 19.31 -7.25
H143 A1IYB S . -22.21 19.05 -8.95
H146 A1IYB S . -22.50 22.60 -7.92
H147 A1IYB S . -20.83 22.98 -7.84
H145 A1IYB S . -21.54 21.92 -6.64
H148 A1IYB S . -18.68 19.93 -10.13
H149 A1IYB S . -19.25 21.55 -8.90
H150 A1IYB S . -14.84 21.98 -7.57
H151 A1IYB S . -15.90 21.76 -4.36
H152 A1IYB S . -17.21 22.90 -4.43
H153 A1IYB S . -17.23 19.95 -5.21
H155 A1IYB S . -17.30 22.11 -8.23
H154 A1IYB S . -18.20 23.19 -7.19
H156 A1IYB S . -15.91 23.46 -6.39
H115 A1IYB S . -20.88 16.80 -3.39
C4 A1IYB T . 19.62 -28.54 -6.62
C5 A1IYB T . 19.80 -27.16 -6.70
C6 A1IYB T . 21.08 -26.68 -6.98
C7 A1IYB T . 22.14 -27.55 -7.16
C8 A1IYB T . 18.66 -26.23 -6.55
C17 A1IYB T . 18.88 -24.74 -8.62
C20 A1IYB T . 38.13 -31.05 -6.16
C21 A1IYB T . 37.44 -31.76 -7.11
C22 A1IYB T . 36.05 -31.68 -7.19
C24 A1IYB T . 36.04 -30.15 -5.31
C1 A1IYB T . 24.22 -31.54 -10.33
C2 A1IYB T . 21.97 -28.92 -7.04
C3 A1IYB T . 20.68 -29.40 -6.81
C9 A1IYB T . 23.13 -29.85 -7.31
N10 A1IYB T . 22.90 -31.20 -6.78
C11 A1IYB T . 23.38 -29.88 -8.81
O12 A1IYB T . 24.35 -30.89 -9.07
S13 A1IYB T . 17.60 -26.40 -5.19
C14 A1IYB T . 16.68 -25.08 -5.80
N15 A1IYB T . 17.11 -24.56 -6.90
C16 A1IYB T . 18.24 -25.20 -7.35
C18 A1IYB T . 25.07 -32.79 -10.25
C19 A1IYB T . 37.44 -30.25 -5.26
C23 A1IYB T . 35.35 -30.89 -6.30
C25 A1IYB T . 35.29 -29.30 -4.36
N26 A1IYB T . 33.91 -29.26 -4.48
C27 A1IYB T . 33.31 -29.96 -5.40
N28 A1IYB T . 33.91 -30.78 -6.34
C29 A1IYB T . 32.90 -31.34 -7.15
C30 A1IYB T . 32.95 -32.23 -8.22
C31 A1IYB T . 31.75 -32.59 -8.82
C32 A1IYB T . 30.52 -32.13 -8.35
C33 A1IYB T . 30.50 -31.22 -7.29
C34 A1IYB T . 31.69 -30.85 -6.70
N35 A1IYB T . 31.95 -30.02 -5.60
C36 A1IYB T . 30.96 -29.23 -4.81
C37 A1IYB T . 30.24 -28.15 -5.62
C38 A1IYB T . 28.92 -27.99 -4.92
C39 A1IYB T . 28.54 -29.37 -4.53
C40 A1IYB T . 29.85 -30.07 -4.17
C41 A1IYB T . 29.23 -32.54 -9.05
C42 A1IYB T . 28.58 -31.38 -9.82
C43 A1IYB T . 27.36 -31.88 -10.57
N44 A1IYB T . 26.38 -32.46 -9.59
C45 A1IYB T . 26.99 -33.63 -8.89
C46 A1IYB T . 28.20 -33.15 -8.09
O47 A1IYB T . 31.66 -33.46 -9.89
O48 A1IYB T . 35.85 -28.65 -3.48
BR49 A1IYB T . 38.48 -29.31 -3.98
C50 A1IYB T . 32.81 -34.02 -10.52
C51 A1IYB T . 32.33 -34.62 -11.81
C52 A1IYB T . 33.46 -35.10 -12.70
C53 A1IYB T . 33.02 -34.73 -14.10
C54 A1IYB T . 32.26 -33.46 -13.86
O55 A1IYB T . 31.65 -33.61 -12.57
C56 A1IYB T . 29.86 -37.73 -5.40
C57 A1IYB T . 28.64 -37.55 -7.47
C58 A1IYB T . 26.65 -39.16 -6.03
C59 A1IYB T . 27.56 -39.43 -4.88
N60 A1IYB T . 28.57 -37.39 -6.03
O61 A1IYB T . 25.68 -37.58 -3.81
C62 A1IYB T . 27.39 -38.02 -5.38
C63 A1IYB T . 26.55 -37.08 -4.50
C64 A1IYB T . 28.10 -33.21 -3.78
C65 A1IYB T . 26.29 -32.81 -2.13
C66 A1IYB T . 27.79 -34.78 -1.88
C67 A1IYB T . 27.05 -33.90 -2.89
N68 A1IYB T . 26.77 -35.75 -4.55
C69 A1IYB T . 26.07 -34.78 -3.72
O70 A1IYB T . 25.57 -33.59 -5.72
C71 A1IYB T . 25.14 -33.99 -4.65
O72 A1IYB T . 24.19 -31.00 -4.93
C73 A1IYB T . 23.42 -31.65 -5.63
O74 A1IYB T . 21.31 -35.33 -4.16
C75 A1IYB T . 21.65 -32.94 -4.41
C76 A1IYB T . 22.96 -33.04 -5.20
N77 A1IYB T . 23.86 -33.76 -4.28
C78 A1IYB T . 23.16 -34.19 -3.06
C79 A1IYB T . 21.69 -34.13 -3.46
H83 A1IYB T . 18.64 -28.96 -6.41
H84 A1IYB T . 21.24 -25.60 -7.06
H85 A1IYB T . 23.13 -27.14 -7.38
H91 A1IYB T . 18.23 -24.03 -9.15
H92 A1IYB T . 19.07 -25.58 -9.29
H93 A1IYB T . 19.82 -24.24 -8.43
H96 A1IYB T . 39.22 -31.11 -6.10
H97 A1IYB T . 37.98 -32.38 -7.82
H98 A1IYB T . 35.58 -32.28 -7.97
H80 A1IYB T . 24.53 -30.89 -11.13
H81 A1IYB T . 23.19 -31.79 -10.52
H82 A1IYB T . 20.50 -30.47 -6.73
H86 A1IYB T . 24.03 -29.45 -6.86
H87 A1IYB T . 22.33 -31.81 -7.35
H88 A1IYB T . 23.76 -28.91 -9.12
H89 A1IYB T . 22.47 -30.05 -9.37
H90 A1IYB T . 15.80 -24.73 -5.27
H94 A1IYB T . 25.24 -33.19 -11.25
H95 A1IYB T . 24.55 -33.58 -9.72
H99 A1IYB T . 33.91 -32.62 -8.57
H100 A1IYB T . 29.55 -30.82 -6.92
H101 A1IYB T . 31.51 -28.75 -4.00
H103 A1IYB T . 30.79 -27.21 -5.67
H102 A1IYB T . 30.11 -28.45 -6.66
H104 A1IYB T . 28.17 -27.51 -5.54
H105 A1IYB T . 29.02 -27.35 -4.04
H106 A1IYB T . 28.03 -29.89 -5.33
H107 A1IYB T . 27.83 -29.41 -3.71
H108 A1IYB T . 29.95 -30.15 -3.09
H109 A1IYB T . 29.89 -31.10 -4.52
H110 A1IYB T . 29.42 -33.30 -9.79
H111 A1IYB T . 29.29 -30.90 -10.48
H112 A1IYB T . 28.28 -30.60 -9.12
H113 A1IYB T . 27.65 -32.63 -11.31
H114 A1IYB T . 26.90 -31.08 -11.15
H117 A1IYB T . 26.27 -34.10 -8.22
H116 A1IYB T . 27.26 -34.41 -9.60
H118 A1IYB T . 27.91 -32.47 -7.30
H119 A1IYB T . 28.64 -34.01 -7.58
H120 A1IYB T . 33.28 -34.77 -9.88
H121 A1IYB T . 33.55 -33.24 -10.73
H122 A1IYB T . 31.63 -35.42 -11.61
H123 A1IYB T . 33.66 -36.16 -12.62
H124 A1IYB T . 34.40 -34.62 -12.44
H126 A1IYB T . 33.84 -34.59 -14.79
H125 A1IYB T . 32.41 -35.50 -14.56
H128 A1IYB T . 32.88 -32.58 -13.89
H127 A1IYB T . 31.44 -33.30 -14.55
H129 A1IYB T . 29.88 -37.79 -4.32
H130 A1IYB T . 30.58 -36.97 -5.69
H131 A1IYB T . 30.24 -38.67 -5.78
H134 A1IYB T . 29.38 -36.93 -8.00
H132 A1IYB T . 27.69 -37.36 -7.96
H133 A1IYB T . 28.91 -38.58 -7.71
H136 A1IYB T . 26.91 -39.52 -7.02
H135 A1IYB T . 25.58 -39.26 -5.90
H138 A1IYB T . 27.16 -39.72 -3.91
H137 A1IYB T . 28.49 -39.99 -5.03
H140 A1IYB T . 28.73 -32.57 -3.18
H141 A1IYB T . 27.66 -32.57 -4.55
H139 A1IYB T . 28.78 -33.92 -4.26
H144 A1IYB T . 26.93 -32.31 -1.39
H142 A1IYB T . 25.45 -33.21 -1.57
H143 A1IYB T . 25.92 -32.03 -2.78
H146 A1IYB T . 28.45 -34.19 -1.24
H147 A1IYB T . 28.43 -35.53 -2.34
H145 A1IYB T . 27.11 -35.30 -1.21
H148 A1IYB T . 27.39 -35.36 -5.24
H149 A1IYB T . 25.50 -35.31 -2.95
H150 A1IYB T . 21.22 -36.04 -3.47
H151 A1IYB T . 20.77 -33.01 -5.06
H152 A1IYB T . 21.55 -32.00 -3.88
H153 A1IYB T . 22.84 -33.66 -6.09
H155 A1IYB T . 23.41 -35.21 -2.76
H154 A1IYB T . 23.38 -33.55 -2.21
H156 A1IYB T . 21.04 -33.99 -2.61
H115 A1IYB T . 26.21 -31.74 -8.89
#